data_1PBA
#
_entry.id   1PBA
#
_cell.length_a   1.000
_cell.length_b   1.000
_cell.length_c   1.000
_cell.angle_alpha   90.00
_cell.angle_beta   90.00
_cell.angle_gamma   90.00
#
_symmetry.space_group_name_H-M   'P 1'
#
_entity_poly.entity_id   1
_entity_poly.type   'polypeptide(L)'
_entity_poly.pdbx_seq_one_letter_code
;HHSGEHFEGEKVFRVNVEDENDISELHELASTRQIDFWKPDSVTQIKPHSTVDFRVKAEDILAVEDFLEQNELQYEVLIN
N
;
_entity_poly.pdbx_strand_id   A
#
# COMPACT_ATOMS: atom_id res chain seq x y z
N HIS A 1 6.17 2.83 19.72
CA HIS A 1 5.12 1.84 20.08
C HIS A 1 5.42 0.56 19.33
N HIS A 2 4.51 -0.37 19.36
CA HIS A 2 4.75 -1.66 18.63
C HIS A 2 3.78 -1.71 17.45
N SER A 3 3.84 -2.77 16.69
CA SER A 3 2.93 -2.92 15.53
C SER A 3 2.54 -4.39 15.38
N GLY A 4 1.47 -4.77 16.02
CA GLY A 4 1.02 -6.20 15.93
C GLY A 4 1.15 -6.80 17.32
N GLU A 5 0.61 -6.08 18.26
CA GLU A 5 0.67 -6.48 19.69
C GLU A 5 -0.75 -6.70 20.22
N HIS A 6 -1.50 -7.50 19.48
CA HIS A 6 -2.93 -7.84 19.82
C HIS A 6 -3.86 -7.00 18.93
N PHE A 7 -3.33 -6.63 17.79
CA PHE A 7 -4.13 -5.83 16.81
C PHE A 7 -4.17 -6.61 15.50
N GLU A 8 -5.06 -6.24 14.63
CA GLU A 8 -5.17 -6.93 13.33
C GLU A 8 -4.52 -6.02 12.28
N GLY A 9 -5.02 -6.05 11.09
CA GLY A 9 -4.48 -5.17 10.02
C GLY A 9 -5.46 -4.02 9.86
N GLU A 10 -6.71 -4.39 10.01
CA GLU A 10 -7.90 -3.49 9.91
C GLU A 10 -7.67 -2.16 9.16
N LYS A 11 -7.20 -2.23 7.92
CA LYS A 11 -6.97 -0.97 7.16
C LYS A 11 -7.10 -1.24 5.67
N VAL A 12 -7.27 -0.19 4.93
CA VAL A 12 -7.41 -0.28 3.49
C VAL A 12 -6.31 0.53 2.81
N PHE A 13 -5.08 0.09 2.97
CA PHE A 13 -3.91 0.80 2.34
C PHE A 13 -4.11 1.10 0.85
N ARG A 14 -4.74 2.20 0.56
CA ARG A 14 -4.95 2.58 -0.86
C ARG A 14 -3.68 3.31 -1.31
N VAL A 15 -3.46 3.40 -2.61
CA VAL A 15 -2.23 4.11 -3.10
C VAL A 15 -2.60 5.21 -4.10
N ASN A 16 -1.83 6.26 -4.08
CA ASN A 16 -2.07 7.41 -4.98
C ASN A 16 -0.74 7.83 -5.63
N VAL A 17 -0.38 7.24 -6.72
CA VAL A 17 0.93 7.59 -7.34
C VAL A 17 0.81 8.96 -8.01
N GLU A 18 1.86 9.74 -7.88
CA GLU A 18 1.85 11.10 -8.51
C GLU A 18 2.54 11.02 -9.86
N ASP A 19 3.73 10.50 -9.85
CA ASP A 19 4.47 10.37 -11.13
C ASP A 19 5.37 9.13 -11.07
N GLU A 20 6.39 9.14 -11.86
CA GLU A 20 7.29 7.99 -11.90
C GLU A 20 8.04 7.83 -10.57
N ASN A 21 8.35 8.92 -9.91
CA ASN A 21 9.07 8.80 -8.58
C ASN A 21 8.36 7.79 -7.69
N ASP A 22 7.14 8.13 -7.33
CA ASP A 22 6.32 7.25 -6.43
C ASP A 22 6.35 5.79 -6.94
N ILE A 23 6.09 5.63 -8.22
CA ILE A 23 6.11 4.26 -8.80
C ILE A 23 7.41 3.56 -8.46
N SER A 24 8.47 4.18 -8.91
CA SER A 24 9.84 3.63 -8.70
C SER A 24 10.07 3.05 -7.32
N GLU A 25 9.30 3.45 -6.34
CA GLU A 25 9.50 2.90 -4.96
C GLU A 25 8.57 1.70 -4.77
N LEU A 26 7.28 1.94 -4.85
CA LEU A 26 6.28 0.87 -4.68
C LEU A 26 6.60 -0.33 -5.58
N HIS A 27 7.03 -0.01 -6.77
CA HIS A 27 7.39 -1.05 -7.78
C HIS A 27 8.33 -2.10 -7.16
N GLU A 28 9.30 -1.62 -6.41
CA GLU A 28 10.29 -2.55 -5.77
C GLU A 28 9.57 -3.66 -4.99
N LEU A 29 8.82 -3.24 -4.00
CA LEU A 29 8.03 -4.21 -3.15
C LEU A 29 7.57 -5.40 -4.00
N ALA A 30 7.00 -5.11 -5.15
CA ALA A 30 6.51 -6.23 -6.03
C ALA A 30 7.43 -7.45 -5.94
N SER A 31 8.71 -7.22 -6.18
CA SER A 31 9.74 -8.31 -6.10
C SER A 31 9.45 -9.26 -4.93
N THR A 32 9.19 -8.65 -3.81
CA THR A 32 8.89 -9.41 -2.56
C THR A 32 7.56 -8.88 -2.00
N ARG A 33 6.59 -8.80 -2.87
CA ARG A 33 5.25 -8.29 -2.46
C ARG A 33 4.65 -9.01 -1.24
N GLN A 34 4.75 -8.38 -0.12
CA GLN A 34 4.11 -8.98 1.09
C GLN A 34 2.61 -8.68 0.95
N ILE A 35 2.35 -7.71 0.10
CA ILE A 35 0.96 -7.23 -0.18
C ILE A 35 0.45 -7.74 -1.53
N ASP A 36 -0.82 -7.56 -1.75
CA ASP A 36 -1.44 -7.96 -3.05
C ASP A 36 -2.31 -6.75 -3.41
N PHE A 37 -2.51 -6.52 -4.69
CA PHE A 37 -3.32 -5.33 -5.09
C PHE A 37 -4.78 -5.72 -5.31
N TRP A 38 -5.62 -4.71 -5.30
CA TRP A 38 -7.08 -4.96 -5.49
C TRP A 38 -7.54 -4.33 -6.81
N LYS A 39 -7.92 -3.08 -6.79
CA LYS A 39 -8.37 -2.43 -8.06
C LYS A 39 -7.37 -1.31 -8.35
N PRO A 40 -7.11 -1.03 -9.59
CA PRO A 40 -6.51 -1.96 -10.55
C PRO A 40 -5.02 -1.67 -10.56
N ASP A 41 -4.24 -2.68 -10.52
CA ASP A 41 -2.77 -2.45 -10.44
C ASP A 41 -1.98 -3.03 -11.62
N SER A 42 -1.46 -4.20 -11.42
CA SER A 42 -0.63 -4.85 -12.47
C SER A 42 0.67 -4.04 -12.55
N VAL A 43 1.09 -3.63 -11.37
CA VAL A 43 2.32 -2.82 -11.10
C VAL A 43 3.16 -2.46 -12.33
N THR A 44 3.56 -3.43 -13.09
CA THR A 44 4.40 -3.14 -14.30
C THR A 44 3.87 -1.95 -15.11
N GLN A 45 2.56 -1.78 -15.14
CA GLN A 45 1.99 -0.66 -15.94
C GLN A 45 1.49 0.53 -15.08
N ILE A 46 1.87 0.61 -13.84
CA ILE A 46 1.38 1.77 -13.04
C ILE A 46 2.01 3.06 -13.58
N LYS A 47 1.23 4.12 -13.63
CA LYS A 47 1.74 5.42 -14.15
C LYS A 47 1.20 6.57 -13.26
N PRO A 48 1.70 7.78 -13.50
CA PRO A 48 1.39 8.99 -12.67
C PRO A 48 -0.08 9.15 -12.23
N HIS A 49 -0.25 10.10 -11.34
CA HIS A 49 -1.58 10.45 -10.75
C HIS A 49 -2.59 9.32 -10.92
N SER A 50 -2.25 8.18 -10.37
CA SER A 50 -3.18 7.01 -10.48
C SER A 50 -3.67 6.62 -9.10
N THR A 51 -4.83 6.02 -9.07
CA THR A 51 -5.44 5.60 -7.77
C THR A 51 -5.85 4.13 -7.79
N VAL A 52 -5.20 3.34 -6.97
CA VAL A 52 -5.52 1.87 -6.90
C VAL A 52 -5.63 1.47 -5.40
N ASP A 53 -6.19 0.31 -5.09
CA ASP A 53 -6.35 -0.09 -3.65
C ASP A 53 -5.67 -1.44 -3.31
N PHE A 54 -5.49 -1.71 -2.03
CA PHE A 54 -4.83 -3.01 -1.59
C PHE A 54 -5.83 -3.95 -0.87
N ARG A 55 -5.98 -3.77 0.45
CA ARG A 55 -6.91 -4.60 1.31
C ARG A 55 -6.43 -4.58 2.77
N VAL A 56 -7.23 -5.15 3.63
CA VAL A 56 -6.90 -5.22 5.07
C VAL A 56 -6.19 -6.54 5.44
N LYS A 57 -4.91 -6.58 5.21
CA LYS A 57 -4.15 -7.80 5.59
C LYS A 57 -3.40 -7.42 6.87
N ALA A 58 -3.03 -8.39 7.67
CA ALA A 58 -2.32 -8.07 8.95
C ALA A 58 -1.06 -8.93 9.16
N GLU A 59 -0.58 -8.85 10.39
CA GLU A 59 0.62 -9.61 10.85
C GLU A 59 1.92 -9.02 10.29
N ASP A 60 2.05 -9.01 9.00
CA ASP A 60 3.32 -8.48 8.41
C ASP A 60 3.18 -7.01 8.02
N ILE A 61 2.05 -6.42 8.35
CA ILE A 61 1.76 -5.05 8.05
C ILE A 61 2.96 -4.13 8.33
N LEU A 62 3.46 -4.19 9.52
CA LEU A 62 4.64 -3.35 9.89
C LEU A 62 5.55 -3.02 8.70
N ALA A 63 6.03 -4.02 8.02
CA ALA A 63 6.95 -3.73 6.88
C ALA A 63 6.23 -2.97 5.77
N VAL A 64 5.01 -3.34 5.55
CA VAL A 64 4.22 -2.66 4.48
C VAL A 64 3.89 -1.23 4.92
N GLU A 65 3.27 -1.12 6.06
CA GLU A 65 2.90 0.24 6.57
C GLU A 65 4.19 1.08 6.67
N ASP A 66 5.25 0.47 7.13
CA ASP A 66 6.56 1.21 7.24
C ASP A 66 7.01 1.65 5.83
N PHE A 67 7.09 0.68 4.95
CA PHE A 67 7.50 0.94 3.52
C PHE A 67 6.61 2.04 2.95
N LEU A 68 5.49 2.19 3.55
CA LEU A 68 4.53 3.26 3.09
C LEU A 68 4.54 4.53 3.96
N GLU A 69 5.09 4.49 5.15
CA GLU A 69 5.08 5.73 6.01
C GLU A 69 6.43 6.46 6.01
N GLN A 70 7.47 5.77 6.40
CA GLN A 70 8.85 6.40 6.45
C GLN A 70 9.10 7.38 5.29
N ASN A 71 8.48 7.09 4.19
CA ASN A 71 8.64 7.94 2.96
C ASN A 71 7.33 8.63 2.61
N GLU A 72 6.27 8.19 3.23
CA GLU A 72 4.91 8.75 2.95
C GLU A 72 4.59 8.45 1.49
N LEU A 73 4.82 7.22 1.12
CA LEU A 73 4.55 6.76 -0.25
C LEU A 73 3.03 6.81 -0.49
N GLN A 74 2.61 8.01 -0.79
CA GLN A 74 1.19 8.37 -1.07
C GLN A 74 0.17 7.23 -0.86
N TYR A 75 0.01 6.82 0.38
CA TYR A 75 -0.97 5.74 0.69
C TYR A 75 -2.14 6.41 1.40
N GLU A 76 -3.31 5.89 1.22
CA GLU A 76 -4.50 6.51 1.89
C GLU A 76 -5.27 5.45 2.66
N VAL A 77 -5.69 5.81 3.84
CA VAL A 77 -6.46 4.87 4.67
C VAL A 77 -7.76 5.57 5.07
N LEU A 78 -8.83 4.82 5.11
CA LEU A 78 -10.15 5.44 5.48
C LEU A 78 -10.58 4.93 6.85
N ILE A 79 -9.60 4.77 7.70
CA ILE A 79 -9.86 4.30 9.09
C ILE A 79 -8.90 5.05 10.03
N ASN A 80 -9.08 6.34 10.09
CA ASN A 80 -8.20 7.17 10.98
C ASN A 80 -9.01 7.86 12.07
N ASN A 81 -9.88 8.78 11.69
CA ASN A 81 -10.70 9.50 12.68
C ASN A 81 -12.03 9.89 12.03
N HIS A 1 -9.35 0.72 21.53
CA HIS A 1 -8.59 0.79 20.25
C HIS A 1 -7.35 1.64 20.48
N HIS A 2 -6.44 1.59 19.55
CA HIS A 2 -5.20 2.41 19.65
C HIS A 2 -5.22 3.34 18.45
N SER A 3 -5.33 2.74 17.31
CA SER A 3 -5.39 3.51 16.04
C SER A 3 -6.71 3.13 15.36
N GLY A 4 -6.83 3.43 14.09
CA GLY A 4 -8.08 3.09 13.35
C GLY A 4 -8.05 1.59 12.99
N GLU A 5 -7.93 0.80 14.01
CA GLU A 5 -7.89 -0.67 13.84
C GLU A 5 -9.20 -1.20 14.45
N HIS A 6 -9.88 -2.06 13.76
CA HIS A 6 -11.18 -2.59 14.34
C HIS A 6 -10.83 -3.64 15.37
N PHE A 7 -10.02 -4.58 14.96
CA PHE A 7 -9.59 -5.64 15.90
C PHE A 7 -8.07 -5.65 15.91
N GLU A 8 -7.49 -6.01 14.78
CA GLU A 8 -6.01 -6.03 14.68
C GLU A 8 -5.59 -5.49 13.31
N GLY A 9 -5.83 -6.25 12.28
CA GLY A 9 -5.42 -5.79 10.92
C GLY A 9 -6.50 -5.98 9.87
N GLU A 10 -7.66 -5.44 10.10
CA GLU A 10 -8.74 -5.59 9.07
C GLU A 10 -9.10 -4.19 8.54
N LYS A 11 -8.17 -3.59 7.84
CA LYS A 11 -8.42 -2.22 7.28
C LYS A 11 -7.96 -2.17 5.83
N VAL A 12 -8.53 -1.28 5.08
CA VAL A 12 -8.17 -1.18 3.64
C VAL A 12 -7.12 -0.08 3.45
N PHE A 13 -6.39 -0.15 2.38
CA PHE A 13 -5.36 0.89 2.10
C PHE A 13 -5.42 1.33 0.65
N ARG A 14 -4.89 2.49 0.42
CA ARG A 14 -4.83 3.05 -0.97
C ARG A 14 -3.50 3.77 -1.11
N VAL A 15 -2.99 3.76 -2.29
CA VAL A 15 -1.72 4.48 -2.57
C VAL A 15 -2.00 5.25 -3.85
N ASN A 16 -1.36 6.36 -4.03
CA ASN A 16 -1.63 7.13 -5.27
C ASN A 16 -0.39 7.15 -6.14
N VAL A 17 -0.60 7.43 -7.39
CA VAL A 17 0.53 7.46 -8.34
C VAL A 17 0.66 8.88 -8.88
N GLU A 18 1.20 9.74 -8.06
CA GLU A 18 1.38 11.14 -8.47
C GLU A 18 2.40 11.23 -9.60
N ASP A 19 3.45 10.48 -9.46
CA ASP A 19 4.53 10.52 -10.47
C ASP A 19 5.15 9.13 -10.65
N GLU A 20 6.43 9.13 -10.97
CA GLU A 20 7.19 7.88 -11.19
C GLU A 20 7.93 7.45 -9.89
N ASN A 21 8.15 8.38 -9.01
CA ASN A 21 8.81 8.06 -7.70
C ASN A 21 7.91 7.10 -6.96
N ASP A 22 6.71 7.55 -6.75
CA ASP A 22 5.72 6.70 -6.04
C ASP A 22 5.65 5.35 -6.73
N ILE A 23 5.83 5.36 -8.03
CA ILE A 23 5.83 4.04 -8.72
C ILE A 23 7.12 3.37 -8.28
N SER A 24 8.24 3.78 -8.83
CA SER A 24 9.57 3.19 -8.44
C SER A 24 9.56 2.60 -7.02
N GLU A 25 9.04 3.39 -6.12
CA GLU A 25 8.97 2.99 -4.68
C GLU A 25 7.93 1.90 -4.41
N LEU A 26 6.67 2.18 -4.63
CA LEU A 26 5.65 1.16 -4.36
C LEU A 26 5.95 -0.07 -5.22
N HIS A 27 6.34 0.23 -6.41
CA HIS A 27 6.71 -0.80 -7.42
C HIS A 27 7.78 -1.73 -6.83
N GLU A 28 8.58 -1.16 -5.97
CA GLU A 28 9.65 -1.92 -5.29
C GLU A 28 8.99 -2.77 -4.21
N LEU A 29 8.39 -2.10 -3.26
CA LEU A 29 7.70 -2.81 -2.14
C LEU A 29 7.06 -4.09 -2.65
N ALA A 30 6.44 -3.97 -3.80
CA ALA A 30 5.75 -5.13 -4.47
C ALA A 30 6.45 -6.49 -4.24
N SER A 31 7.75 -6.55 -4.48
CA SER A 31 8.48 -7.84 -4.31
C SER A 31 9.02 -7.99 -2.88
N THR A 32 8.29 -7.48 -1.95
CA THR A 32 8.72 -7.58 -0.52
C THR A 32 7.47 -7.73 0.33
N ARG A 33 6.47 -6.98 -0.05
CA ARG A 33 5.16 -7.04 0.65
C ARG A 33 4.49 -8.37 0.29
N GLN A 34 3.61 -8.81 1.13
CA GLN A 34 2.90 -10.10 0.87
C GLN A 34 1.41 -9.76 0.63
N ILE A 35 1.19 -8.63 0.00
CA ILE A 35 -0.22 -8.19 -0.27
C ILE A 35 -0.53 -8.21 -1.78
N ASP A 36 -1.73 -7.86 -2.08
CA ASP A 36 -2.22 -7.82 -3.47
C ASP A 36 -2.49 -6.36 -3.86
N PHE A 37 -2.90 -6.15 -5.07
CA PHE A 37 -3.23 -4.78 -5.56
C PHE A 37 -4.62 -4.88 -6.22
N TRP A 38 -5.52 -5.36 -5.38
CA TRP A 38 -6.96 -5.63 -5.71
C TRP A 38 -7.44 -4.89 -6.95
N LYS A 39 -7.54 -3.61 -6.83
CA LYS A 39 -8.02 -2.80 -8.00
C LYS A 39 -7.23 -1.51 -8.11
N PRO A 40 -7.13 -1.01 -9.32
CA PRO A 40 -6.64 -1.74 -10.49
C PRO A 40 -5.18 -1.36 -10.59
N ASP A 41 -4.39 -2.37 -10.62
CA ASP A 41 -2.99 -2.17 -10.59
C ASP A 41 -2.36 -3.10 -11.59
N SER A 42 -1.46 -2.50 -12.13
CA SER A 42 -0.57 -3.13 -13.11
C SER A 42 0.85 -2.68 -12.84
N VAL A 43 1.26 -2.79 -11.58
CA VAL A 43 2.64 -2.40 -11.13
C VAL A 43 3.55 -1.88 -12.25
N THR A 44 3.89 -2.77 -13.13
CA THR A 44 4.78 -2.43 -14.28
C THR A 44 4.12 -1.49 -15.28
N GLN A 45 2.97 -1.88 -15.74
CA GLN A 45 2.26 -1.05 -16.74
C GLN A 45 1.30 -0.07 -16.05
N ILE A 46 1.85 0.64 -15.11
CA ILE A 46 1.04 1.66 -14.37
C ILE A 46 1.67 3.02 -14.68
N LYS A 47 0.96 4.07 -14.45
CA LYS A 47 1.52 5.42 -14.74
C LYS A 47 1.16 6.39 -13.60
N PRO A 48 1.85 7.51 -13.55
CA PRO A 48 1.33 8.73 -12.90
C PRO A 48 -0.15 8.96 -13.24
N HIS A 49 -0.81 9.75 -12.42
CA HIS A 49 -2.26 10.06 -12.64
C HIS A 49 -3.09 8.80 -12.46
N SER A 50 -2.64 7.96 -11.54
CA SER A 50 -3.35 6.69 -11.28
C SER A 50 -3.57 6.49 -9.78
N THR A 51 -4.49 5.63 -9.44
CA THR A 51 -4.79 5.36 -8.00
C THR A 51 -5.33 3.92 -7.83
N VAL A 52 -4.78 3.17 -6.90
CA VAL A 52 -5.25 1.78 -6.68
C VAL A 52 -5.42 1.47 -5.16
N ASP A 53 -6.03 0.34 -4.85
CA ASP A 53 -6.24 -0.07 -3.43
C ASP A 53 -5.76 -1.51 -3.20
N PHE A 54 -5.59 -1.86 -1.95
CA PHE A 54 -5.13 -3.25 -1.61
C PHE A 54 -6.11 -3.85 -0.58
N ARG A 55 -5.87 -5.08 -0.17
CA ARG A 55 -6.78 -5.70 0.85
C ARG A 55 -6.09 -5.81 2.20
N VAL A 56 -6.89 -5.91 3.24
CA VAL A 56 -6.34 -6.04 4.62
C VAL A 56 -5.32 -7.18 4.70
N LYS A 57 -4.43 -7.04 5.65
CA LYS A 57 -3.37 -8.04 5.87
C LYS A 57 -2.88 -7.83 7.31
N ALA A 58 -2.07 -8.72 7.84
CA ALA A 58 -1.58 -8.54 9.25
C ALA A 58 -0.07 -8.77 9.35
N GLU A 59 0.30 -10.01 9.19
CA GLU A 59 1.73 -10.44 9.26
C GLU A 59 2.70 -9.38 8.70
N ASP A 60 2.36 -8.83 7.56
CA ASP A 60 3.26 -7.83 6.91
C ASP A 60 2.76 -6.36 7.00
N ILE A 61 1.95 -6.06 7.98
CA ILE A 61 1.48 -4.64 8.11
C ILE A 61 2.69 -3.78 8.43
N LEU A 62 3.51 -4.27 9.34
CA LEU A 62 4.72 -3.51 9.77
C LEU A 62 5.86 -3.65 8.76
N ALA A 63 5.48 -3.71 7.52
CA ALA A 63 6.43 -3.81 6.41
C ALA A 63 5.96 -2.86 5.32
N VAL A 64 4.70 -3.03 5.03
CA VAL A 64 4.06 -2.18 4.00
C VAL A 64 3.80 -0.83 4.64
N GLU A 65 3.25 -0.83 5.83
CA GLU A 65 2.99 0.47 6.49
C GLU A 65 4.36 1.12 6.76
N ASP A 66 5.31 0.28 7.12
CA ASP A 66 6.70 0.80 7.39
C ASP A 66 7.27 1.39 6.09
N PHE A 67 7.46 0.53 5.14
CA PHE A 67 8.00 0.92 3.81
C PHE A 67 7.36 2.21 3.29
N LEU A 68 6.07 2.16 3.16
CA LEU A 68 5.32 3.34 2.64
C LEU A 68 5.59 4.57 3.51
N GLU A 69 5.84 4.35 4.77
CA GLU A 69 6.11 5.52 5.67
C GLU A 69 7.55 6.00 5.46
N GLN A 70 8.48 5.11 5.69
CA GLN A 70 9.93 5.42 5.52
C GLN A 70 10.21 6.40 4.36
N ASN A 71 9.65 6.11 3.22
CA ASN A 71 9.89 6.99 2.02
C ASN A 71 8.70 7.91 1.73
N GLU A 72 8.13 8.48 2.77
CA GLU A 72 6.96 9.43 2.61
C GLU A 72 6.18 9.18 1.31
N LEU A 73 5.83 7.94 1.08
CA LEU A 73 5.09 7.63 -0.17
C LEU A 73 3.65 8.10 -0.04
N GLN A 74 2.97 8.17 -1.15
CA GLN A 74 1.56 8.63 -1.11
C GLN A 74 0.63 7.48 -0.75
N TYR A 75 0.79 6.99 0.45
CA TYR A 75 -0.08 5.87 0.90
C TYR A 75 -1.18 6.43 1.78
N GLU A 76 -2.23 5.69 1.92
CA GLU A 76 -3.37 6.12 2.76
C GLU A 76 -4.10 4.86 3.26
N VAL A 77 -4.96 5.02 4.23
CA VAL A 77 -5.72 3.87 4.81
C VAL A 77 -7.23 4.12 4.59
N LEU A 78 -7.58 4.20 3.33
CA LEU A 78 -8.98 4.46 2.86
C LEU A 78 -10.00 4.81 3.93
N ILE A 79 -10.32 3.89 4.79
CA ILE A 79 -11.33 4.19 5.82
C ILE A 79 -10.69 4.83 7.07
N ASN A 80 -9.74 5.70 6.85
CA ASN A 80 -9.05 6.35 8.01
C ASN A 80 -9.02 7.86 7.79
N ASN A 81 -10.01 8.54 8.33
CA ASN A 81 -10.07 10.02 8.17
C ASN A 81 -10.15 10.69 9.54
N HIS A 1 -11.64 -2.54 26.97
CA HIS A 1 -11.45 -1.13 26.54
C HIS A 1 -11.20 -1.15 25.03
N HIS A 2 -10.96 -0.01 24.45
CA HIS A 2 -10.71 0.04 22.98
C HIS A 2 -9.26 0.45 22.70
N SER A 3 -8.86 0.34 21.48
CA SER A 3 -7.46 0.71 21.10
C SER A 3 -7.50 1.93 20.16
N GLY A 4 -8.06 1.69 19.00
CA GLY A 4 -8.18 2.75 17.96
C GLY A 4 -7.69 2.18 16.64
N GLU A 5 -8.04 0.92 16.43
CA GLU A 5 -7.64 0.18 15.20
C GLU A 5 -8.92 -0.47 14.61
N HIS A 6 -8.73 -1.56 13.94
CA HIS A 6 -9.89 -2.28 13.34
C HIS A 6 -10.14 -3.54 14.17
N PHE A 7 -10.42 -4.66 13.54
CA PHE A 7 -10.65 -5.89 14.34
C PHE A 7 -9.46 -6.84 14.12
N GLU A 8 -9.38 -7.43 12.96
CA GLU A 8 -8.24 -8.36 12.69
C GLU A 8 -7.54 -8.00 11.36
N GLY A 9 -8.30 -8.05 10.29
CA GLY A 9 -7.72 -7.75 8.95
C GLY A 9 -8.40 -6.58 8.26
N GLU A 10 -9.71 -6.64 8.12
CA GLU A 10 -10.52 -5.56 7.43
C GLU A 10 -9.88 -4.15 7.43
N LYS A 11 -8.87 -3.97 6.60
CA LYS A 11 -8.22 -2.63 6.52
C LYS A 11 -7.95 -2.34 5.05
N VAL A 12 -7.90 -1.10 4.67
CA VAL A 12 -7.63 -0.81 3.25
C VAL A 12 -6.60 0.29 3.15
N PHE A 13 -5.78 0.22 2.15
CA PHE A 13 -4.72 1.26 1.98
C PHE A 13 -4.76 1.74 0.54
N ARG A 14 -4.26 2.92 0.34
CA ARG A 14 -4.23 3.51 -1.02
C ARG A 14 -2.83 4.05 -1.29
N VAL A 15 -2.01 3.33 -1.99
CA VAL A 15 -0.66 3.87 -2.25
C VAL A 15 -0.80 4.78 -3.47
N ASN A 16 -1.36 5.92 -3.22
CA ASN A 16 -1.55 6.90 -4.30
C ASN A 16 -0.20 7.20 -4.95
N VAL A 17 -0.26 7.46 -6.21
CA VAL A 17 0.97 7.74 -6.98
C VAL A 17 0.84 9.10 -7.62
N GLU A 18 1.65 10.02 -7.19
CA GLU A 18 1.57 11.37 -7.75
C GLU A 18 2.45 11.46 -8.98
N ASP A 19 3.60 10.86 -8.92
CA ASP A 19 4.49 10.90 -10.12
C ASP A 19 4.97 9.49 -10.36
N GLU A 20 6.12 9.40 -10.91
CA GLU A 20 6.66 8.06 -11.16
C GLU A 20 7.39 7.64 -9.88
N ASN A 21 8.04 8.59 -9.25
CA ASN A 21 8.78 8.32 -7.96
C ASN A 21 7.96 7.38 -7.06
N ASP A 22 6.73 7.74 -6.89
CA ASP A 22 5.81 6.93 -6.05
C ASP A 22 5.72 5.49 -6.58
N ILE A 23 5.85 5.34 -7.86
CA ILE A 23 5.80 3.97 -8.46
C ILE A 23 7.18 3.35 -8.38
N SER A 24 8.20 4.11 -8.70
CA SER A 24 9.57 3.54 -8.65
C SER A 24 9.82 3.03 -7.23
N GLU A 25 9.32 3.79 -6.28
CA GLU A 25 9.53 3.38 -4.87
C GLU A 25 8.50 2.34 -4.43
N LEU A 26 7.26 2.41 -4.85
CA LEU A 26 6.32 1.35 -4.42
C LEU A 26 6.74 0.01 -5.08
N HIS A 27 7.18 0.11 -6.30
CA HIS A 27 7.62 -1.11 -7.04
C HIS A 27 8.56 -1.94 -6.18
N GLU A 28 9.53 -1.28 -5.59
CA GLU A 28 10.49 -2.01 -4.70
C GLU A 28 9.71 -3.01 -3.81
N LEU A 29 8.61 -2.53 -3.28
CA LEU A 29 7.75 -3.39 -2.41
C LEU A 29 7.01 -4.41 -3.29
N ALA A 30 6.52 -3.95 -4.41
CA ALA A 30 5.79 -4.88 -5.33
C ALA A 30 6.65 -6.12 -5.58
N SER A 31 7.94 -5.89 -5.71
CA SER A 31 8.91 -7.02 -5.93
C SER A 31 8.56 -8.26 -5.09
N THR A 32 8.75 -8.15 -3.79
CA THR A 32 8.43 -9.32 -2.90
C THR A 32 6.92 -9.43 -2.81
N ARG A 33 6.29 -8.29 -2.79
CA ARG A 33 4.81 -8.23 -2.76
C ARG A 33 4.23 -8.79 -1.46
N GLN A 34 4.44 -8.06 -0.40
CA GLN A 34 3.90 -8.50 0.92
C GLN A 34 2.39 -8.22 0.93
N ILE A 35 1.94 -7.62 -0.13
CA ILE A 35 0.51 -7.26 -0.31
C ILE A 35 0.02 -7.77 -1.65
N ASP A 36 -1.23 -7.59 -1.88
CA ASP A 36 -1.82 -8.02 -3.17
C ASP A 36 -2.06 -6.76 -3.97
N PHE A 37 -2.52 -6.94 -5.15
CA PHE A 37 -2.84 -5.78 -6.01
C PHE A 37 -4.28 -5.96 -6.44
N TRP A 38 -5.17 -5.61 -5.55
CA TRP A 38 -6.59 -5.77 -5.92
C TRP A 38 -6.90 -4.75 -7.01
N LYS A 39 -6.58 -3.51 -6.79
CA LYS A 39 -6.86 -2.49 -7.85
C LYS A 39 -5.71 -1.43 -7.88
N PRO A 40 -5.25 -1.07 -9.06
CA PRO A 40 -5.38 -1.88 -10.30
C PRO A 40 -4.96 -3.33 -10.03
N ASP A 41 -5.57 -4.21 -10.77
CA ASP A 41 -5.29 -5.67 -10.61
C ASP A 41 -3.81 -5.99 -10.76
N SER A 42 -3.08 -5.09 -11.37
CA SER A 42 -1.61 -5.31 -11.54
C SER A 42 -0.84 -4.02 -11.30
N VAL A 43 0.45 -4.17 -11.17
CA VAL A 43 1.33 -3.00 -10.94
C VAL A 43 2.17 -2.80 -12.21
N THR A 44 2.39 -3.90 -12.89
CA THR A 44 3.22 -3.92 -14.15
C THR A 44 3.33 -2.55 -14.82
N GLN A 45 2.21 -1.96 -15.16
CA GLN A 45 2.25 -0.62 -15.80
C GLN A 45 1.41 0.41 -15.05
N ILE A 46 1.61 0.50 -13.76
CA ILE A 46 0.83 1.51 -12.99
C ILE A 46 1.43 2.87 -13.35
N LYS A 47 0.63 3.91 -13.34
CA LYS A 47 1.18 5.27 -13.71
C LYS A 47 0.73 6.31 -12.66
N PRO A 48 1.21 7.52 -12.79
CA PRO A 48 0.76 8.65 -11.92
C PRO A 48 -0.71 8.97 -12.13
N HIS A 49 -1.31 9.53 -11.10
CA HIS A 49 -2.77 9.91 -11.14
C HIS A 49 -3.64 8.68 -10.85
N SER A 50 -3.08 7.79 -10.10
CA SER A 50 -3.82 6.54 -9.72
C SER A 50 -3.32 6.09 -8.35
N THR A 51 -3.91 5.07 -7.80
CA THR A 51 -3.45 4.58 -6.48
C THR A 51 -3.45 3.06 -6.50
N VAL A 52 -2.82 2.48 -5.53
CA VAL A 52 -2.77 1.00 -5.48
C VAL A 52 -3.46 0.57 -4.19
N ASP A 53 -4.40 -0.31 -4.36
CA ASP A 53 -5.20 -0.82 -3.21
C ASP A 53 -4.76 -2.26 -2.93
N PHE A 54 -3.89 -2.38 -1.96
CA PHE A 54 -3.33 -3.71 -1.56
C PHE A 54 -4.42 -4.71 -1.15
N ARG A 55 -5.37 -4.19 -0.41
CA ARG A 55 -6.56 -4.95 0.14
C ARG A 55 -6.43 -4.99 1.66
N VAL A 56 -6.94 -6.03 2.30
CA VAL A 56 -6.85 -6.13 3.77
C VAL A 56 -5.82 -7.21 4.16
N LYS A 57 -4.83 -6.82 4.91
CA LYS A 57 -3.78 -7.80 5.34
C LYS A 57 -3.56 -7.59 6.84
N ALA A 58 -3.03 -8.58 7.55
CA ALA A 58 -2.85 -8.36 9.02
C ALA A 58 -1.55 -8.96 9.56
N GLU A 59 -0.74 -9.44 8.68
CA GLU A 59 0.54 -10.08 9.10
C GLU A 59 1.76 -9.26 8.66
N ASP A 60 1.69 -8.67 7.51
CA ASP A 60 2.85 -7.86 7.00
C ASP A 60 2.53 -6.37 6.93
N ILE A 61 1.33 -6.02 7.29
CA ILE A 61 0.90 -4.65 7.26
C ILE A 61 1.90 -3.76 8.01
N LEU A 62 2.55 -4.31 8.98
CA LEU A 62 3.53 -3.49 9.77
C LEU A 62 4.66 -2.95 8.89
N ALA A 63 5.12 -3.74 7.96
CA ALA A 63 6.23 -3.24 7.10
C ALA A 63 5.67 -2.57 5.86
N VAL A 64 4.50 -2.99 5.50
CA VAL A 64 3.83 -2.41 4.31
C VAL A 64 3.29 -1.03 4.66
N GLU A 65 2.60 -0.95 5.78
CA GLU A 65 2.04 0.37 6.20
C GLU A 65 3.24 1.28 6.47
N ASP A 66 4.20 0.78 7.22
CA ASP A 66 5.43 1.58 7.51
C ASP A 66 6.09 2.03 6.22
N PHE A 67 6.41 1.08 5.36
CA PHE A 67 7.05 1.41 4.06
C PHE A 67 6.51 2.73 3.50
N LEU A 68 5.21 2.79 3.32
CA LEU A 68 4.56 4.03 2.76
C LEU A 68 5.19 5.33 3.32
N GLU A 69 5.51 5.28 4.57
CA GLU A 69 6.12 6.47 5.23
C GLU A 69 7.63 6.45 5.00
N GLN A 70 8.22 5.33 5.31
CA GLN A 70 9.70 5.16 5.13
C GLN A 70 10.22 5.93 3.92
N ASN A 71 9.51 5.83 2.83
CA ASN A 71 9.95 6.54 1.61
C ASN A 71 8.94 7.62 1.19
N GLU A 72 8.64 8.50 2.12
CA GLU A 72 7.71 9.65 1.88
C GLU A 72 6.80 9.47 0.65
N LEU A 73 5.93 8.50 0.68
CA LEU A 73 5.03 8.33 -0.48
C LEU A 73 3.78 9.16 -0.23
N GLN A 74 3.07 9.53 -1.27
CA GLN A 74 1.86 10.36 -1.00
C GLN A 74 0.63 9.47 -0.86
N TYR A 75 0.84 8.35 -0.21
CA TYR A 75 -0.30 7.39 0.00
C TYR A 75 -1.48 8.09 0.67
N GLU A 76 -2.62 7.46 0.63
CA GLU A 76 -3.83 8.08 1.24
C GLU A 76 -4.56 7.00 2.07
N VAL A 77 -5.06 7.36 3.23
CA VAL A 77 -5.78 6.35 4.11
C VAL A 77 -7.11 6.93 4.61
N LEU A 78 -7.64 7.85 3.84
CA LEU A 78 -8.95 8.52 4.16
C LEU A 78 -8.90 9.25 5.51
N ILE A 79 -8.86 8.49 6.55
CA ILE A 79 -8.82 9.02 7.90
C ILE A 79 -7.52 8.56 8.59
N ASN A 80 -7.62 8.32 9.87
CA ASN A 80 -6.44 7.88 10.71
C ASN A 80 -6.69 8.40 12.12
N ASN A 81 -7.01 9.66 12.16
CA ASN A 81 -7.30 10.36 13.44
C ASN A 81 -8.67 11.05 13.29
N HIS A 1 1.75 6.47 27.59
CA HIS A 1 1.92 5.27 26.72
C HIS A 1 1.12 5.51 25.44
N HIS A 2 0.98 4.50 24.64
CA HIS A 2 0.22 4.64 23.35
C HIS A 2 -1.16 3.97 23.43
N SER A 3 -1.87 4.01 22.34
CA SER A 3 -3.24 3.40 22.27
C SER A 3 -3.21 2.19 21.33
N GLY A 4 -4.35 1.59 21.12
CA GLY A 4 -4.45 0.42 20.21
C GLY A 4 -5.40 0.75 19.07
N GLU A 5 -5.70 -0.22 18.26
CA GLU A 5 -6.62 0.02 17.12
C GLU A 5 -7.95 -0.74 17.35
N HIS A 6 -8.93 -0.41 16.56
CA HIS A 6 -10.27 -1.08 16.70
C HIS A 6 -10.45 -2.04 15.53
N PHE A 7 -9.66 -1.84 14.52
CA PHE A 7 -9.72 -2.71 13.32
C PHE A 7 -8.47 -3.60 13.32
N GLU A 8 -8.41 -4.47 14.31
CA GLU A 8 -7.26 -5.39 14.45
C GLU A 8 -7.24 -6.38 13.28
N GLY A 9 -6.79 -5.87 12.15
CA GLY A 9 -6.73 -6.72 10.93
C GLY A 9 -7.51 -6.08 9.79
N GLU A 10 -8.69 -5.58 10.09
CA GLU A 10 -9.53 -4.95 9.03
C GLU A 10 -9.05 -3.53 8.68
N LYS A 11 -7.95 -3.45 7.99
CA LYS A 11 -7.42 -2.11 7.61
C LYS A 11 -7.21 -2.07 6.11
N VAL A 12 -7.59 -1.00 5.48
CA VAL A 12 -7.41 -0.91 4.00
C VAL A 12 -6.72 0.41 3.67
N PHE A 13 -5.81 0.37 2.73
CA PHE A 13 -5.06 1.59 2.32
C PHE A 13 -4.60 1.47 0.87
N ARG A 14 -4.37 2.60 0.24
CA ARG A 14 -3.90 2.61 -1.16
C ARG A 14 -2.70 3.54 -1.27
N VAL A 15 -2.03 3.49 -2.39
CA VAL A 15 -0.86 4.39 -2.60
C VAL A 15 -1.24 5.30 -3.75
N ASN A 16 -0.74 6.50 -3.80
CA ASN A 16 -1.10 7.38 -4.95
C ASN A 16 0.12 7.57 -5.83
N VAL A 17 -0.13 7.95 -7.02
CA VAL A 17 0.97 8.16 -7.98
C VAL A 17 0.76 9.49 -8.67
N GLU A 18 1.63 10.41 -8.37
CA GLU A 18 1.55 11.75 -8.99
C GLU A 18 2.77 11.93 -9.87
N ASP A 19 3.83 11.25 -9.55
CA ASP A 19 5.06 11.35 -10.38
C ASP A 19 5.62 9.95 -10.58
N GLU A 20 6.65 9.95 -11.33
CA GLU A 20 7.34 8.71 -11.70
C GLU A 20 8.09 8.14 -10.49
N ASN A 21 8.62 8.98 -9.67
CA ASN A 21 9.35 8.50 -8.46
C ASN A 21 8.45 7.53 -7.69
N ASP A 22 7.35 8.09 -7.28
CA ASP A 22 6.29 7.36 -6.51
C ASP A 22 6.16 5.95 -7.04
N ILE A 23 6.09 5.87 -8.35
CA ILE A 23 5.99 4.53 -8.97
C ILE A 23 7.22 3.76 -8.56
N SER A 24 8.39 4.23 -8.93
CA SER A 24 9.65 3.52 -8.53
C SER A 24 9.51 2.97 -7.09
N GLU A 25 9.24 3.89 -6.20
CA GLU A 25 9.07 3.58 -4.75
C GLU A 25 8.02 2.52 -4.46
N LEU A 26 6.81 2.67 -4.94
CA LEU A 26 5.83 1.61 -4.63
C LEU A 26 6.26 0.34 -5.36
N HIS A 27 6.57 0.49 -6.63
CA HIS A 27 7.03 -0.66 -7.45
C HIS A 27 7.98 -1.54 -6.64
N GLU A 28 8.98 -0.90 -6.10
CA GLU A 28 9.99 -1.56 -5.24
C GLU A 28 9.35 -2.72 -4.45
N LEU A 29 8.22 -2.41 -3.86
CA LEU A 29 7.44 -3.40 -3.04
C LEU A 29 7.19 -4.70 -3.82
N ALA A 30 6.76 -4.56 -5.06
CA ALA A 30 6.47 -5.75 -5.94
C ALA A 30 7.42 -6.91 -5.61
N SER A 31 8.69 -6.61 -5.70
CA SER A 31 9.75 -7.62 -5.39
C SER A 31 9.33 -8.48 -4.19
N THR A 32 8.90 -7.81 -3.17
CA THR A 32 8.44 -8.50 -1.94
C THR A 32 6.94 -8.29 -1.81
N ARG A 33 6.24 -8.67 -2.86
CA ARG A 33 4.76 -8.51 -2.86
C ARG A 33 4.06 -9.55 -1.97
N GLN A 34 4.43 -9.61 -0.72
CA GLN A 34 3.75 -10.57 0.20
C GLN A 34 2.30 -10.13 0.20
N ILE A 35 2.17 -8.84 0.17
CA ILE A 35 0.85 -8.17 0.13
C ILE A 35 0.09 -8.49 -1.14
N ASP A 36 -1.11 -7.99 -1.21
CA ASP A 36 -1.92 -8.25 -2.43
C ASP A 36 -2.50 -6.95 -2.93
N PHE A 37 -2.82 -6.94 -4.18
CA PHE A 37 -3.40 -5.73 -4.79
C PHE A 37 -4.88 -6.02 -5.03
N TRP A 38 -5.62 -5.00 -5.27
CA TRP A 38 -7.08 -5.18 -5.50
C TRP A 38 -7.50 -4.54 -6.82
N LYS A 39 -7.11 -3.31 -6.97
CA LYS A 39 -7.44 -2.54 -8.21
C LYS A 39 -6.20 -1.74 -8.64
N PRO A 40 -5.69 -1.97 -9.83
CA PRO A 40 -5.83 -3.25 -10.58
C PRO A 40 -5.15 -4.42 -9.85
N ASP A 41 -4.86 -5.44 -10.61
CA ASP A 41 -4.21 -6.67 -10.05
C ASP A 41 -2.69 -6.48 -9.98
N SER A 42 -2.18 -5.77 -10.93
CA SER A 42 -0.71 -5.53 -10.97
C SER A 42 -0.43 -4.03 -10.78
N VAL A 43 0.83 -3.72 -10.85
CA VAL A 43 1.31 -2.33 -10.71
C VAL A 43 2.07 -1.95 -12.00
N THR A 44 2.59 -2.97 -12.65
CA THR A 44 3.37 -2.76 -13.91
C THR A 44 2.73 -1.69 -14.80
N GLN A 45 1.44 -1.79 -14.95
CA GLN A 45 0.71 -0.83 -15.81
C GLN A 45 0.21 0.39 -15.02
N ILE A 46 1.10 1.00 -14.29
CA ILE A 46 0.72 2.22 -13.50
C ILE A 46 1.67 3.37 -13.86
N LYS A 47 1.09 4.53 -14.07
CA LYS A 47 1.87 5.76 -14.42
C LYS A 47 1.32 6.89 -13.51
N PRO A 48 1.86 8.08 -13.59
CA PRO A 48 1.45 9.22 -12.73
C PRO A 48 -0.05 9.56 -12.86
N HIS A 49 -0.55 10.24 -11.87
CA HIS A 49 -2.00 10.64 -11.84
C HIS A 49 -2.83 9.36 -11.73
N SER A 50 -2.33 8.48 -10.89
CA SER A 50 -3.00 7.17 -10.66
C SER A 50 -2.83 6.75 -9.20
N THR A 51 -3.38 5.61 -8.83
CA THR A 51 -3.26 5.11 -7.43
C THR A 51 -3.32 3.58 -7.42
N VAL A 52 -2.74 2.95 -6.41
CA VAL A 52 -2.80 1.45 -6.33
C VAL A 52 -3.64 1.11 -5.09
N ASP A 53 -4.57 0.20 -5.22
CA ASP A 53 -5.48 -0.17 -4.07
C ASP A 53 -5.12 -1.56 -3.50
N PHE A 54 -5.17 -1.70 -2.18
CA PHE A 54 -4.81 -3.01 -1.50
C PHE A 54 -5.96 -3.44 -0.58
N ARG A 55 -5.79 -4.53 0.14
CA ARG A 55 -6.89 -4.99 1.06
C ARG A 55 -6.33 -5.27 2.47
N VAL A 56 -7.21 -5.61 3.38
CA VAL A 56 -6.78 -5.88 4.78
C VAL A 56 -5.91 -7.13 4.91
N LYS A 57 -5.13 -7.16 5.97
CA LYS A 57 -4.24 -8.30 6.22
C LYS A 57 -3.65 -8.13 7.63
N ALA A 58 -3.09 -9.15 8.22
CA ALA A 58 -2.53 -8.95 9.60
C ALA A 58 -1.33 -9.84 9.88
N GLU A 59 -0.56 -9.96 8.87
CA GLU A 59 0.68 -10.79 8.94
C GLU A 59 1.92 -9.88 8.89
N ASP A 60 1.97 -9.03 7.90
CA ASP A 60 3.16 -8.12 7.76
C ASP A 60 2.79 -6.65 7.98
N ILE A 61 1.55 -6.30 7.66
CA ILE A 61 1.04 -4.88 7.81
C ILE A 61 2.19 -3.87 8.01
N LEU A 62 2.65 -3.82 9.23
CA LEU A 62 3.78 -2.91 9.60
C LEU A 62 4.74 -2.64 8.44
N ALA A 63 5.20 -3.69 7.81
CA ALA A 63 6.16 -3.49 6.68
C ALA A 63 5.59 -2.64 5.55
N VAL A 64 4.36 -2.89 5.19
CA VAL A 64 3.77 -2.08 4.08
C VAL A 64 3.55 -0.68 4.60
N GLU A 65 2.87 -0.65 5.72
CA GLU A 65 2.55 0.64 6.38
C GLU A 65 3.84 1.48 6.52
N ASP A 66 4.89 0.81 6.96
CA ASP A 66 6.20 1.50 7.15
C ASP A 66 6.82 1.82 5.80
N PHE A 67 6.88 0.85 4.94
CA PHE A 67 7.47 1.08 3.59
C PHE A 67 6.81 2.29 2.92
N LEU A 68 5.55 2.40 3.15
CA LEU A 68 4.79 3.54 2.56
C LEU A 68 4.97 4.79 3.40
N GLU A 69 4.96 4.64 4.69
CA GLU A 69 5.11 5.82 5.57
C GLU A 69 6.56 6.24 5.70
N GLN A 70 7.37 5.38 6.24
CA GLN A 70 8.82 5.72 6.40
C GLN A 70 9.39 6.50 5.21
N ASN A 71 8.91 6.23 4.03
CA ASN A 71 9.43 6.97 2.84
C ASN A 71 8.51 8.14 2.47
N GLU A 72 7.22 7.94 2.62
CA GLU A 72 6.19 8.97 2.25
C GLU A 72 5.81 8.69 0.80
N LEU A 73 5.07 7.63 0.63
CA LEU A 73 4.65 7.26 -0.74
C LEU A 73 3.19 7.63 -0.98
N GLN A 74 2.89 8.89 -0.75
CA GLN A 74 1.52 9.47 -0.97
C GLN A 74 0.44 8.41 -0.83
N TYR A 75 0.38 7.81 0.33
CA TYR A 75 -0.62 6.74 0.56
C TYR A 75 -1.64 7.23 1.60
N GLU A 76 -2.82 6.70 1.49
CA GLU A 76 -3.91 7.07 2.43
C GLU A 76 -4.54 5.77 2.96
N VAL A 77 -5.30 5.90 4.02
CA VAL A 77 -5.96 4.71 4.62
C VAL A 77 -7.49 4.92 4.52
N LEU A 78 -8.19 3.93 4.00
CA LEU A 78 -9.67 4.06 3.85
C LEU A 78 -10.36 4.67 5.06
N ILE A 79 -10.00 4.23 6.24
CA ILE A 79 -10.62 4.75 7.44
C ILE A 79 -9.47 5.33 8.26
N ASN A 80 -9.81 5.84 9.36
CA ASN A 80 -8.80 6.45 10.26
C ASN A 80 -8.68 5.64 11.54
N ASN A 81 -8.51 4.36 11.37
CA ASN A 81 -8.35 3.47 12.55
C ASN A 81 -7.28 2.44 12.22
N HIS A 1 -4.81 5.17 18.08
CA HIS A 1 -5.47 4.00 17.42
C HIS A 1 -4.37 3.03 17.00
N HIS A 2 -4.76 1.85 16.61
CA HIS A 2 -3.78 0.82 16.17
C HIS A 2 -4.08 0.49 14.71
N SER A 3 -3.27 -0.32 14.11
CA SER A 3 -3.53 -0.67 12.69
C SER A 3 -4.38 -1.93 12.63
N GLY A 4 -5.57 -1.87 13.16
CA GLY A 4 -6.46 -3.07 13.15
C GLY A 4 -7.18 -3.24 14.49
N GLU A 5 -8.32 -3.89 14.47
CA GLU A 5 -9.10 -4.08 15.73
C GLU A 5 -9.61 -5.53 15.83
N HIS A 6 -10.58 -5.80 15.01
CA HIS A 6 -11.21 -7.14 14.94
C HIS A 6 -11.29 -7.58 13.48
N PHE A 7 -11.56 -6.66 12.59
CA PHE A 7 -11.64 -7.04 11.15
C PHE A 7 -10.20 -7.17 10.66
N GLU A 8 -9.54 -8.17 11.16
CA GLU A 8 -8.12 -8.38 10.80
C GLU A 8 -7.99 -9.45 9.72
N GLY A 9 -6.83 -9.98 9.57
CA GLY A 9 -6.65 -11.01 8.50
C GLY A 9 -6.48 -10.29 7.17
N GLU A 10 -7.59 -9.85 6.60
CA GLU A 10 -7.52 -9.14 5.29
C GLU A 10 -8.04 -7.73 5.45
N LYS A 11 -7.30 -6.77 4.93
CA LYS A 11 -7.71 -5.34 5.04
C LYS A 11 -7.44 -4.62 3.71
N VAL A 12 -7.94 -3.40 3.53
CA VAL A 12 -7.64 -2.69 2.23
C VAL A 12 -6.95 -1.35 2.50
N PHE A 13 -6.29 -0.79 1.51
CA PHE A 13 -5.57 0.52 1.67
C PHE A 13 -5.80 1.42 0.44
N ARG A 14 -5.57 2.71 0.57
CA ARG A 14 -5.73 3.63 -0.61
C ARG A 14 -4.37 4.34 -0.83
N VAL A 15 -3.62 3.87 -1.82
CA VAL A 15 -2.28 4.48 -2.10
C VAL A 15 -2.39 5.42 -3.31
N ASN A 16 -1.67 6.53 -3.28
CA ASN A 16 -1.76 7.45 -4.46
C ASN A 16 -0.38 7.61 -5.10
N VAL A 17 -0.38 8.18 -6.28
CA VAL A 17 0.91 8.38 -7.00
C VAL A 17 1.04 9.84 -7.43
N GLU A 18 2.15 10.43 -7.09
CA GLU A 18 2.42 11.83 -7.47
C GLU A 18 3.45 11.85 -8.59
N ASP A 19 4.47 11.04 -8.42
CA ASP A 19 5.56 10.98 -9.44
C ASP A 19 5.78 9.52 -9.81
N GLU A 20 6.93 9.25 -10.36
CA GLU A 20 7.26 7.86 -10.73
C GLU A 20 7.64 7.14 -9.45
N ASN A 21 8.25 7.86 -8.55
CA ASN A 21 8.65 7.28 -7.24
C ASN A 21 7.53 6.40 -6.67
N ASP A 22 6.41 7.03 -6.54
CA ASP A 22 5.21 6.36 -5.95
C ASP A 22 4.76 5.11 -6.73
N ILE A 23 5.32 4.94 -7.90
CA ILE A 23 4.99 3.74 -8.74
C ILE A 23 6.17 2.77 -8.60
N SER A 24 7.31 3.27 -8.99
CA SER A 24 8.55 2.47 -8.90
C SER A 24 8.56 1.78 -7.53
N GLU A 25 8.26 2.56 -6.53
CA GLU A 25 8.20 2.01 -5.14
C GLU A 25 7.33 0.76 -5.09
N LEU A 26 6.16 0.84 -5.67
CA LEU A 26 5.27 -0.33 -5.68
C LEU A 26 5.94 -1.48 -6.42
N HIS A 27 6.64 -1.14 -7.48
CA HIS A 27 7.33 -2.18 -8.28
C HIS A 27 8.41 -2.86 -7.43
N GLU A 28 9.27 -2.05 -6.86
CA GLU A 28 10.38 -2.49 -6.02
C GLU A 28 9.94 -3.58 -5.02
N LEU A 29 8.79 -3.38 -4.44
CA LEU A 29 8.26 -4.35 -3.43
C LEU A 29 7.93 -5.70 -4.10
N ALA A 30 7.48 -5.66 -5.33
CA ALA A 30 7.16 -6.95 -6.05
C ALA A 30 8.25 -8.00 -5.74
N SER A 31 9.47 -7.55 -5.83
CA SER A 31 10.65 -8.43 -5.54
C SER A 31 10.37 -9.41 -4.39
N THR A 32 9.88 -8.90 -3.29
CA THR A 32 9.58 -9.78 -2.13
C THR A 32 8.07 -9.89 -1.94
N ARG A 33 7.35 -9.25 -2.83
CA ARG A 33 5.85 -9.22 -2.83
C ARG A 33 5.22 -9.42 -1.43
N GLN A 34 5.82 -8.80 -0.44
CA GLN A 34 5.31 -8.93 0.97
C GLN A 34 3.89 -8.34 1.08
N ILE A 35 3.54 -7.57 0.10
CA ILE A 35 2.20 -6.93 0.06
C ILE A 35 1.45 -7.48 -1.14
N ASP A 36 0.25 -7.01 -1.33
CA ASP A 36 -0.54 -7.46 -2.49
C ASP A 36 -1.26 -6.26 -3.09
N PHE A 37 -1.91 -6.46 -4.19
CA PHE A 37 -2.63 -5.34 -4.86
C PHE A 37 -4.09 -5.74 -5.11
N TRP A 38 -4.84 -4.93 -5.80
CA TRP A 38 -6.27 -5.32 -6.05
C TRP A 38 -6.83 -4.63 -7.29
N LYS A 39 -6.96 -3.34 -7.20
CA LYS A 39 -7.50 -2.55 -8.35
C LYS A 39 -6.51 -1.40 -8.67
N PRO A 40 -5.48 -1.68 -9.42
CA PRO A 40 -5.29 -2.95 -10.14
C PRO A 40 -4.60 -4.01 -9.27
N ASP A 41 -4.37 -5.11 -9.89
CA ASP A 41 -3.69 -6.26 -9.26
C ASP A 41 -2.22 -6.24 -9.70
N SER A 42 -2.06 -5.85 -10.95
CA SER A 42 -0.70 -5.73 -11.56
C SER A 42 -0.34 -4.24 -11.67
N VAL A 43 0.83 -3.88 -11.19
CA VAL A 43 1.25 -2.43 -11.22
C VAL A 43 2.19 -2.20 -12.42
N THR A 44 1.63 -2.40 -13.58
CA THR A 44 2.41 -2.22 -14.84
C THR A 44 1.77 -1.19 -15.78
N GLN A 45 0.72 -0.54 -15.35
CA GLN A 45 0.05 0.49 -16.21
C GLN A 45 -0.36 1.71 -15.38
N ILE A 46 0.25 1.86 -14.24
CA ILE A 46 -0.10 3.02 -13.37
C ILE A 46 0.90 4.14 -13.65
N LYS A 47 0.37 5.33 -13.76
CA LYS A 47 1.23 6.53 -14.02
C LYS A 47 1.06 7.52 -12.86
N PRO A 48 1.82 8.60 -12.84
CA PRO A 48 1.63 9.69 -11.85
C PRO A 48 0.19 10.24 -11.88
N HIS A 49 -0.14 11.06 -10.92
CA HIS A 49 -1.52 11.67 -10.84
C HIS A 49 -2.60 10.60 -11.05
N SER A 50 -2.37 9.47 -10.42
CA SER A 50 -3.32 8.34 -10.51
C SER A 50 -3.54 7.77 -9.11
N THR A 51 -4.57 7.00 -8.98
CA THR A 51 -4.86 6.38 -7.66
C THR A 51 -5.03 4.87 -7.85
N VAL A 52 -4.67 4.11 -6.87
CA VAL A 52 -4.82 2.64 -6.99
C VAL A 52 -5.41 2.07 -5.71
N ASP A 53 -5.95 0.91 -5.84
CA ASP A 53 -6.53 0.21 -4.69
C ASP A 53 -5.54 -0.92 -4.41
N PHE A 54 -4.84 -0.72 -3.33
CA PHE A 54 -3.78 -1.66 -2.88
C PHE A 54 -4.36 -2.64 -1.87
N ARG A 55 -3.78 -3.81 -1.77
CA ARG A 55 -4.34 -4.84 -0.83
C ARG A 55 -3.39 -5.12 0.32
N VAL A 56 -3.94 -5.15 1.51
CA VAL A 56 -3.15 -5.42 2.71
C VAL A 56 -3.87 -6.46 3.60
N LYS A 57 -3.21 -6.78 4.68
CA LYS A 57 -3.75 -7.75 5.66
C LYS A 57 -3.73 -7.07 7.03
N ALA A 58 -3.60 -7.85 8.06
CA ALA A 58 -3.52 -7.30 9.45
C ALA A 58 -2.34 -7.98 10.16
N GLU A 59 -2.24 -7.80 11.46
CA GLU A 59 -1.13 -8.45 12.26
C GLU A 59 0.26 -7.85 12.01
N ASP A 60 0.59 -7.57 10.78
CA ASP A 60 1.95 -7.02 10.49
C ASP A 60 1.90 -5.56 10.02
N ILE A 61 0.86 -5.21 9.28
CA ILE A 61 0.67 -3.82 8.71
C ILE A 61 1.87 -2.91 9.00
N LEU A 62 2.06 -2.58 10.25
CA LEU A 62 3.23 -1.72 10.65
C LEU A 62 4.40 -1.90 9.66
N ALA A 63 4.72 -3.14 9.38
CA ALA A 63 5.83 -3.43 8.43
C ALA A 63 5.57 -2.78 7.08
N VAL A 64 4.43 -3.04 6.50
CA VAL A 64 4.11 -2.42 5.17
C VAL A 64 4.13 -0.90 5.33
N GLU A 65 3.44 -0.43 6.35
CA GLU A 65 3.41 1.05 6.59
C GLU A 65 4.82 1.62 6.44
N ASP A 66 5.77 1.02 7.13
CA ASP A 66 7.18 1.50 7.02
C ASP A 66 7.53 1.82 5.57
N PHE A 67 7.27 0.86 4.72
CA PHE A 67 7.58 1.02 3.26
C PHE A 67 6.76 2.17 2.66
N LEU A 68 5.49 2.16 2.93
CA LEU A 68 4.62 3.25 2.38
C LEU A 68 4.90 4.59 3.06
N GLU A 69 5.62 4.54 4.14
CA GLU A 69 5.96 5.76 4.92
C GLU A 69 7.40 6.21 4.67
N GLN A 70 8.34 5.49 5.22
CA GLN A 70 9.79 5.85 5.03
C GLN A 70 10.03 6.40 3.64
N ASN A 71 9.43 5.74 2.69
CA ASN A 71 9.58 6.17 1.26
C ASN A 71 8.53 7.23 0.96
N GLU A 72 7.38 7.03 1.56
CA GLU A 72 6.22 7.97 1.44
C GLU A 72 5.51 7.88 0.09
N LEU A 73 4.56 6.97 0.01
CA LEU A 73 3.79 6.81 -1.24
C LEU A 73 2.38 7.35 -1.01
N GLN A 74 2.32 8.61 -0.63
CA GLN A 74 1.02 9.34 -0.38
C GLN A 74 -0.18 8.40 -0.27
N TYR A 75 -0.25 7.70 0.82
CA TYR A 75 -1.39 6.77 1.03
C TYR A 75 -2.08 7.15 2.34
N GLU A 76 -3.28 6.68 2.50
CA GLU A 76 -4.05 6.98 3.74
C GLU A 76 -4.93 5.77 4.07
N VAL A 77 -5.42 5.73 5.28
CA VAL A 77 -6.29 4.60 5.71
C VAL A 77 -7.72 5.12 5.97
N LEU A 78 -8.35 5.55 4.90
CA LEU A 78 -9.75 6.10 4.94
C LEU A 78 -10.55 5.67 6.19
N ILE A 79 -10.73 4.37 6.29
CA ILE A 79 -11.46 3.76 7.40
C ILE A 79 -10.53 2.65 7.86
N ASN A 80 -10.90 1.97 8.88
CA ASN A 80 -10.04 0.88 9.44
C ASN A 80 -10.50 -0.50 8.92
N ASN A 81 -10.61 -0.58 7.62
CA ASN A 81 -11.04 -1.85 6.98
C ASN A 81 -9.92 -2.29 6.03
N HIS A 1 -7.21 -1.52 23.33
CA HIS A 1 -8.05 -0.29 23.38
C HIS A 1 -7.16 0.93 23.08
N HIS A 2 -6.51 0.90 21.95
CA HIS A 2 -5.62 2.03 21.56
C HIS A 2 -5.85 2.36 20.09
N SER A 3 -5.73 1.36 19.27
CA SER A 3 -5.93 1.57 17.81
C SER A 3 -6.55 0.32 17.16
N GLY A 4 -5.92 -0.82 17.35
CA GLY A 4 -6.48 -2.05 16.70
C GLY A 4 -6.26 -3.32 17.53
N GLU A 5 -6.87 -3.41 18.68
CA GLU A 5 -6.71 -4.65 19.51
C GLU A 5 -7.93 -5.51 19.24
N HIS A 6 -8.14 -5.78 17.98
CA HIS A 6 -9.32 -6.59 17.55
C HIS A 6 -8.89 -7.58 16.45
N PHE A 7 -9.85 -8.25 15.85
CA PHE A 7 -9.50 -9.22 14.77
C PHE A 7 -10.37 -9.03 13.52
N GLU A 8 -9.93 -8.19 12.63
CA GLU A 8 -10.70 -7.96 11.36
C GLU A 8 -10.28 -9.03 10.35
N GLY A 9 -9.03 -9.44 10.48
CA GLY A 9 -8.48 -10.50 9.59
C GLY A 9 -7.77 -9.91 8.39
N GLU A 10 -8.51 -9.23 7.56
CA GLU A 10 -7.91 -8.59 6.34
C GLU A 10 -8.59 -7.23 6.12
N LYS A 11 -7.90 -6.31 5.50
CA LYS A 11 -8.49 -4.95 5.25
C LYS A 11 -8.04 -4.43 3.87
N VAL A 12 -8.43 -3.23 3.54
CA VAL A 12 -8.04 -2.61 2.24
C VAL A 12 -7.27 -1.33 2.57
N PHE A 13 -6.29 -1.01 1.78
CA PHE A 13 -5.49 0.23 2.05
C PHE A 13 -5.34 0.99 0.73
N ARG A 14 -5.16 2.28 0.79
CA ARG A 14 -4.99 3.04 -0.48
C ARG A 14 -3.68 3.83 -0.46
N VAL A 15 -3.06 3.87 -1.61
CA VAL A 15 -1.77 4.61 -1.77
C VAL A 15 -1.94 5.55 -2.97
N ASN A 16 -1.10 6.54 -3.07
CA ASN A 16 -1.22 7.49 -4.22
C ASN A 16 0.05 7.38 -5.07
N VAL A 17 -0.02 7.87 -6.27
CA VAL A 17 1.16 7.82 -7.20
C VAL A 17 1.31 9.17 -7.85
N GLU A 18 2.39 9.87 -7.62
CA GLU A 18 2.49 11.19 -8.30
C GLU A 18 3.25 11.02 -9.63
N ASP A 19 4.29 10.21 -9.63
CA ASP A 19 5.07 9.99 -10.92
C ASP A 19 6.00 8.81 -10.79
N GLU A 20 7.02 8.88 -11.60
CA GLU A 20 8.06 7.82 -11.61
C GLU A 20 8.44 7.44 -10.18
N ASN A 21 8.87 8.42 -9.43
CA ASN A 21 9.30 8.16 -8.02
C ASN A 21 8.40 7.10 -7.35
N ASP A 22 7.16 7.44 -7.22
CA ASP A 22 6.17 6.51 -6.61
C ASP A 22 6.21 5.17 -7.33
N ILE A 23 6.19 5.22 -8.63
CA ILE A 23 6.23 3.95 -9.40
C ILE A 23 7.47 3.16 -9.01
N SER A 24 8.63 3.74 -9.23
CA SER A 24 9.91 3.06 -8.88
C SER A 24 9.75 2.33 -7.54
N GLU A 25 9.28 3.09 -6.59
CA GLU A 25 9.04 2.57 -5.20
C GLU A 25 7.95 1.48 -5.20
N LEU A 26 6.73 1.88 -5.46
CA LEU A 26 5.62 0.93 -5.51
C LEU A 26 6.03 -0.36 -6.22
N HIS A 27 6.87 -0.20 -7.21
CA HIS A 27 7.40 -1.37 -7.98
C HIS A 27 8.27 -2.17 -7.04
N GLU A 28 9.33 -1.52 -6.59
CA GLU A 28 10.31 -2.11 -5.63
C GLU A 28 9.63 -3.20 -4.79
N LEU A 29 8.61 -2.75 -4.11
CA LEU A 29 7.79 -3.62 -3.22
C LEU A 29 7.47 -4.99 -3.82
N ALA A 30 6.80 -5.00 -4.94
CA ALA A 30 6.39 -6.29 -5.62
C ALA A 30 7.42 -7.40 -5.36
N SER A 31 8.68 -7.06 -5.51
CA SER A 31 9.77 -8.05 -5.26
C SER A 31 9.52 -8.88 -4.00
N THR A 32 9.23 -8.22 -2.92
CA THR A 32 8.97 -8.96 -1.64
C THR A 32 7.46 -9.04 -1.34
N ARG A 33 6.70 -8.84 -2.38
CA ARG A 33 5.20 -8.87 -2.33
C ARG A 33 4.60 -9.23 -0.96
N GLN A 34 4.74 -8.36 0.03
CA GLN A 34 4.14 -8.68 1.38
C GLN A 34 2.64 -8.37 1.35
N ILE A 35 2.21 -7.74 0.30
CA ILE A 35 0.78 -7.37 0.14
C ILE A 35 0.19 -7.90 -1.15
N ASP A 36 -1.06 -7.55 -1.36
CA ASP A 36 -1.81 -7.93 -2.60
C ASP A 36 -2.42 -6.64 -3.15
N PHE A 37 -2.78 -6.62 -4.41
CA PHE A 37 -3.39 -5.39 -4.99
C PHE A 37 -4.86 -5.68 -5.29
N TRP A 38 -5.62 -4.64 -5.47
CA TRP A 38 -7.09 -4.81 -5.77
C TRP A 38 -7.45 -3.95 -6.99
N LYS A 39 -7.05 -2.70 -6.95
CA LYS A 39 -7.33 -1.76 -8.09
C LYS A 39 -6.13 -0.83 -8.30
N PRO A 40 -5.46 -0.87 -9.44
CA PRO A 40 -5.66 -1.88 -10.52
C PRO A 40 -5.23 -3.28 -10.03
N ASP A 41 -4.69 -4.08 -10.92
CA ASP A 41 -4.27 -5.46 -10.53
C ASP A 41 -2.73 -5.56 -10.46
N SER A 42 -2.08 -5.10 -11.49
CA SER A 42 -0.60 -5.18 -11.52
C SER A 42 0.04 -3.86 -11.09
N VAL A 43 1.32 -3.90 -10.88
CA VAL A 43 2.06 -2.69 -10.43
C VAL A 43 2.76 -1.98 -11.60
N THR A 44 2.89 -2.71 -12.68
CA THR A 44 3.53 -2.18 -13.92
C THR A 44 2.48 -1.48 -14.78
N GLN A 45 1.24 -1.78 -14.49
CA GLN A 45 0.14 -1.17 -15.29
C GLN A 45 -0.49 -0.04 -14.47
N ILE A 46 0.38 0.84 -14.07
CA ILE A 46 -0.01 2.02 -13.26
C ILE A 46 0.63 3.25 -13.92
N LYS A 47 0.07 4.40 -13.68
CA LYS A 47 0.64 5.64 -14.28
C LYS A 47 0.72 6.72 -13.17
N PRO A 48 1.47 7.77 -13.41
CA PRO A 48 1.53 8.95 -12.51
C PRO A 48 0.13 9.43 -12.07
N HIS A 49 0.16 10.27 -11.05
CA HIS A 49 -1.09 10.86 -10.47
C HIS A 49 -2.27 9.89 -10.54
N SER A 50 -2.06 8.76 -9.92
CA SER A 50 -3.13 7.71 -9.89
C SER A 50 -3.32 7.21 -8.47
N THR A 51 -4.42 6.52 -8.27
CA THR A 51 -4.73 5.96 -6.93
C THR A 51 -4.72 4.43 -7.02
N VAL A 52 -3.98 3.82 -6.14
CA VAL A 52 -3.90 2.34 -6.14
C VAL A 52 -4.53 1.82 -4.84
N ASP A 53 -5.13 0.67 -4.92
CA ASP A 53 -5.79 0.10 -3.71
C ASP A 53 -5.18 -1.24 -3.39
N PHE A 54 -4.67 -1.37 -2.19
CA PHE A 54 -4.04 -2.65 -1.78
C PHE A 54 -4.93 -3.38 -0.80
N ARG A 55 -4.58 -4.63 -0.59
CA ARG A 55 -5.32 -5.51 0.37
C ARG A 55 -4.31 -5.97 1.43
N VAL A 56 -4.59 -5.68 2.66
CA VAL A 56 -3.65 -6.08 3.73
C VAL A 56 -4.18 -7.31 4.46
N LYS A 57 -3.26 -8.04 5.03
CA LYS A 57 -3.62 -9.26 5.79
C LYS A 57 -3.55 -8.95 7.30
N ALA A 58 -2.82 -7.90 7.65
CA ALA A 58 -2.67 -7.42 9.08
C ALA A 58 -1.19 -7.48 9.47
N GLU A 59 -0.66 -8.67 9.49
CA GLU A 59 0.78 -8.88 9.84
C GLU A 59 1.69 -8.04 8.92
N ASP A 60 1.25 -7.86 7.69
CA ASP A 60 2.03 -7.06 6.69
C ASP A 60 1.84 -5.56 6.91
N ILE A 61 0.62 -5.16 7.23
CA ILE A 61 0.32 -3.70 7.44
C ILE A 61 1.55 -2.96 7.97
N LEU A 62 2.02 -3.35 9.13
CA LEU A 62 3.22 -2.69 9.73
C LEU A 62 4.24 -2.36 8.64
N ALA A 63 4.57 -3.37 7.87
CA ALA A 63 5.58 -3.17 6.79
C ALA A 63 5.02 -2.21 5.74
N VAL A 64 3.76 -2.33 5.45
CA VAL A 64 3.18 -1.41 4.43
C VAL A 64 3.30 0.02 4.96
N GLU A 65 2.79 0.25 6.14
CA GLU A 65 2.87 1.62 6.71
C GLU A 65 4.34 2.07 6.66
N ASP A 66 5.20 1.28 7.24
CA ASP A 66 6.66 1.61 7.27
C ASP A 66 7.15 1.86 5.82
N PHE A 67 7.10 0.82 5.04
CA PHE A 67 7.53 0.88 3.61
C PHE A 67 7.08 2.17 2.94
N LEU A 68 5.81 2.41 3.02
CA LEU A 68 5.27 3.64 2.36
C LEU A 68 5.71 4.88 3.13
N GLU A 69 5.24 4.99 4.34
CA GLU A 69 5.57 6.17 5.20
C GLU A 69 7.03 6.60 5.11
N GLN A 70 7.91 5.65 5.26
CA GLN A 70 9.38 5.93 5.18
C GLN A 70 9.69 6.87 4.02
N ASN A 71 9.05 6.60 2.91
CA ASN A 71 9.27 7.43 1.70
C ASN A 71 8.02 8.25 1.44
N GLU A 72 7.13 8.19 2.41
CA GLU A 72 5.82 8.91 2.39
C GLU A 72 4.82 8.14 1.55
N LEU A 73 5.30 7.80 0.40
CA LEU A 73 4.51 7.08 -0.66
C LEU A 73 3.01 7.20 -0.37
N GLN A 74 2.66 8.48 -0.25
CA GLN A 74 1.26 8.95 0.03
C GLN A 74 0.25 7.81 0.24
N TYR A 75 -0.01 7.49 1.49
CA TYR A 75 -0.98 6.38 1.80
C TYR A 75 -2.13 6.91 2.66
N GLU A 76 -3.24 6.17 2.68
CA GLU A 76 -4.40 6.59 3.52
C GLU A 76 -5.35 5.40 3.76
N VAL A 77 -6.04 5.42 4.88
CA VAL A 77 -7.01 4.33 5.20
C VAL A 77 -8.40 5.00 5.41
N LEU A 78 -9.47 4.33 5.03
CA LEU A 78 -10.81 4.99 5.20
C LEU A 78 -11.84 4.13 5.95
N ILE A 79 -11.44 3.50 7.01
CA ILE A 79 -12.40 2.68 7.78
C ILE A 79 -12.04 2.83 9.25
N ASN A 80 -13.04 3.11 10.03
CA ASN A 80 -12.86 3.27 11.52
C ASN A 80 -11.67 2.45 12.04
N ASN A 81 -11.59 1.23 11.59
CA ASN A 81 -10.48 0.32 12.00
C ASN A 81 -9.74 -0.17 10.76
N HIS A 1 -5.99 -7.84 14.90
CA HIS A 1 -4.62 -7.30 14.64
C HIS A 1 -4.25 -6.30 15.76
N HIS A 2 -5.06 -5.28 15.97
CA HIS A 2 -4.73 -4.29 17.05
C HIS A 2 -5.69 -4.42 18.23
N SER A 3 -5.26 -3.91 19.36
CA SER A 3 -6.12 -3.97 20.59
C SER A 3 -7.50 -3.40 20.29
N GLY A 4 -8.51 -4.13 20.67
CA GLY A 4 -9.91 -3.65 20.42
C GLY A 4 -10.48 -4.40 19.23
N GLU A 5 -9.60 -4.74 18.32
CA GLU A 5 -10.00 -5.46 17.08
C GLU A 5 -9.81 -6.98 17.28
N HIS A 6 -10.92 -7.67 17.31
CA HIS A 6 -10.87 -9.16 17.50
C HIS A 6 -11.31 -9.90 16.24
N PHE A 7 -12.55 -9.73 15.85
CA PHE A 7 -13.04 -10.45 14.62
C PHE A 7 -12.94 -9.55 13.39
N GLU A 8 -11.75 -9.01 13.21
CA GLU A 8 -11.48 -8.11 12.03
C GLU A 8 -10.05 -8.35 11.57
N GLY A 9 -9.62 -7.67 10.53
CA GLY A 9 -8.22 -7.88 10.05
C GLY A 9 -8.13 -7.84 8.53
N GLU A 10 -9.16 -8.34 7.89
CA GLU A 10 -9.16 -8.33 6.41
C GLU A 10 -9.56 -6.92 5.96
N LYS A 11 -8.64 -6.02 6.15
CA LYS A 11 -8.87 -4.60 5.80
C LYS A 11 -8.31 -4.33 4.39
N VAL A 12 -8.59 -3.17 3.90
CA VAL A 12 -8.10 -2.77 2.55
C VAL A 12 -7.09 -1.64 2.75
N PHE A 13 -6.19 -1.48 1.82
CA PHE A 13 -5.18 -0.38 1.97
C PHE A 13 -5.00 0.32 0.65
N ARG A 14 -4.42 1.47 0.72
CA ARG A 14 -4.17 2.23 -0.54
C ARG A 14 -2.90 3.03 -0.42
N VAL A 15 -2.34 3.25 -1.55
CA VAL A 15 -1.10 4.03 -1.64
C VAL A 15 -1.31 4.97 -2.82
N ASN A 16 -0.69 6.10 -2.79
CA ASN A 16 -0.87 7.03 -3.92
C ASN A 16 0.35 6.97 -4.81
N VAL A 17 0.24 7.65 -5.90
CA VAL A 17 1.36 7.65 -6.86
C VAL A 17 1.57 9.06 -7.40
N GLU A 18 2.23 9.90 -6.65
CA GLU A 18 2.45 11.28 -7.15
C GLU A 18 2.95 11.19 -8.60
N ASP A 19 3.87 10.29 -8.82
CA ASP A 19 4.44 10.11 -10.19
C ASP A 19 5.44 8.95 -10.14
N GLU A 20 6.25 8.86 -11.15
CA GLU A 20 7.27 7.79 -11.21
C GLU A 20 7.93 7.56 -9.85
N ASN A 21 8.06 8.61 -9.06
CA ASN A 21 8.67 8.44 -7.69
C ASN A 21 8.02 7.28 -6.98
N ASP A 22 6.73 7.38 -6.93
CA ASP A 22 5.88 6.37 -6.25
C ASP A 22 5.90 5.06 -7.02
N ILE A 23 5.79 5.16 -8.32
CA ILE A 23 5.80 3.93 -9.14
C ILE A 23 7.10 3.18 -8.91
N SER A 24 8.17 3.93 -8.79
CA SER A 24 9.50 3.31 -8.55
C SER A 24 9.47 2.64 -7.18
N GLU A 25 8.91 3.34 -6.23
CA GLU A 25 8.81 2.76 -4.85
C GLU A 25 7.95 1.50 -4.88
N LEU A 26 6.70 1.64 -5.23
CA LEU A 26 5.81 0.48 -5.27
C LEU A 26 6.47 -0.68 -6.04
N HIS A 27 7.07 -0.37 -7.17
CA HIS A 27 7.76 -1.42 -7.98
C HIS A 27 8.52 -2.39 -7.09
N GLU A 28 9.44 -1.85 -6.34
CA GLU A 28 10.25 -2.69 -5.42
C GLU A 28 9.34 -3.63 -4.59
N LEU A 29 8.20 -3.13 -4.20
CA LEU A 29 7.26 -3.94 -3.37
C LEU A 29 6.14 -4.53 -4.24
N ALA A 30 6.46 -4.79 -5.48
CA ALA A 30 5.44 -5.38 -6.40
C ALA A 30 5.84 -6.82 -6.74
N SER A 31 7.11 -7.14 -6.57
CA SER A 31 7.59 -8.53 -6.86
C SER A 31 7.68 -9.30 -5.53
N THR A 32 8.41 -8.71 -4.62
CA THR A 32 8.57 -9.34 -3.28
C THR A 32 7.44 -8.79 -2.42
N ARG A 33 6.27 -8.94 -2.98
CA ARG A 33 5.03 -8.45 -2.32
C ARG A 33 4.69 -9.20 -1.04
N GLN A 34 4.08 -8.46 -0.15
CA GLN A 34 3.59 -9.00 1.16
C GLN A 34 2.09 -8.65 1.21
N ILE A 35 1.66 -8.06 0.12
CA ILE A 35 0.25 -7.60 -0.06
C ILE A 35 -0.20 -7.91 -1.49
N ASP A 36 -1.48 -8.04 -1.73
CA ASP A 36 -1.89 -8.32 -3.14
C ASP A 36 -2.62 -7.10 -3.66
N PHE A 37 -2.80 -7.02 -4.95
CA PHE A 37 -3.45 -5.79 -5.51
C PHE A 37 -4.81 -6.09 -6.15
N TRP A 38 -5.59 -5.06 -6.26
CA TRP A 38 -6.94 -5.20 -6.89
C TRP A 38 -6.99 -4.30 -8.12
N LYS A 39 -6.63 -3.05 -7.95
CA LYS A 39 -6.62 -2.13 -9.12
C LYS A 39 -5.42 -1.16 -9.06
N PRO A 40 -4.69 -1.04 -10.14
CA PRO A 40 -4.54 -2.11 -11.19
C PRO A 40 -4.03 -3.43 -10.59
N ASP A 41 -4.01 -4.46 -11.37
CA ASP A 41 -3.55 -5.79 -10.87
C ASP A 41 -2.02 -5.89 -10.94
N SER A 42 -1.50 -5.55 -12.09
CA SER A 42 -0.02 -5.61 -12.27
C SER A 42 0.59 -4.22 -12.16
N VAL A 43 1.57 -4.12 -11.29
CA VAL A 43 2.30 -2.83 -11.04
C VAL A 43 2.65 -2.05 -12.32
N THR A 44 3.07 -2.77 -13.33
CA THR A 44 3.49 -2.13 -14.62
C THR A 44 2.36 -1.38 -15.34
N GLN A 45 1.34 -1.02 -14.63
CA GLN A 45 0.23 -0.25 -15.27
C GLN A 45 0.01 1.05 -14.54
N ILE A 46 0.31 1.05 -13.26
CA ILE A 46 0.13 2.29 -12.44
C ILE A 46 0.78 3.49 -13.12
N LYS A 47 0.18 4.62 -12.96
CA LYS A 47 0.71 5.87 -13.56
C LYS A 47 0.90 6.89 -12.43
N PRO A 48 1.47 8.03 -12.74
CA PRO A 48 1.32 9.22 -11.88
C PRO A 48 -0.16 9.51 -11.56
N HIS A 49 -0.36 10.17 -10.46
CA HIS A 49 -1.71 10.57 -9.97
C HIS A 49 -2.85 9.69 -10.55
N SER A 50 -2.75 8.41 -10.29
CA SER A 50 -3.81 7.46 -10.77
C SER A 50 -4.50 6.82 -9.55
N THR A 51 -3.70 6.09 -8.79
CA THR A 51 -4.13 5.40 -7.51
C THR A 51 -3.92 3.88 -7.62
N VAL A 52 -3.80 3.26 -6.47
CA VAL A 52 -3.61 1.78 -6.41
C VAL A 52 -4.28 1.24 -5.14
N ASP A 53 -5.02 0.17 -5.26
CA ASP A 53 -5.67 -0.41 -4.04
C ASP A 53 -5.28 -1.87 -3.89
N PHE A 54 -4.64 -2.16 -2.79
CA PHE A 54 -4.23 -3.57 -2.53
C PHE A 54 -4.92 -4.04 -1.25
N ARG A 55 -4.83 -5.31 -0.98
CA ARG A 55 -5.50 -5.84 0.24
C ARG A 55 -4.45 -6.25 1.28
N VAL A 56 -4.70 -5.92 2.54
CA VAL A 56 -3.75 -6.24 3.61
C VAL A 56 -4.44 -6.96 4.79
N LYS A 57 -3.67 -7.33 5.78
CA LYS A 57 -4.22 -8.04 6.99
C LYS A 57 -4.13 -7.09 8.21
N ALA A 58 -3.60 -5.90 7.97
CA ALA A 58 -3.44 -4.87 9.05
C ALA A 58 -2.26 -5.23 9.96
N GLU A 59 -2.27 -6.43 10.50
CA GLU A 59 -1.13 -6.85 11.39
C GLU A 59 0.13 -7.10 10.55
N ASP A 60 0.00 -6.92 9.26
CA ASP A 60 1.15 -7.09 8.33
C ASP A 60 1.68 -5.68 8.05
N ILE A 61 0.74 -4.83 7.75
CA ILE A 61 1.00 -3.40 7.44
C ILE A 61 2.30 -2.87 8.05
N LEU A 62 2.56 -3.19 9.29
CA LEU A 62 3.83 -2.72 9.93
C LEU A 62 5.02 -2.71 8.96
N ALA A 63 5.20 -3.76 8.19
CA ALA A 63 6.35 -3.77 7.25
C ALA A 63 5.91 -3.31 5.85
N VAL A 64 5.01 -2.38 5.87
CA VAL A 64 4.48 -1.76 4.61
C VAL A 64 4.42 -0.27 4.91
N GLU A 65 3.77 0.04 6.02
CA GLU A 65 3.67 1.45 6.47
C GLU A 65 5.09 1.98 6.41
N ASP A 66 6.00 1.19 6.95
CA ASP A 66 7.45 1.55 6.95
C ASP A 66 7.88 2.05 5.58
N PHE A 67 7.89 1.16 4.62
CA PHE A 67 8.26 1.53 3.22
C PHE A 67 7.64 2.86 2.79
N LEU A 68 6.40 3.03 3.15
CA LEU A 68 5.71 4.30 2.76
C LEU A 68 6.09 5.46 3.69
N GLU A 69 6.43 5.14 4.92
CA GLU A 69 6.82 6.21 5.90
C GLU A 69 8.06 6.96 5.41
N GLN A 70 9.15 6.24 5.39
CA GLN A 70 10.46 6.80 4.96
C GLN A 70 10.36 7.77 3.77
N ASN A 71 9.63 7.37 2.76
CA ASN A 71 9.49 8.22 1.56
C ASN A 71 8.06 8.73 1.41
N GLU A 72 7.43 9.01 2.55
CA GLU A 72 6.00 9.52 2.57
C GLU A 72 5.27 9.22 1.23
N LEU A 73 5.12 7.95 0.97
CA LEU A 73 4.43 7.53 -0.27
C LEU A 73 2.91 7.53 0.00
N GLN A 74 2.43 8.73 0.27
CA GLN A 74 0.97 9.00 0.57
C GLN A 74 0.08 7.76 0.53
N TYR A 75 -0.39 7.32 1.67
CA TYR A 75 -1.28 6.10 1.68
C TYR A 75 -2.59 6.41 2.40
N GLU A 76 -3.49 5.47 2.37
CA GLU A 76 -4.82 5.68 3.04
C GLU A 76 -5.24 4.39 3.77
N VAL A 77 -5.90 4.54 4.90
CA VAL A 77 -6.35 3.33 5.66
C VAL A 77 -7.84 3.07 5.37
N LEU A 78 -8.37 3.98 4.60
CA LEU A 78 -9.80 3.96 4.16
C LEU A 78 -10.78 4.00 5.35
N ILE A 79 -10.84 2.94 6.08
CA ILE A 79 -11.79 2.88 7.24
C ILE A 79 -11.01 2.74 8.55
N ASN A 80 -10.59 3.85 9.06
CA ASN A 80 -9.82 3.86 10.34
C ASN A 80 -10.65 4.60 11.39
N ASN A 81 -11.72 3.98 11.81
CA ASN A 81 -12.62 4.62 12.83
C ASN A 81 -12.80 3.69 14.04
N HIS A 1 -0.54 -0.97 14.69
CA HIS A 1 0.23 -0.01 13.87
C HIS A 1 1.61 0.14 14.51
N HIS A 2 2.37 1.15 14.12
CA HIS A 2 3.72 1.35 14.72
C HIS A 2 3.59 1.49 16.26
N SER A 3 2.36 1.55 16.72
CA SER A 3 2.09 1.67 18.17
C SER A 3 1.78 0.30 18.78
N GLY A 4 1.94 0.20 20.09
CA GLY A 4 1.67 -1.10 20.78
C GLY A 4 0.26 -1.13 21.34
N GLU A 5 -0.68 -1.24 20.45
CA GLU A 5 -2.11 -1.28 20.84
C GLU A 5 -2.66 -2.66 20.47
N HIS A 6 -3.94 -2.77 20.30
CA HIS A 6 -4.50 -4.09 19.91
C HIS A 6 -4.34 -4.18 18.39
N PHE A 7 -3.10 -4.06 17.97
CA PHE A 7 -2.67 -4.10 16.54
C PHE A 7 -3.80 -4.32 15.54
N GLU A 8 -4.43 -3.23 15.20
CA GLU A 8 -5.57 -3.16 14.24
C GLU A 8 -5.75 -4.46 13.41
N GLY A 9 -6.39 -5.45 14.00
CA GLY A 9 -6.64 -6.78 13.31
C GLY A 9 -6.32 -6.78 11.81
N GLU A 10 -7.17 -6.14 11.04
CA GLU A 10 -6.94 -6.07 9.56
C GLU A 10 -7.01 -4.61 9.12
N LYS A 11 -6.60 -4.35 7.89
CA LYS A 11 -6.66 -2.97 7.36
C LYS A 11 -6.77 -2.93 5.83
N VAL A 12 -7.05 -1.75 5.36
CA VAL A 12 -7.15 -1.50 3.90
C VAL A 12 -6.35 -0.21 3.65
N PHE A 13 -5.64 -0.13 2.55
CA PHE A 13 -4.86 1.10 2.29
C PHE A 13 -4.97 1.48 0.83
N ARG A 14 -4.66 2.73 0.57
CA ARG A 14 -4.70 3.22 -0.82
C ARG A 14 -3.41 3.99 -1.10
N VAL A 15 -2.92 3.85 -2.31
CA VAL A 15 -1.67 4.57 -2.71
C VAL A 15 -2.06 5.54 -3.80
N ASN A 16 -1.58 6.74 -3.71
CA ASN A 16 -1.93 7.77 -4.73
C ASN A 16 -0.69 7.95 -5.60
N VAL A 17 -0.85 8.44 -6.80
CA VAL A 17 0.36 8.58 -7.66
C VAL A 17 0.53 10.02 -8.13
N GLU A 18 1.67 10.58 -7.80
CA GLU A 18 1.97 11.98 -8.18
C GLU A 18 2.73 11.98 -9.50
N ASP A 19 3.86 11.33 -9.51
CA ASP A 19 4.67 11.28 -10.75
C ASP A 19 5.14 9.84 -10.89
N GLU A 20 6.32 9.66 -11.41
CA GLU A 20 6.84 8.29 -11.59
C GLU A 20 7.50 7.83 -10.30
N ASN A 21 7.88 8.78 -9.49
CA ASN A 21 8.52 8.43 -8.18
C ASN A 21 7.70 7.35 -7.46
N ASP A 22 6.49 7.67 -7.06
CA ASP A 22 5.63 6.66 -6.35
C ASP A 22 5.69 5.32 -7.09
N ILE A 23 5.37 5.35 -8.35
CA ILE A 23 5.37 4.10 -9.15
C ILE A 23 6.69 3.34 -8.97
N SER A 24 7.75 4.08 -9.13
CA SER A 24 9.12 3.50 -8.97
C SER A 24 9.27 2.94 -7.56
N GLU A 25 8.92 3.75 -6.59
CA GLU A 25 9.02 3.30 -5.16
C GLU A 25 8.10 2.11 -4.94
N LEU A 26 6.81 2.35 -5.04
CA LEU A 26 5.80 1.29 -4.86
C LEU A 26 6.27 0.01 -5.54
N HIS A 27 6.68 0.15 -6.79
CA HIS A 27 7.18 -1.02 -7.57
C HIS A 27 8.00 -1.93 -6.67
N GLU A 28 8.95 -1.33 -6.01
CA GLU A 28 9.84 -2.07 -5.07
C GLU A 28 9.03 -3.09 -4.24
N LEU A 29 8.02 -2.58 -3.56
CA LEU A 29 7.12 -3.43 -2.70
C LEU A 29 6.91 -4.79 -3.37
N ALA A 30 6.58 -4.74 -4.64
CA ALA A 30 6.33 -6.00 -5.40
C ALA A 30 7.38 -7.07 -5.07
N SER A 31 8.63 -6.67 -5.08
CA SER A 31 9.74 -7.62 -4.77
C SER A 31 9.37 -8.58 -3.63
N THR A 32 8.71 -8.06 -2.64
CA THR A 32 8.29 -8.93 -1.48
C THR A 32 6.79 -9.22 -1.55
N ARG A 33 6.13 -8.45 -2.39
CA ARG A 33 4.65 -8.59 -2.57
C ARG A 33 3.96 -8.94 -1.24
N GLN A 34 4.38 -8.27 -0.20
CA GLN A 34 3.76 -8.52 1.13
C GLN A 34 2.24 -8.35 1.01
N ILE A 35 1.87 -7.59 0.02
CA ILE A 35 0.43 -7.31 -0.25
C ILE A 35 0.09 -7.75 -1.69
N ASP A 36 -1.18 -7.64 -2.01
CA ASP A 36 -1.66 -7.99 -3.38
C ASP A 36 -2.38 -6.74 -3.93
N PHE A 37 -2.98 -6.82 -5.09
CA PHE A 37 -3.67 -5.62 -5.64
C PHE A 37 -5.09 -5.93 -6.12
N TRP A 38 -5.87 -4.89 -6.28
CA TRP A 38 -7.28 -5.04 -6.75
C TRP A 38 -7.51 -4.08 -7.92
N LYS A 39 -7.19 -2.83 -7.68
CA LYS A 39 -7.37 -1.79 -8.74
C LYS A 39 -6.08 -0.94 -8.80
N PRO A 40 -5.42 -0.88 -9.93
CA PRO A 40 -5.46 -1.91 -11.02
C PRO A 40 -5.04 -3.30 -10.51
N ASP A 41 -4.75 -4.17 -11.45
CA ASP A 41 -4.33 -5.57 -11.12
C ASP A 41 -2.81 -5.70 -11.13
N SER A 42 -2.20 -5.22 -12.19
CA SER A 42 -0.71 -5.31 -12.31
C SER A 42 -0.06 -3.97 -11.99
N VAL A 43 1.08 -4.04 -11.34
CA VAL A 43 1.81 -2.80 -10.96
C VAL A 43 3.04 -2.65 -11.89
N THR A 44 2.78 -2.88 -13.15
CA THR A 44 3.85 -2.81 -14.19
C THR A 44 3.55 -1.71 -15.23
N GLN A 45 2.53 -1.95 -16.01
CA GLN A 45 2.12 -0.97 -17.07
C GLN A 45 1.29 0.13 -16.42
N ILE A 46 1.84 0.68 -15.38
CA ILE A 46 1.13 1.76 -14.63
C ILE A 46 1.94 3.04 -14.72
N LYS A 47 1.24 4.14 -14.84
CA LYS A 47 1.90 5.47 -14.95
C LYS A 47 1.14 6.47 -14.05
N PRO A 48 1.70 7.65 -13.86
CA PRO A 48 1.22 8.64 -12.84
C PRO A 48 -0.30 8.90 -12.81
N HIS A 49 -0.67 9.81 -11.93
CA HIS A 49 -2.11 10.21 -11.74
C HIS A 49 -3.11 9.12 -12.11
N SER A 50 -3.09 8.08 -11.31
CA SER A 50 -4.03 6.94 -11.51
C SER A 50 -4.56 6.49 -10.13
N THR A 51 -3.70 5.84 -9.37
CA THR A 51 -4.02 5.32 -7.97
C THR A 51 -3.98 3.79 -7.93
N VAL A 52 -3.76 3.27 -6.74
CA VAL A 52 -3.72 1.78 -6.55
C VAL A 52 -4.61 1.40 -5.36
N ASP A 53 -5.10 0.18 -5.36
CA ASP A 53 -5.97 -0.28 -4.23
C ASP A 53 -5.60 -1.70 -3.79
N PHE A 54 -5.73 -1.95 -2.49
CA PHE A 54 -5.43 -3.32 -1.92
C PHE A 54 -5.60 -3.29 -0.40
N ARG A 55 -5.40 -4.44 0.22
CA ARG A 55 -5.52 -4.51 1.71
C ARG A 55 -4.31 -5.23 2.31
N VAL A 56 -4.30 -5.35 3.62
CA VAL A 56 -3.16 -6.04 4.29
C VAL A 56 -3.78 -7.15 5.17
N LYS A 57 -2.97 -8.03 5.69
CA LYS A 57 -3.51 -9.11 6.56
C LYS A 57 -3.42 -8.60 8.00
N ALA A 58 -2.81 -9.35 8.88
CA ALA A 58 -2.66 -8.90 10.30
C ALA A 58 -1.17 -8.92 10.63
N GLU A 59 -0.64 -10.10 10.59
CA GLU A 59 0.79 -10.34 10.86
C GLU A 59 1.67 -9.35 10.10
N ASP A 60 1.20 -8.90 8.95
CA ASP A 60 1.99 -7.96 8.10
C ASP A 60 1.49 -6.51 8.02
N ILE A 61 0.84 -6.01 9.06
CA ILE A 61 0.37 -4.57 9.03
C ILE A 61 1.50 -3.68 9.58
N LEU A 62 2.60 -4.14 9.22
CA LEU A 62 3.87 -3.47 9.56
C LEU A 62 4.69 -3.15 8.30
N ALA A 63 4.79 -4.11 7.41
CA ALA A 63 5.62 -3.88 6.20
C ALA A 63 5.02 -2.80 5.32
N VAL A 64 3.74 -2.83 5.16
CA VAL A 64 3.09 -1.78 4.32
C VAL A 64 3.32 -0.42 4.96
N GLU A 65 2.88 -0.30 6.20
CA GLU A 65 3.05 0.99 6.91
C GLU A 65 4.55 1.39 6.86
N ASP A 66 5.43 0.48 7.23
CA ASP A 66 6.90 0.78 7.19
C ASP A 66 7.28 1.22 5.76
N PHE A 67 7.07 0.34 4.82
CA PHE A 67 7.37 0.63 3.39
C PHE A 67 6.91 2.04 3.00
N LEU A 68 5.76 2.39 3.48
CA LEU A 68 5.21 3.74 3.18
C LEU A 68 5.85 4.81 4.08
N GLU A 69 5.46 4.82 5.33
CA GLU A 69 5.99 5.81 6.31
C GLU A 69 7.52 5.98 6.23
N GLN A 70 8.26 4.88 6.23
CA GLN A 70 9.76 4.99 6.16
C GLN A 70 10.16 6.11 5.19
N ASN A 71 9.45 6.18 4.10
CA ASN A 71 9.75 7.22 3.09
C ASN A 71 8.50 8.07 2.83
N GLU A 72 7.77 8.40 3.86
CA GLU A 72 6.51 9.23 3.69
C GLU A 72 5.99 9.19 2.23
N LEU A 73 5.62 8.01 1.82
CA LEU A 73 5.09 7.84 0.44
C LEU A 73 3.69 8.48 0.35
N GLN A 74 3.14 8.49 -0.83
CA GLN A 74 1.80 9.11 -1.01
C GLN A 74 0.69 8.08 -0.83
N TYR A 75 0.37 7.82 0.40
CA TYR A 75 -0.72 6.83 0.70
C TYR A 75 -1.85 7.51 1.49
N GLU A 76 -2.92 6.77 1.67
CA GLU A 76 -4.08 7.29 2.44
C GLU A 76 -4.43 6.23 3.49
N VAL A 77 -5.03 6.63 4.58
CA VAL A 77 -5.40 5.62 5.64
C VAL A 77 -6.93 5.61 5.82
N LEU A 78 -7.59 5.60 4.69
CA LEU A 78 -9.09 5.58 4.58
C LEU A 78 -9.84 5.63 5.92
N ILE A 79 -9.69 4.60 6.71
CA ILE A 79 -10.35 4.54 8.02
C ILE A 79 -9.60 5.44 9.00
N ASN A 80 -9.50 6.69 8.66
CA ASN A 80 -8.80 7.66 9.52
C ASN A 80 -9.85 8.22 10.47
N ASN A 81 -10.64 7.31 10.98
CA ASN A 81 -11.74 7.68 11.91
C ASN A 81 -12.15 6.40 12.65
N HIS A 1 -3.51 0.45 15.11
CA HIS A 1 -2.12 0.99 15.18
C HIS A 1 -2.15 2.39 15.80
N HIS A 2 -2.81 3.31 15.14
CA HIS A 2 -2.87 4.70 15.67
C HIS A 2 -4.28 4.99 16.20
N SER A 3 -4.40 6.08 16.92
CA SER A 3 -5.72 6.46 17.52
C SER A 3 -6.69 7.06 16.50
N GLY A 4 -6.58 6.65 15.27
CA GLY A 4 -7.53 7.18 14.23
C GLY A 4 -8.07 6.00 13.45
N GLU A 5 -8.55 5.03 14.17
CA GLU A 5 -9.07 3.81 13.49
C GLU A 5 -10.44 3.38 14.04
N HIS A 6 -10.97 2.36 13.42
CA HIS A 6 -12.28 1.79 13.83
C HIS A 6 -12.16 0.26 13.92
N PHE A 7 -11.33 -0.28 13.06
CA PHE A 7 -11.08 -1.75 13.03
C PHE A 7 -9.57 -2.03 13.07
N GLU A 8 -9.21 -3.18 13.60
CA GLU A 8 -7.78 -3.57 13.70
C GLU A 8 -7.60 -4.98 13.11
N GLY A 9 -6.43 -5.54 13.24
CA GLY A 9 -6.21 -6.90 12.65
C GLY A 9 -5.73 -6.69 11.23
N GLU A 10 -6.60 -6.16 10.42
CA GLU A 10 -6.26 -5.87 9.00
C GLU A 10 -6.62 -4.41 8.73
N LYS A 11 -6.07 -3.83 7.70
CA LYS A 11 -6.35 -2.40 7.39
C LYS A 11 -6.50 -2.22 5.88
N VAL A 12 -7.31 -1.29 5.46
CA VAL A 12 -7.48 -1.08 3.99
C VAL A 12 -7.22 0.39 3.66
N PHE A 13 -6.21 0.64 2.85
CA PHE A 13 -5.90 2.05 2.49
C PHE A 13 -5.71 2.13 0.97
N ARG A 14 -5.53 3.34 0.48
CA ARG A 14 -5.32 3.54 -1.00
C ARG A 14 -3.93 4.16 -1.20
N VAL A 15 -3.43 4.14 -2.41
CA VAL A 15 -2.09 4.74 -2.68
C VAL A 15 -2.23 5.74 -3.82
N ASN A 16 -1.65 6.89 -3.67
CA ASN A 16 -1.75 7.86 -4.78
C ASN A 16 -0.53 7.70 -5.64
N VAL A 17 -0.75 7.66 -6.90
CA VAL A 17 0.36 7.53 -7.85
C VAL A 17 0.21 8.78 -8.68
N GLU A 18 0.67 9.85 -8.12
CA GLU A 18 0.55 11.13 -8.83
C GLU A 18 1.82 11.41 -9.60
N ASP A 19 2.92 10.82 -9.18
CA ASP A 19 4.16 11.05 -9.96
C ASP A 19 4.86 9.71 -10.16
N GLU A 20 6.03 9.81 -10.67
CA GLU A 20 6.83 8.61 -10.99
C GLU A 20 7.54 8.02 -9.76
N ASN A 21 7.69 8.82 -8.74
CA ASN A 21 8.35 8.30 -7.52
C ASN A 21 7.40 7.28 -6.91
N ASP A 22 6.17 7.72 -6.67
CA ASP A 22 5.14 6.80 -6.10
C ASP A 22 5.23 5.41 -6.73
N ILE A 23 5.45 5.37 -8.01
CA ILE A 23 5.55 4.06 -8.71
C ILE A 23 6.89 3.39 -8.38
N SER A 24 7.96 4.08 -8.69
CA SER A 24 9.32 3.53 -8.39
C SER A 24 9.37 2.97 -6.97
N GLU A 25 8.84 3.72 -6.04
CA GLU A 25 8.82 3.22 -4.64
C GLU A 25 7.94 1.97 -4.54
N LEU A 26 6.76 1.95 -5.14
CA LEU A 26 5.94 0.72 -5.04
C LEU A 26 6.72 -0.47 -5.60
N HIS A 27 7.24 -0.29 -6.80
CA HIS A 27 8.05 -1.35 -7.49
C HIS A 27 8.82 -2.21 -6.48
N GLU A 28 9.52 -1.55 -5.60
CA GLU A 28 10.29 -2.29 -4.57
C GLU A 28 9.37 -3.33 -3.89
N LEU A 29 8.43 -2.84 -3.14
CA LEU A 29 7.47 -3.74 -2.43
C LEU A 29 6.90 -4.76 -3.41
N ALA A 30 6.41 -4.25 -4.51
CA ALA A 30 5.82 -5.11 -5.57
C ALA A 30 6.72 -6.31 -5.87
N SER A 31 7.98 -6.05 -6.12
CA SER A 31 8.95 -7.16 -6.41
C SER A 31 8.64 -8.36 -5.50
N THR A 32 8.25 -8.04 -4.31
CA THR A 32 7.86 -9.06 -3.31
C THR A 32 6.55 -8.59 -2.70
N ARG A 33 5.57 -8.45 -3.56
CA ARG A 33 4.23 -7.97 -3.11
C ARG A 33 3.61 -8.88 -2.04
N GLN A 34 4.09 -8.74 -0.82
CA GLN A 34 3.54 -9.55 0.31
C GLN A 34 2.06 -9.19 0.55
N ILE A 35 1.66 -8.11 -0.06
CA ILE A 35 0.24 -7.65 0.06
C ILE A 35 -0.48 -7.93 -1.23
N ASP A 36 -1.73 -7.61 -1.32
CA ASP A 36 -2.42 -7.86 -2.61
C ASP A 36 -3.13 -6.60 -3.05
N PHE A 37 -3.26 -6.47 -4.34
CA PHE A 37 -3.91 -5.27 -4.91
C PHE A 37 -5.25 -5.63 -5.51
N TRP A 38 -6.03 -4.61 -5.74
CA TRP A 38 -7.38 -4.78 -6.34
C TRP A 38 -7.34 -4.11 -7.72
N LYS A 39 -6.93 -2.88 -7.72
CA LYS A 39 -6.83 -2.11 -8.99
C LYS A 39 -5.64 -1.13 -8.87
N PRO A 40 -4.76 -1.10 -9.84
CA PRO A 40 -4.44 -2.23 -10.76
C PRO A 40 -4.05 -3.49 -9.96
N ASP A 41 -3.47 -4.43 -10.65
CA ASP A 41 -3.06 -5.70 -10.00
C ASP A 41 -1.53 -5.72 -9.88
N SER A 42 -0.86 -5.43 -10.96
CA SER A 42 0.62 -5.41 -10.94
C SER A 42 1.08 -3.97 -11.19
N VAL A 43 2.23 -3.60 -10.67
CA VAL A 43 2.71 -2.21 -10.89
C VAL A 43 3.79 -2.23 -11.98
N THR A 44 3.39 -2.74 -13.10
CA THR A 44 4.33 -2.85 -14.26
C THR A 44 4.03 -1.73 -15.25
N GLN A 45 2.87 -1.75 -15.84
CA GLN A 45 2.53 -0.67 -16.81
C GLN A 45 1.69 0.36 -16.08
N ILE A 46 2.23 0.86 -15.01
CA ILE A 46 1.49 1.87 -14.20
C ILE A 46 2.15 3.23 -14.37
N LYS A 47 1.33 4.24 -14.46
CA LYS A 47 1.85 5.63 -14.63
C LYS A 47 1.15 6.57 -13.62
N PRO A 48 1.58 7.81 -13.55
CA PRO A 48 0.91 8.83 -12.70
C PRO A 48 -0.59 8.97 -13.01
N HIS A 49 -1.34 9.40 -12.02
CA HIS A 49 -2.82 9.58 -12.16
C HIS A 49 -3.48 8.23 -12.51
N SER A 50 -3.10 7.24 -11.76
CA SER A 50 -3.64 5.86 -11.96
C SER A 50 -4.51 5.48 -10.76
N THR A 51 -3.89 5.55 -9.61
CA THR A 51 -4.54 5.26 -8.28
C THR A 51 -4.53 3.75 -7.99
N VAL A 52 -4.13 3.40 -6.80
CA VAL A 52 -4.07 1.94 -6.44
C VAL A 52 -4.74 1.63 -5.10
N ASP A 53 -5.56 0.59 -5.06
CA ASP A 53 -6.19 0.23 -3.75
C ASP A 53 -5.50 -1.08 -3.33
N PHE A 54 -5.26 -1.29 -2.05
CA PHE A 54 -4.57 -2.53 -1.62
C PHE A 54 -5.16 -3.11 -0.31
N ARG A 55 -4.77 -4.33 -0.04
CA ARG A 55 -5.24 -5.07 1.16
C ARG A 55 -4.07 -5.40 2.08
N VAL A 56 -4.17 -4.96 3.30
CA VAL A 56 -3.08 -5.23 4.27
C VAL A 56 -3.70 -5.96 5.46
N LYS A 57 -3.05 -7.01 5.87
CA LYS A 57 -3.52 -7.84 7.02
C LYS A 57 -2.40 -7.93 8.05
N ALA A 58 -2.80 -8.12 9.28
CA ALA A 58 -1.84 -8.22 10.44
C ALA A 58 -0.37 -8.47 10.06
N GLU A 59 -0.09 -9.67 9.63
CA GLU A 59 1.31 -10.07 9.27
C GLU A 59 2.07 -9.02 8.44
N ASP A 60 1.43 -8.47 7.45
CA ASP A 60 2.13 -7.46 6.59
C ASP A 60 1.85 -6.02 7.04
N ILE A 61 0.83 -5.80 7.83
CA ILE A 61 0.52 -4.40 8.29
C ILE A 61 1.81 -3.65 8.62
N LEU A 62 2.51 -4.15 9.57
CA LEU A 62 3.77 -3.48 10.01
C LEU A 62 4.69 -3.15 8.84
N ALA A 63 4.95 -4.12 8.01
CA ALA A 63 5.87 -3.86 6.86
C ALA A 63 5.28 -2.90 5.83
N VAL A 64 4.02 -3.08 5.56
CA VAL A 64 3.36 -2.20 4.55
C VAL A 64 3.27 -0.77 5.10
N GLU A 65 2.84 -0.64 6.33
CA GLU A 65 2.75 0.71 6.92
C GLU A 65 4.20 1.24 7.01
N ASP A 66 5.07 0.43 7.58
CA ASP A 66 6.51 0.81 7.68
C ASP A 66 6.96 1.33 6.32
N PHE A 67 6.97 0.43 5.37
CA PHE A 67 7.37 0.76 3.98
C PHE A 67 6.72 2.07 3.53
N LEU A 68 5.41 2.08 3.48
CA LEU A 68 4.69 3.32 3.04
C LEU A 68 5.14 4.53 3.86
N GLU A 69 5.57 4.29 5.07
CA GLU A 69 5.99 5.40 5.97
C GLU A 69 7.48 5.73 5.79
N GLN A 70 8.36 4.85 6.20
CA GLN A 70 9.83 5.14 6.05
C GLN A 70 10.23 5.52 4.62
N ASN A 71 9.43 5.16 3.63
CA ASN A 71 9.79 5.53 2.24
C ASN A 71 8.96 6.73 1.78
N GLU A 72 8.40 7.41 2.76
CA GLU A 72 7.55 8.61 2.51
C GLU A 72 6.69 8.50 1.25
N LEU A 73 5.83 7.52 1.22
CA LEU A 73 4.95 7.35 0.04
C LEU A 73 3.68 8.13 0.31
N GLN A 74 2.87 8.28 -0.69
CA GLN A 74 1.62 9.05 -0.48
C GLN A 74 0.41 8.13 -0.48
N TYR A 75 0.04 7.69 0.70
CA TYR A 75 -1.15 6.77 0.84
C TYR A 75 -2.32 7.53 1.48
N GLU A 76 -3.52 7.05 1.28
CA GLU A 76 -4.72 7.73 1.87
C GLU A 76 -5.55 6.74 2.69
N VAL A 77 -6.23 7.26 3.68
CA VAL A 77 -7.10 6.43 4.55
C VAL A 77 -8.42 7.19 4.68
N LEU A 78 -9.12 7.26 3.58
CA LEU A 78 -10.43 7.98 3.52
C LEU A 78 -11.48 7.38 4.47
N ILE A 79 -11.24 7.53 5.75
CA ILE A 79 -12.15 7.02 6.87
C ILE A 79 -13.60 6.72 6.42
N ASN A 80 -13.76 5.70 5.62
CA ASN A 80 -15.12 5.31 5.13
C ASN A 80 -15.34 3.80 5.29
N ASN A 81 -14.85 3.27 6.38
CA ASN A 81 -14.99 1.81 6.65
C ASN A 81 -15.48 1.64 8.08
N HIS A 1 -2.00 0.42 12.05
CA HIS A 1 -1.00 1.50 12.23
C HIS A 1 -0.76 1.85 13.72
N HIS A 2 -1.80 2.20 14.44
CA HIS A 2 -1.57 2.57 15.87
C HIS A 2 -2.58 1.91 16.79
N SER A 3 -2.89 0.66 16.50
CA SER A 3 -3.89 -0.09 17.33
C SER A 3 -5.04 0.85 17.72
N GLY A 4 -5.42 1.65 16.76
CA GLY A 4 -6.51 2.63 16.96
C GLY A 4 -7.60 2.47 15.90
N GLU A 5 -7.20 2.09 14.70
CA GLU A 5 -8.20 1.93 13.59
C GLU A 5 -9.03 0.64 13.80
N HIS A 6 -9.83 0.67 14.83
CA HIS A 6 -10.71 -0.50 15.17
C HIS A 6 -9.85 -1.68 15.64
N PHE A 7 -9.20 -2.35 14.73
CA PHE A 7 -8.35 -3.51 15.13
C PHE A 7 -7.07 -3.48 14.29
N GLU A 8 -5.99 -4.04 14.80
CA GLU A 8 -4.73 -4.00 13.99
C GLU A 8 -4.67 -5.26 13.14
N GLY A 9 -5.73 -5.47 12.41
CA GLY A 9 -5.83 -6.65 11.51
C GLY A 9 -6.12 -6.18 10.10
N GLU A 10 -6.38 -7.12 9.23
CA GLU A 10 -6.67 -6.83 7.78
C GLU A 10 -7.05 -5.36 7.47
N LYS A 11 -6.16 -4.67 6.81
CA LYS A 11 -6.42 -3.24 6.44
C LYS A 11 -6.44 -3.15 4.92
N VAL A 12 -6.94 -2.07 4.42
CA VAL A 12 -6.97 -1.88 2.94
C VAL A 12 -5.84 -0.93 2.61
N PHE A 13 -6.20 0.29 2.31
CA PHE A 13 -5.24 1.40 1.99
C PHE A 13 -5.24 1.77 0.51
N ARG A 14 -5.03 3.05 0.27
CA ARG A 14 -4.97 3.57 -1.13
C ARG A 14 -3.62 4.27 -1.35
N VAL A 15 -3.24 4.35 -2.60
CA VAL A 15 -1.94 5.02 -2.94
C VAL A 15 -2.17 5.92 -4.17
N ASN A 16 -2.37 7.18 -3.93
CA ASN A 16 -2.58 8.12 -5.06
C ASN A 16 -1.26 8.42 -5.80
N VAL A 17 -0.72 7.44 -6.48
CA VAL A 17 0.57 7.65 -7.27
C VAL A 17 0.54 9.04 -7.90
N GLU A 18 1.53 9.84 -7.57
CA GLU A 18 1.58 11.23 -8.09
C GLU A 18 2.48 11.32 -9.32
N ASP A 19 3.73 10.97 -9.15
CA ASP A 19 4.67 11.06 -10.32
C ASP A 19 5.27 9.69 -10.60
N GLU A 20 6.42 9.67 -11.21
CA GLU A 20 7.03 8.36 -11.52
C GLU A 20 7.73 7.85 -10.26
N ASN A 21 8.12 8.76 -9.39
CA ASN A 21 8.80 8.35 -8.12
C ASN A 21 7.87 7.37 -7.39
N ASP A 22 6.64 7.82 -7.21
CA ASP A 22 5.64 6.96 -6.55
C ASP A 22 5.72 5.53 -7.10
N ILE A 23 5.77 5.39 -8.40
CA ILE A 23 5.88 4.00 -8.96
C ILE A 23 7.23 3.48 -8.51
N SER A 24 8.27 4.11 -9.02
CA SER A 24 9.65 3.70 -8.67
C SER A 24 9.76 3.19 -7.23
N GLU A 25 9.02 3.81 -6.33
CA GLU A 25 9.04 3.35 -4.91
C GLU A 25 7.96 2.28 -4.71
N LEU A 26 6.70 2.66 -4.79
CA LEU A 26 5.57 1.67 -4.62
C LEU A 26 5.93 0.36 -5.33
N HIS A 27 6.25 0.51 -6.58
CA HIS A 27 6.65 -0.61 -7.47
C HIS A 27 7.54 -1.63 -6.73
N GLU A 28 8.53 -1.11 -6.06
CA GLU A 28 9.49 -1.97 -5.30
C GLU A 28 8.69 -3.02 -4.52
N LEU A 29 7.73 -2.53 -3.77
CA LEU A 29 6.87 -3.45 -2.94
C LEU A 29 6.56 -4.75 -3.71
N ALA A 30 6.15 -4.60 -4.96
CA ALA A 30 5.81 -5.81 -5.77
C ALA A 30 6.82 -6.94 -5.52
N SER A 31 8.09 -6.57 -5.51
CA SER A 31 9.19 -7.56 -5.27
C SER A 31 8.79 -8.52 -4.16
N THR A 32 8.41 -7.92 -3.08
CA THR A 32 8.01 -8.68 -1.87
C THR A 32 6.51 -8.46 -1.61
N ARG A 33 5.74 -8.64 -2.67
CA ARG A 33 4.26 -8.45 -2.55
C ARG A 33 3.59 -9.63 -1.82
N GLN A 34 3.80 -9.70 -0.53
CA GLN A 34 3.14 -10.80 0.26
C GLN A 34 1.73 -10.29 0.61
N ILE A 35 1.13 -9.68 -0.38
CA ILE A 35 -0.23 -9.08 -0.25
C ILE A 35 -0.95 -9.20 -1.60
N ASP A 36 -2.03 -8.46 -1.75
CA ASP A 36 -2.77 -8.47 -3.04
C ASP A 36 -3.08 -7.03 -3.41
N PHE A 37 -3.35 -6.79 -4.67
CA PHE A 37 -3.67 -5.39 -5.11
C PHE A 37 -5.06 -5.39 -5.76
N TRP A 38 -5.64 -4.24 -5.92
CA TRP A 38 -7.02 -4.21 -6.52
C TRP A 38 -7.15 -3.22 -7.68
N LYS A 39 -7.02 -1.95 -7.37
CA LYS A 39 -7.16 -0.92 -8.44
C LYS A 39 -5.92 -0.02 -8.53
N PRO A 40 -5.18 -0.14 -9.60
CA PRO A 40 -5.11 -1.38 -10.44
C PRO A 40 -4.65 -2.58 -9.61
N ASP A 41 -4.57 -3.70 -10.26
CA ASP A 41 -4.14 -4.94 -9.57
C ASP A 41 -2.63 -5.14 -9.70
N SER A 42 -2.13 -5.04 -10.89
CA SER A 42 -0.66 -5.26 -11.07
C SER A 42 0.12 -3.95 -10.94
N VAL A 43 1.41 -4.10 -11.05
CA VAL A 43 2.34 -2.94 -10.97
C VAL A 43 2.94 -2.72 -12.35
N THR A 44 3.31 -3.83 -12.94
CA THR A 44 3.90 -3.85 -14.31
C THR A 44 3.41 -2.68 -15.20
N GLN A 45 2.15 -2.37 -15.09
CA GLN A 45 1.58 -1.26 -15.91
C GLN A 45 1.02 -0.12 -15.04
N ILE A 46 1.77 0.35 -14.08
CA ILE A 46 1.24 1.47 -13.24
C ILE A 46 1.97 2.76 -13.61
N LYS A 47 1.26 3.87 -13.49
CA LYS A 47 1.84 5.21 -13.83
C LYS A 47 1.44 6.21 -12.74
N PRO A 48 1.93 7.42 -12.86
CA PRO A 48 1.36 8.61 -12.17
C PRO A 48 -0.18 8.56 -12.16
N HIS A 49 -0.78 9.38 -11.32
CA HIS A 49 -2.28 9.46 -11.20
C HIS A 49 -2.98 8.12 -11.50
N SER A 50 -2.35 7.05 -11.13
CA SER A 50 -2.95 5.73 -11.38
C SER A 50 -3.78 5.33 -10.17
N THR A 51 -3.37 5.80 -9.02
CA THR A 51 -4.11 5.47 -7.77
C THR A 51 -4.11 3.96 -7.63
N VAL A 52 -3.28 3.54 -6.79
CA VAL A 52 -3.10 2.09 -6.54
C VAL A 52 -3.66 1.77 -5.17
N ASP A 53 -4.58 0.86 -5.17
CA ASP A 53 -5.21 0.47 -3.89
C ASP A 53 -4.84 -0.99 -3.66
N PHE A 54 -4.52 -1.32 -2.44
CA PHE A 54 -4.11 -2.71 -2.12
C PHE A 54 -4.61 -3.09 -0.73
N ARG A 55 -4.41 -4.33 -0.38
CA ARG A 55 -4.84 -4.80 0.96
C ARG A 55 -3.64 -5.46 1.63
N VAL A 56 -3.62 -5.38 2.93
CA VAL A 56 -2.51 -6.00 3.70
C VAL A 56 -3.07 -7.16 4.53
N LYS A 57 -2.19 -7.90 5.14
CA LYS A 57 -2.62 -9.07 5.98
C LYS A 57 -2.81 -8.58 7.41
N ALA A 58 -2.05 -9.12 8.34
CA ALA A 58 -2.20 -8.69 9.76
C ALA A 58 -0.84 -8.24 10.30
N GLU A 59 0.07 -9.16 10.33
CA GLU A 59 1.44 -8.81 10.82
C GLU A 59 2.14 -8.01 9.72
N ASP A 60 1.94 -8.46 8.50
CA ASP A 60 2.54 -7.77 7.32
C ASP A 60 2.26 -6.28 7.41
N ILE A 61 1.02 -5.98 7.74
CA ILE A 61 0.58 -4.57 7.88
C ILE A 61 1.76 -3.69 8.31
N LEU A 62 2.32 -4.02 9.44
CA LEU A 62 3.47 -3.24 9.95
C LEU A 62 4.48 -2.91 8.84
N ALA A 63 4.96 -3.93 8.16
CA ALA A 63 5.97 -3.71 7.08
C ALA A 63 5.38 -3.01 5.85
N VAL A 64 4.13 -3.26 5.57
CA VAL A 64 3.53 -2.60 4.36
C VAL A 64 3.26 -1.14 4.68
N GLU A 65 2.93 -0.89 5.92
CA GLU A 65 2.68 0.52 6.32
C GLU A 65 4.09 1.14 6.31
N ASP A 66 4.94 0.60 7.16
CA ASP A 66 6.36 1.06 7.25
C ASP A 66 6.89 1.49 5.87
N PHE A 67 6.95 0.55 4.96
CA PHE A 67 7.43 0.86 3.57
C PHE A 67 6.87 2.20 3.08
N LEU A 68 5.57 2.34 3.10
CA LEU A 68 4.98 3.64 2.64
C LEU A 68 5.39 4.79 3.58
N GLU A 69 5.11 4.60 4.84
CA GLU A 69 5.43 5.62 5.88
C GLU A 69 6.85 6.20 5.69
N GLN A 70 7.80 5.29 5.79
CA GLN A 70 9.26 5.64 5.64
C GLN A 70 9.52 6.83 4.73
N ASN A 71 9.12 6.69 3.50
CA ASN A 71 9.36 7.77 2.51
C ASN A 71 8.07 8.50 2.17
N GLU A 72 7.28 8.81 3.17
CA GLU A 72 5.97 9.52 2.93
C GLU A 72 5.45 9.20 1.52
N LEU A 73 5.38 7.94 1.24
CA LEU A 73 4.91 7.51 -0.09
C LEU A 73 3.40 7.64 -0.13
N GLN A 74 3.03 8.88 -0.33
CA GLN A 74 1.61 9.33 -0.44
C GLN A 74 0.59 8.21 -0.28
N TYR A 75 0.18 7.94 0.94
CA TYR A 75 -0.84 6.86 1.18
C TYR A 75 -2.05 7.51 1.84
N GLU A 76 -3.21 7.06 1.44
CA GLU A 76 -4.48 7.62 1.99
C GLU A 76 -5.28 6.51 2.70
N VAL A 77 -5.58 6.72 3.96
CA VAL A 77 -6.37 5.71 4.75
C VAL A 77 -7.45 6.45 5.55
N LEU A 78 -8.65 5.91 5.58
CA LEU A 78 -9.76 6.57 6.35
C LEU A 78 -10.24 5.63 7.48
N ILE A 79 -11.53 5.41 7.57
CA ILE A 79 -12.07 4.53 8.65
C ILE A 79 -12.83 3.34 8.06
N ASN A 80 -12.12 2.48 7.34
CA ASN A 80 -12.72 1.25 6.69
C ASN A 80 -11.96 0.94 5.41
N ASN A 81 -11.62 1.97 4.67
CA ASN A 81 -10.85 1.77 3.39
C ASN A 81 -9.74 2.82 3.23
N HIS A 1 -16.30 -2.93 19.84
CA HIS A 1 -16.83 -1.54 19.73
C HIS A 1 -18.01 -1.50 18.76
N HIS A 2 -17.91 -2.22 17.67
CA HIS A 2 -19.02 -2.24 16.66
C HIS A 2 -19.66 -3.64 16.59
N SER A 3 -20.78 -3.73 15.94
CA SER A 3 -21.48 -5.05 15.81
C SER A 3 -20.77 -5.87 14.72
N GLY A 4 -19.60 -6.32 15.06
CA GLY A 4 -18.77 -7.12 14.09
C GLY A 4 -17.40 -6.47 14.01
N GLU A 5 -16.93 -6.08 15.17
CA GLU A 5 -15.62 -5.41 15.34
C GLU A 5 -14.66 -5.59 14.17
N HIS A 6 -14.43 -4.53 13.44
CA HIS A 6 -13.48 -4.62 12.29
C HIS A 6 -12.29 -3.70 12.55
N PHE A 7 -11.88 -3.65 13.79
CA PHE A 7 -10.72 -2.78 14.16
C PHE A 7 -9.51 -3.25 13.36
N GLU A 8 -9.20 -4.52 13.49
CA GLU A 8 -8.04 -5.11 12.78
C GLU A 8 -8.56 -5.99 11.65
N GLY A 9 -7.67 -6.52 10.86
CA GLY A 9 -8.11 -7.41 9.75
C GLY A 9 -8.50 -6.61 8.51
N GLU A 10 -8.58 -7.34 7.44
CA GLU A 10 -8.94 -6.81 6.09
C GLU A 10 -9.11 -5.28 5.97
N LYS A 11 -8.03 -4.62 5.66
CA LYS A 11 -8.05 -3.15 5.45
C LYS A 11 -7.16 -2.92 4.27
N VAL A 12 -7.86 -2.53 3.34
CA VAL A 12 -7.27 -2.25 1.97
C VAL A 12 -7.24 -0.76 1.72
N PHE A 13 -6.07 -0.20 1.68
CA PHE A 13 -5.98 1.26 1.42
C PHE A 13 -5.18 1.44 0.12
N ARG A 14 -4.91 2.67 -0.26
CA ARG A 14 -4.16 2.85 -1.52
C ARG A 14 -2.99 3.81 -1.43
N VAL A 15 -2.14 3.69 -2.40
CA VAL A 15 -0.93 4.55 -2.50
C VAL A 15 -1.23 5.54 -3.61
N ASN A 16 -0.69 6.71 -3.54
CA ASN A 16 -0.99 7.68 -4.63
C ASN A 16 0.15 7.67 -5.64
N VAL A 17 -0.19 7.93 -6.86
CA VAL A 17 0.83 7.93 -7.93
C VAL A 17 0.95 9.33 -8.52
N GLU A 18 1.69 10.14 -7.82
CA GLU A 18 1.91 11.54 -8.29
C GLU A 18 2.79 11.51 -9.53
N ASP A 19 3.91 10.84 -9.40
CA ASP A 19 4.85 10.71 -10.54
C ASP A 19 5.49 9.33 -10.45
N GLU A 20 6.59 9.19 -11.10
CA GLU A 20 7.34 7.92 -11.10
C GLU A 20 7.87 7.61 -9.70
N ASN A 21 8.20 8.61 -8.95
CA ASN A 21 8.70 8.37 -7.55
C ASN A 21 7.87 7.27 -6.88
N ASP A 22 6.61 7.56 -6.63
CA ASP A 22 5.72 6.54 -5.98
C ASP A 22 5.83 5.20 -6.69
N ILE A 23 5.54 5.24 -7.96
CA ILE A 23 5.63 4.00 -8.79
C ILE A 23 6.84 3.16 -8.38
N SER A 24 7.95 3.82 -8.35
CA SER A 24 9.21 3.13 -7.97
C SER A 24 9.07 2.51 -6.58
N GLU A 25 8.76 3.33 -5.59
CA GLU A 25 8.63 2.78 -4.20
C GLU A 25 7.55 1.66 -4.12
N LEU A 26 6.36 1.91 -4.59
CA LEU A 26 5.33 0.87 -4.49
C LEU A 26 5.80 -0.37 -5.27
N HIS A 27 6.40 -0.18 -6.42
CA HIS A 27 6.93 -1.36 -7.19
C HIS A 27 7.80 -2.16 -6.22
N GLU A 28 8.71 -1.42 -5.63
CA GLU A 28 9.67 -1.97 -4.62
C GLU A 28 8.90 -2.76 -3.55
N LEU A 29 7.66 -2.39 -3.36
CA LEU A 29 6.80 -3.08 -2.35
C LEU A 29 5.48 -3.56 -2.99
N ALA A 30 5.57 -4.32 -4.05
CA ALA A 30 4.33 -4.84 -4.70
C ALA A 30 4.38 -6.37 -4.74
N SER A 31 4.53 -6.92 -5.92
CA SER A 31 4.57 -8.41 -6.05
C SER A 31 5.99 -8.89 -5.77
N THR A 32 6.40 -8.63 -4.58
CA THR A 32 7.77 -9.02 -4.12
C THR A 32 7.69 -9.83 -2.84
N ARG A 33 6.84 -9.41 -1.94
CA ARG A 33 6.69 -10.12 -0.64
C ARG A 33 5.23 -10.58 -0.52
N GLN A 34 4.86 -11.12 0.61
CA GLN A 34 3.45 -11.61 0.77
C GLN A 34 2.49 -10.45 1.06
N ILE A 35 2.47 -9.51 0.16
CA ILE A 35 1.56 -8.33 0.31
C ILE A 35 0.57 -8.38 -0.86
N ASP A 36 -0.64 -8.78 -0.56
CA ASP A 36 -1.68 -8.91 -1.63
C ASP A 36 -1.89 -7.62 -2.41
N PHE A 37 -2.37 -7.82 -3.61
CA PHE A 37 -2.65 -6.68 -4.53
C PHE A 37 -4.12 -6.76 -4.92
N TRP A 38 -4.76 -5.63 -5.04
CA TRP A 38 -6.21 -5.63 -5.42
C TRP A 38 -6.41 -4.91 -6.75
N LYS A 39 -6.06 -3.65 -6.79
CA LYS A 39 -6.21 -2.89 -8.07
C LYS A 39 -4.91 -2.11 -8.31
N PRO A 40 -4.63 -1.76 -9.56
CA PRO A 40 -5.47 -2.10 -10.74
C PRO A 40 -5.06 -3.42 -11.39
N ASP A 41 -3.85 -3.47 -11.90
CA ASP A 41 -3.38 -4.67 -12.60
C ASP A 41 -2.16 -5.21 -11.86
N SER A 42 -1.16 -5.45 -12.62
CA SER A 42 0.11 -6.02 -12.07
C SER A 42 1.15 -4.92 -11.92
N VAL A 43 0.72 -3.85 -11.28
CA VAL A 43 1.59 -2.65 -11.03
C VAL A 43 2.65 -2.41 -12.13
N THR A 44 2.29 -2.69 -13.35
CA THR A 44 3.25 -2.49 -14.50
C THR A 44 2.76 -1.45 -15.52
N GLN A 45 1.50 -1.10 -15.44
CA GLN A 45 0.93 -0.07 -16.39
C GLN A 45 0.31 1.10 -15.64
N ILE A 46 0.48 1.10 -14.34
CA ILE A 46 -0.07 2.22 -13.52
C ILE A 46 0.52 3.54 -14.01
N LYS A 47 -0.24 4.60 -13.93
CA LYS A 47 0.27 5.92 -14.39
C LYS A 47 0.29 6.88 -13.20
N PRO A 48 0.96 8.00 -13.36
CA PRO A 48 0.69 9.18 -12.53
C PRO A 48 -0.80 9.58 -12.61
N HIS A 49 -1.23 10.30 -11.60
CA HIS A 49 -2.67 10.77 -11.54
C HIS A 49 -3.56 9.57 -11.21
N SER A 50 -3.06 8.73 -10.35
CA SER A 50 -3.80 7.49 -9.94
C SER A 50 -3.43 7.08 -8.50
N THR A 51 -4.07 6.03 -8.02
CA THR A 51 -3.78 5.48 -6.66
C THR A 51 -3.84 3.95 -6.81
N VAL A 52 -3.08 3.21 -6.05
CA VAL A 52 -3.15 1.71 -6.21
C VAL A 52 -3.81 1.05 -4.99
N ASP A 53 -4.56 -0.02 -5.22
CA ASP A 53 -5.28 -0.72 -4.08
C ASP A 53 -4.48 -1.99 -3.69
N PHE A 54 -3.73 -1.91 -2.64
CA PHE A 54 -2.90 -3.09 -2.21
C PHE A 54 -3.03 -3.40 -0.70
N ARG A 55 -2.33 -4.47 -0.29
CA ARG A 55 -2.26 -5.00 1.14
C ARG A 55 -3.62 -5.04 1.88
N VAL A 56 -3.73 -5.76 3.03
CA VAL A 56 -5.06 -5.83 3.71
C VAL A 56 -5.23 -6.64 5.00
N LYS A 57 -4.46 -7.61 5.14
CA LYS A 57 -4.61 -8.51 6.35
C LYS A 57 -3.77 -8.01 7.53
N ALA A 58 -3.49 -8.89 8.47
CA ALA A 58 -2.66 -8.48 9.63
C ALA A 58 -1.21 -8.84 9.36
N GLU A 59 -1.00 -10.04 8.88
CA GLU A 59 0.37 -10.53 8.57
C GLU A 59 1.17 -9.60 7.64
N ASP A 60 0.58 -8.53 7.20
CA ASP A 60 1.30 -7.59 6.28
C ASP A 60 1.23 -6.14 6.77
N ILE A 61 1.12 -5.92 8.05
CA ILE A 61 1.05 -4.50 8.54
C ILE A 61 2.38 -4.10 9.20
N LEU A 62 2.48 -2.83 9.48
CA LEU A 62 3.66 -2.21 10.13
C LEU A 62 4.74 -2.00 9.10
N ALA A 63 5.16 -3.05 8.45
CA ALA A 63 6.23 -2.90 7.43
C ALA A 63 5.69 -2.24 6.16
N VAL A 64 4.48 -2.55 5.80
CA VAL A 64 3.88 -1.95 4.56
C VAL A 64 3.37 -0.55 4.83
N GLU A 65 3.22 -0.22 6.07
CA GLU A 65 2.77 1.15 6.40
C GLU A 65 4.08 1.92 6.56
N ASP A 66 4.99 1.34 7.33
CA ASP A 66 6.35 1.94 7.54
C ASP A 66 6.90 2.33 6.17
N PHE A 67 6.94 1.35 5.30
CA PHE A 67 7.43 1.57 3.92
C PHE A 67 6.98 2.94 3.42
N LEU A 68 5.71 3.19 3.50
CA LEU A 68 5.20 4.53 3.05
C LEU A 68 5.85 5.69 3.83
N GLU A 69 6.07 5.49 5.10
CA GLU A 69 6.69 6.57 5.92
C GLU A 69 8.18 6.78 5.58
N GLN A 70 8.95 5.71 5.68
CA GLN A 70 10.43 5.81 5.38
C GLN A 70 10.75 6.64 4.13
N ASN A 71 9.93 6.54 3.12
CA ASN A 71 10.17 7.30 1.86
C ASN A 71 9.05 8.33 1.66
N GLU A 72 8.71 9.01 2.74
CA GLU A 72 7.63 10.05 2.72
C GLU A 72 6.78 9.97 1.44
N LEU A 73 6.12 8.84 1.32
CA LEU A 73 5.28 8.59 0.13
C LEU A 73 3.86 9.06 0.44
N GLN A 74 2.98 8.88 -0.50
CA GLN A 74 1.57 9.30 -0.27
C GLN A 74 0.63 8.11 -0.34
N TYR A 75 -0.36 8.15 0.52
CA TYR A 75 -1.39 7.09 0.60
C TYR A 75 -2.65 7.69 1.21
N GLU A 76 -3.79 7.15 0.88
CA GLU A 76 -5.08 7.67 1.43
C GLU A 76 -6.03 6.49 1.76
N VAL A 77 -7.07 6.77 2.52
CA VAL A 77 -8.05 5.69 2.87
C VAL A 77 -9.44 6.16 2.43
N LEU A 78 -10.00 5.55 1.42
CA LEU A 78 -11.33 5.96 0.97
C LEU A 78 -12.22 4.72 1.05
N ILE A 79 -13.15 4.64 0.17
CA ILE A 79 -14.08 3.46 0.19
C ILE A 79 -13.34 2.23 -0.23
N ASN A 80 -12.50 2.54 -1.11
CA ASN A 80 -11.57 1.57 -1.78
C ASN A 80 -12.17 1.02 -3.08
N ASN A 81 -13.24 0.29 -2.98
CA ASN A 81 -13.85 -0.31 -4.21
C ASN A 81 -15.20 0.36 -4.50
N HIS A 1 -5.82 -11.90 24.13
CA HIS A 1 -7.02 -11.94 23.27
C HIS A 1 -7.93 -13.07 23.74
N HIS A 2 -9.02 -13.27 23.05
CA HIS A 2 -9.96 -14.36 23.44
C HIS A 2 -9.74 -15.63 22.59
N SER A 3 -10.56 -15.85 21.59
CA SER A 3 -10.41 -17.05 20.72
C SER A 3 -10.21 -16.63 19.26
N GLY A 4 -11.17 -15.88 18.78
CA GLY A 4 -11.12 -15.35 17.38
C GLY A 4 -11.20 -13.84 17.45
N GLU A 5 -10.22 -13.24 18.06
CA GLU A 5 -10.19 -11.77 18.23
C GLU A 5 -8.95 -11.17 17.55
N HIS A 6 -8.98 -9.88 17.35
CA HIS A 6 -7.85 -9.16 16.70
C HIS A 6 -7.79 -7.75 17.25
N PHE A 7 -6.97 -6.92 16.64
CA PHE A 7 -6.88 -5.50 17.08
C PHE A 7 -7.44 -4.66 15.93
N GLU A 8 -6.99 -5.00 14.75
CA GLU A 8 -7.48 -4.30 13.53
C GLU A 8 -7.56 -5.34 12.40
N GLY A 9 -8.41 -5.11 11.44
CA GLY A 9 -8.53 -6.07 10.30
C GLY A 9 -8.70 -5.32 8.99
N GLU A 10 -9.83 -4.68 8.86
CA GLU A 10 -10.13 -3.90 7.63
C GLU A 10 -9.16 -2.71 7.54
N LYS A 11 -7.97 -3.01 7.08
CA LYS A 11 -6.95 -1.94 6.96
C LYS A 11 -6.50 -1.88 5.55
N VAL A 12 -7.19 -1.05 4.99
CA VAL A 12 -7.05 -0.74 3.54
C VAL A 12 -6.24 0.52 3.33
N PHE A 13 -5.52 0.49 2.24
CA PHE A 13 -4.66 1.62 1.88
C PHE A 13 -4.94 2.00 0.45
N ARG A 14 -4.94 3.28 0.21
CA ARG A 14 -5.18 3.80 -1.16
C ARG A 14 -4.01 4.71 -1.49
N VAL A 15 -3.22 4.33 -2.44
CA VAL A 15 -2.07 5.20 -2.79
C VAL A 15 -2.44 5.99 -4.04
N ASN A 16 -1.79 7.11 -4.19
CA ASN A 16 -2.03 7.98 -5.36
C ASN A 16 -0.74 7.99 -6.17
N VAL A 17 -0.72 7.30 -7.26
CA VAL A 17 0.52 7.29 -8.07
C VAL A 17 0.74 8.72 -8.59
N GLU A 18 1.27 9.58 -7.73
CA GLU A 18 1.50 10.99 -8.10
C GLU A 18 2.28 11.09 -9.41
N ASP A 19 3.48 10.61 -9.36
CA ASP A 19 4.36 10.67 -10.54
C ASP A 19 5.01 9.29 -10.67
N GLU A 20 6.29 9.28 -10.92
CA GLU A 20 7.04 8.03 -11.04
C GLU A 20 7.44 7.55 -9.64
N ASN A 21 7.88 8.49 -8.82
CA ASN A 21 8.33 8.15 -7.42
C ASN A 21 7.49 6.99 -6.83
N ASP A 22 6.21 7.19 -6.73
CA ASP A 22 5.36 6.10 -6.17
C ASP A 22 5.62 4.80 -6.92
N ILE A 23 5.61 4.89 -8.22
CA ILE A 23 5.83 3.67 -9.05
C ILE A 23 7.16 3.00 -8.70
N SER A 24 8.19 3.78 -8.62
CA SER A 24 9.53 3.22 -8.28
C SER A 24 9.52 2.65 -6.84
N GLU A 25 9.28 3.50 -5.89
CA GLU A 25 9.21 3.06 -4.47
C GLU A 25 8.26 1.86 -4.30
N LEU A 26 7.10 1.93 -4.90
CA LEU A 26 6.11 0.82 -4.78
C LEU A 26 6.64 -0.41 -5.53
N HIS A 27 7.09 -0.22 -6.74
CA HIS A 27 7.64 -1.37 -7.51
C HIS A 27 8.61 -2.12 -6.61
N GLU A 28 9.44 -1.33 -5.99
CA GLU A 28 10.46 -1.85 -5.04
C GLU A 28 9.81 -2.82 -4.03
N LEU A 29 8.71 -2.40 -3.47
CA LEU A 29 7.99 -3.24 -2.45
C LEU A 29 7.16 -4.35 -3.11
N ALA A 30 6.31 -3.98 -4.04
CA ALA A 30 5.46 -4.98 -4.73
C ALA A 30 6.30 -6.09 -5.34
N SER A 31 7.52 -5.79 -5.66
CA SER A 31 8.40 -6.83 -6.25
C SER A 31 9.24 -7.49 -5.15
N THR A 32 10.07 -6.73 -4.49
CA THR A 32 10.90 -7.33 -3.40
C THR A 32 10.05 -8.08 -2.37
N ARG A 33 8.88 -7.56 -2.09
CA ARG A 33 8.00 -8.22 -1.07
C ARG A 33 6.59 -8.54 -1.62
N GLN A 34 6.53 -8.98 -2.86
CA GLN A 34 5.23 -9.35 -3.54
C GLN A 34 3.98 -9.27 -2.64
N ILE A 35 3.19 -8.21 -2.79
CA ILE A 35 1.95 -8.07 -1.96
C ILE A 35 0.69 -8.12 -2.84
N ASP A 36 -0.41 -8.40 -2.21
CA ASP A 36 -1.71 -8.49 -2.94
C ASP A 36 -2.34 -7.09 -3.06
N PHE A 37 -2.78 -6.76 -4.26
CA PHE A 37 -3.38 -5.41 -4.50
C PHE A 37 -4.91 -5.48 -4.48
N TRP A 38 -5.50 -4.33 -4.75
CA TRP A 38 -6.99 -4.22 -4.79
C TRP A 38 -7.41 -3.56 -6.10
N LYS A 39 -6.79 -2.45 -6.42
CA LYS A 39 -7.10 -1.71 -7.69
C LYS A 39 -5.88 -0.89 -8.11
N PRO A 40 -5.24 -1.18 -9.23
CA PRO A 40 -5.61 -2.28 -10.18
C PRO A 40 -5.28 -3.68 -9.61
N ASP A 41 -4.79 -4.54 -10.47
CA ASP A 41 -4.45 -5.92 -10.02
C ASP A 41 -2.95 -6.12 -9.80
N SER A 42 -2.14 -5.66 -10.71
CA SER A 42 -0.67 -5.86 -10.60
C SER A 42 0.08 -4.53 -10.35
N VAL A 43 1.39 -4.62 -10.41
CA VAL A 43 2.25 -3.42 -10.18
C VAL A 43 2.77 -2.87 -11.51
N THR A 44 2.78 -3.70 -12.52
CA THR A 44 3.24 -3.23 -13.86
C THR A 44 2.04 -2.81 -14.71
N GLN A 45 0.90 -2.72 -14.06
CA GLN A 45 -0.34 -2.28 -14.75
C GLN A 45 -0.74 -0.95 -14.10
N ILE A 46 0.25 -0.14 -13.84
CA ILE A 46 -0.01 1.17 -13.20
C ILE A 46 0.67 2.32 -13.94
N LYS A 47 0.05 3.47 -13.88
CA LYS A 47 0.61 4.68 -14.54
C LYS A 47 0.68 5.81 -13.50
N PRO A 48 1.50 6.81 -13.76
CA PRO A 48 1.51 8.06 -12.95
C PRO A 48 0.12 8.66 -12.82
N HIS A 49 0.02 9.69 -12.02
CA HIS A 49 -1.28 10.39 -11.79
C HIS A 49 -2.43 9.37 -11.71
N SER A 50 -2.26 8.40 -10.84
CA SER A 50 -3.31 7.34 -10.66
C SER A 50 -3.41 6.98 -9.18
N THR A 51 -4.11 5.93 -8.89
CA THR A 51 -4.22 5.47 -7.49
C THR A 51 -4.07 3.95 -7.47
N VAL A 52 -3.37 3.45 -6.49
CA VAL A 52 -3.21 1.97 -6.38
C VAL A 52 -3.57 1.60 -4.93
N ASP A 53 -4.57 0.76 -4.80
CA ASP A 53 -5.01 0.35 -3.43
C ASP A 53 -4.62 -1.10 -3.14
N PHE A 54 -4.48 -1.42 -1.88
CA PHE A 54 -4.09 -2.82 -1.51
C PHE A 54 -4.79 -3.34 -0.23
N ARG A 55 -4.70 -4.65 -0.13
CA ARG A 55 -5.26 -5.52 0.99
C ARG A 55 -5.55 -4.93 2.38
N VAL A 56 -6.35 -5.70 3.12
CA VAL A 56 -6.73 -5.36 4.49
C VAL A 56 -6.52 -6.62 5.38
N LYS A 57 -5.40 -7.24 5.19
CA LYS A 57 -5.08 -8.48 5.98
C LYS A 57 -4.36 -8.08 7.26
N ALA A 58 -3.78 -9.04 7.94
CA ALA A 58 -3.03 -8.74 9.20
C ALA A 58 -1.61 -9.33 9.11
N GLU A 59 -1.55 -10.61 8.85
CA GLU A 59 -0.25 -11.33 8.74
C GLU A 59 0.77 -10.58 7.87
N ASP A 60 0.31 -9.89 6.84
CA ASP A 60 1.27 -9.16 5.95
C ASP A 60 1.22 -7.64 6.13
N ILE A 61 0.88 -7.19 7.31
CA ILE A 61 0.81 -5.69 7.55
C ILE A 61 2.01 -5.24 8.38
N LEU A 62 2.06 -3.95 8.59
CA LEU A 62 3.12 -3.28 9.38
C LEU A 62 4.23 -2.91 8.42
N ALA A 63 4.73 -3.91 7.75
CA ALA A 63 5.85 -3.69 6.79
C ALA A 63 5.34 -3.19 5.45
N VAL A 64 4.28 -2.43 5.53
CA VAL A 64 3.69 -1.80 4.34
C VAL A 64 3.38 -0.37 4.73
N GLU A 65 2.83 -0.21 5.90
CA GLU A 65 2.52 1.18 6.37
C GLU A 65 3.85 1.80 6.76
N ASP A 66 4.68 1.00 7.39
CA ASP A 66 6.02 1.50 7.78
C ASP A 66 6.73 1.97 6.52
N PHE A 67 6.73 1.09 5.56
CA PHE A 67 7.38 1.39 4.25
C PHE A 67 6.82 2.68 3.66
N LEU A 68 5.53 2.74 3.54
CA LEU A 68 4.89 3.96 2.94
C LEU A 68 5.11 5.20 3.81
N GLU A 69 5.29 4.99 5.08
CA GLU A 69 5.48 6.14 6.01
C GLU A 69 6.94 6.58 6.07
N GLN A 70 7.82 5.68 6.42
CA GLN A 70 9.27 6.03 6.50
C GLN A 70 9.76 6.76 5.24
N ASN A 71 9.16 6.48 4.10
CA ASN A 71 9.58 7.21 2.86
C ASN A 71 8.44 8.14 2.42
N GLU A 72 7.66 8.54 3.40
CA GLU A 72 6.47 9.42 3.18
C GLU A 72 5.99 9.35 1.73
N LEU A 73 5.70 8.14 1.33
CA LEU A 73 5.22 7.95 -0.03
C LEU A 73 3.89 8.66 -0.15
N GLN A 74 3.44 8.73 -1.34
CA GLN A 74 2.16 9.42 -1.58
C GLN A 74 0.99 8.48 -1.29
N TYR A 75 0.86 8.10 -0.03
CA TYR A 75 -0.25 7.17 0.36
C TYR A 75 -1.31 7.86 1.23
N GLU A 76 -2.49 7.29 1.21
CA GLU A 76 -3.65 7.79 2.01
C GLU A 76 -4.01 6.69 3.01
N VAL A 77 -4.49 7.04 4.18
CA VAL A 77 -4.86 6.01 5.20
C VAL A 77 -6.36 6.12 5.49
N LEU A 78 -6.99 5.02 5.88
CA LEU A 78 -8.40 5.04 6.16
C LEU A 78 -8.63 4.48 7.56
N ILE A 79 -9.88 4.30 7.74
CA ILE A 79 -10.56 3.79 8.98
C ILE A 79 -10.45 4.68 10.18
N ASN A 80 -9.29 5.02 10.34
CA ASN A 80 -8.86 5.91 11.46
C ASN A 80 -9.42 7.32 11.26
N ASN A 81 -9.22 7.83 10.08
CA ASN A 81 -9.72 9.20 9.75
C ASN A 81 -10.61 9.19 8.50
N HIS A 1 -2.30 -11.24 19.80
CA HIS A 1 -0.82 -11.40 19.93
C HIS A 1 -0.51 -12.69 20.71
N HIS A 2 -1.01 -13.81 20.23
CA HIS A 2 -0.75 -15.11 20.95
C HIS A 2 0.12 -15.98 20.04
N SER A 3 -0.28 -16.04 18.79
CA SER A 3 0.50 -16.82 17.80
C SER A 3 0.77 -15.93 16.58
N GLY A 4 0.88 -14.65 16.82
CA GLY A 4 1.16 -13.71 15.68
C GLY A 4 -0.03 -12.78 15.38
N GLU A 5 -1.21 -13.32 15.43
CA GLU A 5 -2.40 -12.47 15.11
C GLU A 5 -2.44 -11.22 16.01
N HIS A 6 -3.09 -10.21 15.54
CA HIS A 6 -3.19 -8.96 16.34
C HIS A 6 -4.62 -8.47 16.26
N PHE A 7 -4.93 -7.45 17.01
CA PHE A 7 -6.32 -6.93 16.97
C PHE A 7 -6.47 -5.94 15.82
N GLU A 8 -6.21 -6.42 14.63
CA GLU A 8 -6.32 -5.56 13.42
C GLU A 8 -7.24 -6.28 12.41
N GLY A 9 -8.02 -5.51 11.70
CA GLY A 9 -8.98 -6.12 10.71
C GLY A 9 -8.81 -5.58 9.31
N GLU A 10 -9.20 -4.36 9.07
CA GLU A 10 -9.08 -3.78 7.70
C GLU A 10 -7.99 -2.70 7.61
N LYS A 11 -6.88 -3.06 7.02
CA LYS A 11 -5.75 -2.11 6.86
C LYS A 11 -5.51 -1.94 5.39
N VAL A 12 -6.16 -1.00 5.00
CA VAL A 12 -6.14 -0.58 3.56
C VAL A 12 -5.59 0.84 3.44
N PHE A 13 -4.88 1.04 2.37
CA PHE A 13 -4.27 2.34 2.07
C PHE A 13 -4.30 2.47 0.55
N ARG A 14 -4.36 3.67 0.07
CA ARG A 14 -4.37 3.86 -1.39
C ARG A 14 -3.18 4.74 -1.72
N VAL A 15 -2.27 4.26 -2.49
CA VAL A 15 -1.12 5.14 -2.84
C VAL A 15 -1.60 6.06 -3.95
N ASN A 16 -1.45 7.34 -3.78
CA ASN A 16 -1.90 8.28 -4.83
C ASN A 16 -0.70 8.60 -5.71
N VAL A 17 -0.25 7.56 -6.36
CA VAL A 17 0.94 7.66 -7.26
C VAL A 17 1.05 9.04 -7.89
N GLU A 18 2.19 9.64 -7.74
CA GLU A 18 2.41 10.98 -8.32
C GLU A 18 3.06 10.86 -9.69
N ASP A 19 4.21 10.24 -9.74
CA ASP A 19 4.92 10.06 -11.03
C ASP A 19 5.59 8.70 -11.03
N GLU A 20 6.45 8.50 -11.98
CA GLU A 20 7.17 7.23 -12.08
C GLU A 20 7.80 6.91 -10.72
N ASN A 21 8.57 7.85 -10.21
CA ASN A 21 9.24 7.66 -8.88
C ASN A 21 8.37 6.82 -7.92
N ASP A 22 7.17 7.29 -7.66
CA ASP A 22 6.25 6.55 -6.73
C ASP A 22 6.18 5.08 -7.17
N ILE A 23 5.92 4.88 -8.42
CA ILE A 23 5.84 3.48 -8.92
C ILE A 23 7.16 2.75 -8.65
N SER A 24 8.27 3.42 -8.89
CA SER A 24 9.59 2.77 -8.65
C SER A 24 9.68 2.44 -7.15
N GLU A 25 9.50 3.45 -6.35
CA GLU A 25 9.54 3.27 -4.88
C GLU A 25 8.62 2.11 -4.47
N LEU A 26 7.40 2.16 -4.95
CA LEU A 26 6.41 1.08 -4.62
C LEU A 26 6.95 -0.27 -5.08
N HIS A 27 7.50 -0.29 -6.27
CA HIS A 27 8.07 -1.57 -6.81
C HIS A 27 9.04 -2.18 -5.78
N GLU A 28 9.74 -1.31 -5.11
CA GLU A 28 10.73 -1.73 -4.06
C GLU A 28 10.05 -2.71 -3.06
N LEU A 29 8.76 -2.55 -2.88
CA LEU A 29 8.01 -3.43 -1.93
C LEU A 29 7.51 -4.69 -2.66
N ALA A 30 6.84 -4.47 -3.75
CA ALA A 30 6.29 -5.61 -4.54
C ALA A 30 7.40 -6.60 -4.90
N SER A 31 8.62 -6.14 -4.90
CA SER A 31 9.75 -7.05 -5.26
C SER A 31 10.41 -7.69 -4.02
N THR A 32 9.69 -7.80 -2.94
CA THR A 32 10.29 -8.45 -1.74
C THR A 32 9.34 -9.54 -1.21
N ARG A 33 8.16 -9.14 -0.84
CA ARG A 33 7.17 -10.16 -0.33
C ARG A 33 6.19 -10.52 -1.43
N GLN A 34 5.24 -11.34 -1.07
CA GLN A 34 4.20 -11.78 -2.05
C GLN A 34 2.91 -11.03 -1.71
N ILE A 35 2.78 -9.88 -2.31
CA ILE A 35 1.55 -9.05 -2.07
C ILE A 35 0.76 -8.93 -3.38
N ASP A 36 -0.50 -8.64 -3.27
CA ASP A 36 -1.34 -8.50 -4.48
C ASP A 36 -2.01 -7.14 -4.49
N PHE A 37 -2.36 -6.68 -5.67
CA PHE A 37 -3.02 -5.35 -5.80
C PHE A 37 -4.38 -5.57 -6.45
N TRP A 38 -5.30 -4.68 -6.18
CA TRP A 38 -6.66 -4.86 -6.77
C TRP A 38 -7.03 -3.65 -7.61
N LYS A 39 -6.84 -2.49 -7.05
CA LYS A 39 -7.15 -1.24 -7.80
C LYS A 39 -5.83 -0.52 -8.08
N PRO A 40 -5.54 -0.23 -9.32
CA PRO A 40 -5.85 -1.13 -10.47
C PRO A 40 -5.36 -2.55 -10.20
N ASP A 41 -5.69 -3.45 -11.09
CA ASP A 41 -5.26 -4.86 -10.90
C ASP A 41 -3.80 -5.01 -11.37
N SER A 42 -2.93 -4.28 -10.75
CA SER A 42 -1.50 -4.35 -11.14
C SER A 42 -0.65 -3.42 -10.28
N VAL A 43 0.63 -3.58 -10.45
CA VAL A 43 1.65 -2.74 -9.74
C VAL A 43 2.62 -2.20 -10.81
N THR A 44 2.34 -2.60 -12.02
CA THR A 44 3.15 -2.20 -13.21
C THR A 44 2.31 -1.34 -14.15
N GLN A 45 1.12 -1.83 -14.41
CA GLN A 45 0.18 -1.10 -15.31
C GLN A 45 -0.52 0.04 -14.54
N ILE A 46 0.27 0.77 -13.81
CA ILE A 46 -0.28 1.91 -13.01
C ILE A 46 0.27 3.19 -13.62
N LYS A 47 -0.52 4.24 -13.61
CA LYS A 47 -0.03 5.53 -14.19
C LYS A 47 0.05 6.56 -13.06
N PRO A 48 0.81 7.62 -13.29
CA PRO A 48 0.79 8.82 -12.41
C PRO A 48 -0.64 9.27 -12.06
N HIS A 49 -0.81 9.82 -10.89
CA HIS A 49 -2.15 10.33 -10.43
C HIS A 49 -3.22 9.22 -10.43
N SER A 50 -2.96 8.20 -9.67
CA SER A 50 -3.95 7.09 -9.58
C SER A 50 -4.01 6.59 -8.16
N THR A 51 -4.95 5.75 -7.90
CA THR A 51 -5.11 5.18 -6.54
C THR A 51 -4.76 3.69 -6.60
N VAL A 52 -3.68 3.32 -5.98
CA VAL A 52 -3.30 1.88 -6.01
C VAL A 52 -3.47 1.30 -4.60
N ASP A 53 -4.22 0.24 -4.44
CA ASP A 53 -4.39 -0.30 -3.05
C ASP A 53 -3.81 -1.70 -2.89
N PHE A 54 -3.65 -2.06 -1.65
CA PHE A 54 -3.09 -3.41 -1.30
C PHE A 54 -4.11 -4.22 -0.48
N ARG A 55 -3.65 -5.35 0.03
CA ARG A 55 -4.57 -6.22 0.84
C ARG A 55 -4.55 -5.80 2.33
N VAL A 56 -5.66 -6.04 2.96
CA VAL A 56 -5.82 -5.69 4.38
C VAL A 56 -5.53 -6.93 5.24
N LYS A 57 -4.50 -7.67 4.88
CA LYS A 57 -4.18 -8.90 5.66
C LYS A 57 -3.35 -8.53 6.89
N ALA A 58 -4.01 -7.89 7.82
CA ALA A 58 -3.41 -7.42 9.14
C ALA A 58 -1.96 -7.85 9.38
N GLU A 59 -1.77 -9.13 9.55
CA GLU A 59 -0.40 -9.68 9.78
C GLU A 59 0.60 -9.19 8.69
N ASP A 60 0.23 -9.29 7.44
CA ASP A 60 1.14 -8.83 6.33
C ASP A 60 1.01 -7.32 6.10
N ILE A 61 0.58 -6.60 7.11
CA ILE A 61 0.45 -5.12 6.94
C ILE A 61 1.72 -4.46 7.51
N LEU A 62 1.58 -3.78 8.65
CA LEU A 62 2.72 -3.09 9.36
C LEU A 62 3.86 -2.60 8.44
N ALA A 63 4.66 -3.53 7.98
CA ALA A 63 5.79 -3.16 7.08
C ALA A 63 5.28 -2.28 5.93
N VAL A 64 4.07 -2.56 5.50
CA VAL A 64 3.50 -1.74 4.39
C VAL A 64 3.28 -0.31 4.89
N GLU A 65 2.74 -0.19 6.08
CA GLU A 65 2.48 1.15 6.69
C GLU A 65 3.84 1.86 6.79
N ASP A 66 4.74 1.21 7.49
CA ASP A 66 6.12 1.76 7.65
C ASP A 66 6.67 2.15 6.27
N PHE A 67 6.76 1.19 5.40
CA PHE A 67 7.28 1.45 4.01
C PHE A 67 6.58 2.66 3.39
N LEU A 68 5.27 2.62 3.36
CA LEU A 68 4.50 3.76 2.79
C LEU A 68 4.90 5.05 3.50
N GLU A 69 5.19 4.90 4.77
CA GLU A 69 5.61 6.08 5.58
C GLU A 69 7.01 6.53 5.14
N GLN A 70 7.96 5.66 5.34
CA GLN A 70 9.38 5.92 4.96
C GLN A 70 9.48 6.63 3.60
N ASN A 71 8.77 6.12 2.62
CA ASN A 71 8.83 6.79 1.29
C ASN A 71 7.58 7.63 1.06
N GLU A 72 7.09 8.27 2.11
CA GLU A 72 5.85 9.12 2.05
C GLU A 72 5.06 8.89 0.75
N LEU A 73 4.77 7.64 0.53
CA LEU A 73 4.04 7.26 -0.69
C LEU A 73 2.57 7.60 -0.49
N GLN A 74 2.27 8.87 -0.70
CA GLN A 74 0.89 9.44 -0.56
C GLN A 74 -0.17 8.36 -0.34
N TYR A 75 -0.25 7.86 0.87
CA TYR A 75 -1.25 6.79 1.12
C TYR A 75 -2.44 7.36 1.86
N GLU A 76 -3.59 6.98 1.39
CA GLU A 76 -4.86 7.46 2.01
C GLU A 76 -5.73 6.25 2.40
N VAL A 77 -6.80 6.47 3.11
CA VAL A 77 -7.67 5.32 3.54
C VAL A 77 -9.10 5.45 2.98
N LEU A 78 -9.93 4.46 3.26
CA LEU A 78 -11.35 4.48 2.81
C LEU A 78 -12.27 4.66 4.03
N ILE A 79 -11.81 5.48 4.93
CA ILE A 79 -12.57 5.78 6.17
C ILE A 79 -12.48 7.29 6.41
N ASN A 80 -13.40 8.02 5.84
CA ASN A 80 -13.39 9.50 6.05
C ASN A 80 -14.44 9.81 7.12
N ASN A 81 -15.27 8.84 7.38
CA ASN A 81 -16.34 8.99 8.42
C ASN A 81 -16.36 7.73 9.29
N HIS A 1 2.28 -11.52 15.34
CA HIS A 1 2.56 -12.56 16.36
C HIS A 1 3.63 -12.07 17.34
N HIS A 2 4.81 -11.78 16.81
CA HIS A 2 5.98 -11.29 17.62
C HIS A 2 5.71 -11.07 19.11
N SER A 3 5.07 -9.97 19.45
CA SER A 3 4.79 -9.70 20.89
C SER A 3 3.32 -9.32 21.12
N GLY A 4 2.96 -8.17 20.62
CA GLY A 4 1.56 -7.69 20.76
C GLY A 4 1.12 -7.02 19.47
N GLU A 5 -0.15 -7.11 19.18
CA GLU A 5 -0.69 -6.48 17.93
C GLU A 5 -2.03 -5.81 18.26
N HIS A 6 -2.79 -5.46 17.25
CA HIS A 6 -4.11 -4.79 17.52
C HIS A 6 -5.25 -5.48 16.75
N PHE A 7 -6.42 -4.91 16.80
CA PHE A 7 -7.58 -5.53 16.09
C PHE A 7 -7.86 -4.80 14.78
N GLU A 8 -7.06 -3.80 14.49
CA GLU A 8 -7.27 -3.02 13.23
C GLU A 8 -6.44 -3.70 12.13
N GLY A 9 -6.85 -4.89 11.81
CA GLY A 9 -6.15 -5.70 10.76
C GLY A 9 -6.95 -5.68 9.46
N GLU A 10 -8.25 -5.82 9.57
CA GLU A 10 -9.08 -5.83 8.33
C GLU A 10 -9.28 -4.39 7.83
N LYS A 11 -8.20 -3.72 7.53
CA LYS A 11 -8.34 -2.31 7.04
C LYS A 11 -8.12 -2.23 5.53
N VAL A 12 -8.47 -1.10 4.97
CA VAL A 12 -8.30 -0.90 3.49
C VAL A 12 -7.66 0.46 3.25
N PHE A 13 -6.93 0.61 2.18
CA PHE A 13 -6.32 1.95 1.88
C PHE A 13 -5.72 1.96 0.47
N ARG A 14 -5.30 3.13 0.05
CA ARG A 14 -4.72 3.27 -1.30
C ARG A 14 -3.38 4.02 -1.32
N VAL A 15 -2.69 3.91 -2.43
CA VAL A 15 -1.40 4.63 -2.62
C VAL A 15 -1.66 5.62 -3.76
N ASN A 16 -0.98 6.73 -3.79
CA ASN A 16 -1.24 7.71 -4.88
C ASN A 16 -0.06 7.74 -5.83
N VAL A 17 -0.34 7.55 -7.07
CA VAL A 17 0.75 7.55 -8.07
C VAL A 17 0.71 8.92 -8.74
N GLU A 18 1.47 9.82 -8.20
CA GLU A 18 1.51 11.20 -8.75
C GLU A 18 2.61 11.29 -9.80
N ASP A 19 3.76 10.78 -9.47
CA ASP A 19 4.91 10.81 -10.42
C ASP A 19 5.49 9.44 -10.56
N GLU A 20 6.44 9.41 -11.41
CA GLU A 20 7.15 8.14 -11.70
C GLU A 20 7.79 7.63 -10.42
N ASN A 21 8.44 8.52 -9.73
CA ASN A 21 9.13 8.14 -8.46
C ASN A 21 8.20 7.26 -7.60
N ASP A 22 6.96 7.66 -7.49
CA ASP A 22 6.00 6.86 -6.68
C ASP A 22 5.87 5.48 -7.29
N ILE A 23 5.79 5.42 -8.59
CA ILE A 23 5.64 4.08 -9.26
C ILE A 23 6.86 3.23 -8.95
N SER A 24 8.01 3.85 -9.08
CA SER A 24 9.30 3.16 -8.81
C SER A 24 9.34 2.67 -7.35
N GLU A 25 9.38 3.61 -6.46
CA GLU A 25 9.41 3.28 -5.02
C GLU A 25 8.26 2.35 -4.65
N LEU A 26 7.04 2.66 -5.06
CA LEU A 26 5.93 1.75 -4.71
C LEU A 26 6.23 0.35 -5.26
N HIS A 27 6.60 0.30 -6.52
CA HIS A 27 6.92 -1.02 -7.19
C HIS A 27 7.59 -1.99 -6.22
N GLU A 28 8.74 -1.59 -5.73
CA GLU A 28 9.51 -2.44 -4.78
C GLU A 28 8.59 -3.21 -3.81
N LEU A 29 7.61 -2.51 -3.30
CA LEU A 29 6.63 -3.17 -2.36
C LEU A 29 6.27 -4.57 -2.86
N ALA A 30 5.99 -4.70 -4.14
CA ALA A 30 5.60 -6.04 -4.67
C ALA A 30 6.85 -6.92 -4.91
N SER A 31 7.84 -6.74 -4.10
CA SER A 31 9.09 -7.55 -4.23
C SER A 31 9.64 -7.82 -2.83
N THR A 32 9.64 -6.78 -2.04
CA THR A 32 10.18 -6.89 -0.66
C THR A 32 9.11 -7.37 0.37
N ARG A 33 7.85 -7.28 0.04
CA ARG A 33 6.80 -7.75 1.02
C ARG A 33 5.87 -8.78 0.36
N GLN A 34 5.04 -9.40 1.17
CA GLN A 34 4.08 -10.42 0.62
C GLN A 34 2.67 -9.89 0.89
N ILE A 35 2.36 -8.83 0.19
CA ILE A 35 1.02 -8.19 0.35
C ILE A 35 0.08 -8.58 -0.80
N ASP A 36 -1.08 -7.99 -0.81
CA ASP A 36 -2.06 -8.27 -1.89
C ASP A 36 -2.37 -6.97 -2.63
N PHE A 37 -3.09 -7.07 -3.72
CA PHE A 37 -3.47 -5.85 -4.50
C PHE A 37 -4.96 -5.91 -4.83
N TRP A 38 -5.57 -4.76 -5.00
CA TRP A 38 -7.04 -4.73 -5.34
C TRP A 38 -7.22 -4.00 -6.67
N LYS A 39 -6.74 -2.78 -6.73
CA LYS A 39 -6.84 -1.96 -8.00
C LYS A 39 -5.46 -1.35 -8.28
N PRO A 40 -5.16 -1.03 -9.52
CA PRO A 40 -6.09 -1.11 -10.67
C PRO A 40 -6.02 -2.49 -11.33
N ASP A 41 -4.94 -2.75 -12.01
CA ASP A 41 -4.78 -4.08 -12.67
C ASP A 41 -3.57 -4.75 -12.01
N SER A 42 -2.43 -4.23 -12.34
CA SER A 42 -1.16 -4.76 -11.77
C SER A 42 -0.36 -3.58 -11.21
N VAL A 43 0.80 -3.88 -10.72
CA VAL A 43 1.69 -2.82 -10.18
C VAL A 43 2.84 -2.70 -11.19
N THR A 44 2.49 -3.04 -12.40
CA THR A 44 3.44 -3.00 -13.54
C THR A 44 2.87 -2.03 -14.59
N GLN A 45 1.60 -2.19 -14.87
CA GLN A 45 0.95 -1.29 -15.86
C GLN A 45 0.41 -0.10 -15.06
N ILE A 46 1.30 0.55 -14.35
CA ILE A 46 0.89 1.72 -13.52
C ILE A 46 1.43 3.02 -14.13
N LYS A 47 0.61 4.04 -14.08
CA LYS A 47 1.00 5.38 -14.64
C LYS A 47 0.80 6.47 -13.59
N PRO A 48 1.46 7.60 -13.76
CA PRO A 48 1.23 8.80 -12.91
C PRO A 48 -0.19 9.35 -13.13
N HIS A 49 -0.73 9.96 -12.10
CA HIS A 49 -2.13 10.54 -12.18
C HIS A 49 -3.16 9.42 -12.01
N SER A 50 -3.20 8.92 -10.80
CA SER A 50 -4.14 7.80 -10.41
C SER A 50 -3.63 7.15 -9.10
N THR A 51 -4.41 6.28 -8.54
CA THR A 51 -3.99 5.60 -7.27
C THR A 51 -4.02 4.07 -7.40
N VAL A 52 -3.46 3.42 -6.43
CA VAL A 52 -3.46 1.94 -6.41
C VAL A 52 -4.26 1.58 -5.16
N ASP A 53 -5.03 0.53 -5.20
CA ASP A 53 -5.82 0.14 -4.01
C ASP A 53 -5.41 -1.27 -3.59
N PHE A 54 -5.34 -1.52 -2.32
CA PHE A 54 -4.96 -2.88 -1.88
C PHE A 54 -5.35 -3.09 -0.42
N ARG A 55 -5.33 -4.32 0.01
CA ARG A 55 -5.70 -4.61 1.42
C ARG A 55 -4.42 -4.82 2.20
N VAL A 56 -4.58 -5.37 3.37
CA VAL A 56 -3.43 -5.64 4.22
C VAL A 56 -3.41 -7.11 4.64
N LYS A 57 -3.06 -7.97 3.69
CA LYS A 57 -2.97 -9.46 3.95
C LYS A 57 -3.08 -9.80 5.43
N ALA A 58 -2.17 -9.23 6.20
CA ALA A 58 -2.08 -9.36 7.70
C ALA A 58 -0.69 -9.84 8.11
N GLU A 59 -0.33 -11.00 7.63
CA GLU A 59 0.99 -11.64 7.90
C GLU A 59 2.06 -10.61 8.32
N ASP A 60 2.43 -9.75 7.40
CA ASP A 60 3.45 -8.71 7.69
C ASP A 60 2.93 -7.38 7.14
N ILE A 61 1.93 -6.87 7.78
CA ILE A 61 1.34 -5.57 7.33
C ILE A 61 2.06 -4.39 7.97
N LEU A 62 2.44 -4.52 9.20
CA LEU A 62 3.16 -3.38 9.86
C LEU A 62 4.22 -2.84 8.89
N ALA A 63 5.01 -3.75 8.38
CA ALA A 63 6.11 -3.39 7.43
C ALA A 63 5.55 -2.75 6.15
N VAL A 64 4.30 -2.92 5.93
CA VAL A 64 3.63 -2.34 4.72
C VAL A 64 3.14 -0.94 5.08
N GLU A 65 2.53 -0.81 6.23
CA GLU A 65 2.07 0.54 6.63
C GLU A 65 3.34 1.36 6.85
N ASP A 66 4.34 0.64 7.27
CA ASP A 66 5.70 1.20 7.54
C ASP A 66 6.34 1.63 6.22
N PHE A 67 6.55 0.66 5.35
CA PHE A 67 7.15 0.94 4.00
C PHE A 67 6.74 2.34 3.49
N LEU A 68 5.45 2.58 3.47
CA LEU A 68 4.93 3.91 3.01
C LEU A 68 5.71 5.08 3.60
N GLU A 69 5.91 5.02 4.89
CA GLU A 69 6.65 6.10 5.61
C GLU A 69 8.14 6.05 5.29
N GLN A 70 8.73 4.88 5.38
CA GLN A 70 10.19 4.78 5.07
C GLN A 70 10.52 5.46 3.75
N ASN A 71 9.60 5.39 2.81
CA ASN A 71 9.83 6.04 1.51
C ASN A 71 8.75 7.10 1.28
N GLU A 72 8.41 7.81 2.34
CA GLU A 72 7.37 8.89 2.29
C GLU A 72 6.56 8.92 0.98
N LEU A 73 5.72 7.94 0.83
CA LEU A 73 4.85 7.89 -0.37
C LEU A 73 3.54 8.57 0.02
N GLN A 74 2.66 8.75 -0.91
CA GLN A 74 1.36 9.41 -0.56
C GLN A 74 0.28 8.34 -0.47
N TYR A 75 -0.09 8.01 0.73
CA TYR A 75 -1.14 6.97 0.94
C TYR A 75 -2.39 7.63 1.53
N GLU A 76 -3.53 7.09 1.15
CA GLU A 76 -4.85 7.61 1.62
C GLU A 76 -5.57 6.46 2.32
N VAL A 77 -6.40 6.80 3.27
CA VAL A 77 -7.15 5.74 3.97
C VAL A 77 -8.62 6.09 3.91
N LEU A 78 -9.42 5.13 3.51
CA LEU A 78 -10.88 5.35 3.40
C LEU A 78 -11.55 4.28 4.25
N ILE A 79 -12.01 4.71 5.38
CA ILE A 79 -12.70 3.80 6.33
C ILE A 79 -13.77 2.93 5.66
N ASN A 80 -13.34 1.90 4.98
CA ASN A 80 -14.30 0.99 4.29
C ASN A 80 -14.65 -0.14 5.25
N ASN A 81 -14.96 0.27 6.45
CA ASN A 81 -15.33 -0.68 7.52
C ASN A 81 -16.01 0.09 8.66
N HIS A 1 5.02 -9.95 13.61
CA HIS A 1 6.09 -10.35 14.57
C HIS A 1 7.08 -9.18 14.70
N HIS A 2 6.68 -8.12 15.36
CA HIS A 2 7.59 -6.96 15.49
C HIS A 2 7.85 -6.55 16.95
N SER A 3 7.05 -5.69 17.50
CA SER A 3 7.31 -5.27 18.92
C SER A 3 6.03 -4.96 19.70
N GLY A 4 4.97 -5.67 19.41
CA GLY A 4 3.71 -5.40 20.17
C GLY A 4 2.53 -5.11 19.24
N GLU A 5 2.19 -6.07 18.42
CA GLU A 5 1.04 -5.90 17.50
C GLU A 5 -0.19 -6.60 18.12
N HIS A 6 -1.38 -6.22 17.72
CA HIS A 6 -2.58 -6.88 18.33
C HIS A 6 -3.52 -7.41 17.24
N PHE A 7 -2.93 -7.99 16.22
CA PHE A 7 -3.70 -8.55 15.07
C PHE A 7 -5.02 -7.78 14.92
N GLU A 8 -4.88 -6.49 14.84
CA GLU A 8 -6.08 -5.62 14.71
C GLU A 8 -6.60 -5.64 13.26
N GLY A 9 -6.81 -6.83 12.77
CA GLY A 9 -7.31 -7.00 11.39
C GLY A 9 -6.25 -6.57 10.38
N GLU A 10 -6.68 -6.48 9.15
CA GLU A 10 -5.76 -6.07 8.07
C GLU A 10 -5.90 -4.57 7.80
N LYS A 11 -5.04 -4.06 6.97
CA LYS A 11 -5.08 -2.62 6.63
C LYS A 11 -5.35 -2.48 5.13
N VAL A 12 -5.99 -1.41 4.75
CA VAL A 12 -6.28 -1.20 3.31
C VAL A 12 -5.72 0.17 2.96
N PHE A 13 -5.09 0.28 1.82
CA PHE A 13 -4.51 1.61 1.45
C PHE A 13 -4.88 2.01 0.02
N ARG A 14 -5.18 3.27 -0.13
CA ARG A 14 -5.52 3.79 -1.48
C ARG A 14 -4.50 4.84 -1.79
N VAL A 15 -3.37 4.28 -2.05
CA VAL A 15 -2.17 5.02 -2.40
C VAL A 15 -2.37 5.78 -3.72
N ASN A 16 -1.64 6.85 -3.88
CA ASN A 16 -1.76 7.62 -5.15
C ASN A 16 -0.37 7.65 -5.79
N VAL A 17 -0.27 8.02 -7.03
CA VAL A 17 1.05 8.05 -7.70
C VAL A 17 1.24 9.41 -8.34
N GLU A 18 2.40 9.97 -8.16
CA GLU A 18 2.69 11.29 -8.75
C GLU A 18 3.46 11.10 -10.06
N ASP A 19 4.58 10.45 -9.96
CA ASP A 19 5.43 10.20 -11.15
C ASP A 19 5.96 8.77 -11.03
N GLU A 20 7.09 8.54 -11.62
CA GLU A 20 7.68 7.20 -11.58
C GLU A 20 8.31 6.95 -10.20
N ASN A 21 8.78 8.00 -9.58
CA ASN A 21 9.42 7.87 -8.23
C ASN A 21 8.58 6.95 -7.31
N ASP A 22 7.37 7.32 -7.00
CA ASP A 22 6.55 6.44 -6.11
C ASP A 22 6.57 5.01 -6.64
N ILE A 23 6.30 4.88 -7.91
CA ILE A 23 6.29 3.53 -8.53
C ILE A 23 7.57 2.76 -8.15
N SER A 24 8.72 3.41 -8.22
CA SER A 24 9.95 2.67 -7.82
C SER A 24 9.87 2.30 -6.33
N GLU A 25 9.39 3.22 -5.53
CA GLU A 25 9.27 2.96 -4.07
C GLU A 25 8.35 1.74 -3.80
N LEU A 26 7.21 1.72 -4.44
CA LEU A 26 6.25 0.60 -4.24
C LEU A 26 6.80 -0.69 -4.84
N HIS A 27 7.24 -0.60 -6.07
CA HIS A 27 7.81 -1.81 -6.75
C HIS A 27 8.68 -2.58 -5.76
N GLU A 28 9.60 -1.89 -5.15
CA GLU A 28 10.49 -2.54 -4.12
C GLU A 28 9.70 -3.52 -3.25
N LEU A 29 8.68 -3.01 -2.63
CA LEU A 29 7.85 -3.84 -1.73
C LEU A 29 7.11 -4.94 -2.50
N ALA A 30 6.34 -4.53 -3.46
CA ALA A 30 5.53 -5.51 -4.25
C ALA A 30 6.39 -6.51 -5.01
N SER A 31 7.65 -6.20 -5.20
CA SER A 31 8.53 -7.13 -5.98
C SER A 31 9.46 -7.93 -5.07
N THR A 32 9.12 -8.02 -3.84
CA THR A 32 9.97 -8.80 -2.90
C THR A 32 9.11 -9.32 -1.77
N ARG A 33 8.51 -8.41 -1.07
CA ARG A 33 7.65 -8.78 0.09
C ARG A 33 6.20 -8.63 -0.39
N GLN A 34 5.88 -9.52 -1.30
CA GLN A 34 4.52 -9.56 -1.95
C GLN A 34 3.37 -9.08 -1.05
N ILE A 35 2.47 -8.40 -1.69
CA ILE A 35 1.26 -7.86 -1.00
C ILE A 35 0.08 -8.22 -1.91
N ASP A 36 -1.10 -7.81 -1.57
CA ASP A 36 -2.28 -8.13 -2.45
C ASP A 36 -2.66 -6.85 -3.21
N PHE A 37 -3.51 -6.99 -4.19
CA PHE A 37 -3.93 -5.80 -5.01
C PHE A 37 -5.38 -5.95 -5.46
N TRP A 38 -6.14 -4.87 -5.47
CA TRP A 38 -7.57 -4.98 -5.90
C TRP A 38 -7.84 -4.10 -7.14
N LYS A 39 -7.54 -2.83 -7.02
CA LYS A 39 -7.77 -1.91 -8.20
C LYS A 39 -6.46 -1.15 -8.47
N PRO A 40 -6.24 -0.73 -9.70
CA PRO A 40 -7.20 -0.83 -10.82
C PRO A 40 -7.22 -2.24 -11.39
N ASP A 41 -6.13 -2.63 -11.98
CA ASP A 41 -6.03 -4.00 -12.57
C ASP A 41 -4.83 -4.70 -11.97
N SER A 42 -3.67 -4.23 -12.34
CA SER A 42 -2.41 -4.80 -11.81
C SER A 42 -1.49 -3.66 -11.39
N VAL A 43 -0.27 -4.00 -11.09
CA VAL A 43 0.71 -2.96 -10.68
C VAL A 43 1.70 -2.80 -11.85
N THR A 44 1.18 -3.07 -13.02
CA THR A 44 1.99 -2.99 -14.28
C THR A 44 1.39 -1.93 -15.22
N GLN A 45 0.10 -1.97 -15.41
CA GLN A 45 -0.52 -0.95 -16.33
C GLN A 45 -0.90 0.31 -15.53
N ILE A 46 0.07 0.79 -14.79
CA ILE A 46 -0.14 2.01 -13.96
C ILE A 46 0.83 3.09 -14.43
N LYS A 47 0.53 4.31 -14.14
CA LYS A 47 1.43 5.43 -14.57
C LYS A 47 1.58 6.45 -13.43
N PRO A 48 2.42 7.43 -13.65
CA PRO A 48 2.28 8.76 -13.01
C PRO A 48 0.81 9.14 -12.76
N HIS A 49 0.63 10.10 -11.88
CA HIS A 49 -0.75 10.59 -11.54
C HIS A 49 -1.80 9.46 -11.63
N SER A 50 -1.56 8.43 -10.87
CA SER A 50 -2.50 7.24 -10.84
C SER A 50 -2.88 6.95 -9.39
N THR A 51 -3.73 5.97 -9.19
CA THR A 51 -4.14 5.63 -7.80
C THR A 51 -4.33 4.11 -7.71
N VAL A 52 -4.10 3.52 -6.56
CA VAL A 52 -4.26 2.03 -6.46
C VAL A 52 -5.10 1.69 -5.22
N ASP A 53 -5.76 0.56 -5.28
CA ASP A 53 -6.63 0.09 -4.16
C ASP A 53 -6.22 -1.33 -3.75
N PHE A 54 -5.60 -1.47 -2.62
CA PHE A 54 -5.19 -2.85 -2.21
C PHE A 54 -5.16 -3.03 -0.69
N ARG A 55 -4.84 -4.24 -0.27
CA ARG A 55 -4.76 -4.52 1.19
C ARG A 55 -3.35 -5.03 1.49
N VAL A 56 -2.99 -5.06 2.75
CA VAL A 56 -1.62 -5.54 3.08
C VAL A 56 -1.64 -6.74 4.03
N LYS A 57 -2.45 -7.72 3.69
CA LYS A 57 -2.54 -8.93 4.55
C LYS A 57 -2.59 -8.53 6.04
N ALA A 58 -2.05 -9.37 6.89
CA ALA A 58 -2.04 -9.03 8.35
C ALA A 58 -0.71 -9.45 8.99
N GLU A 59 -0.29 -10.68 8.74
CA GLU A 59 0.99 -11.23 9.32
C GLU A 59 1.85 -10.13 9.97
N ASP A 60 2.48 -9.33 9.14
CA ASP A 60 3.34 -8.22 9.64
C ASP A 60 3.02 -6.96 8.83
N ILE A 61 1.78 -6.56 8.86
CA ILE A 61 1.40 -5.32 8.08
C ILE A 61 2.37 -4.19 8.38
N LEU A 62 2.53 -3.91 9.66
CA LEU A 62 3.45 -2.82 10.12
C LEU A 62 4.56 -2.53 9.12
N ALA A 63 5.50 -3.42 8.99
CA ALA A 63 6.62 -3.18 8.04
C ALA A 63 6.19 -2.52 6.75
N VAL A 64 5.07 -2.94 6.23
CA VAL A 64 4.58 -2.33 4.97
C VAL A 64 4.01 -0.93 5.27
N GLU A 65 3.28 -0.81 6.37
CA GLU A 65 2.72 0.53 6.74
C GLU A 65 3.91 1.46 6.93
N ASP A 66 4.83 0.98 7.72
CA ASP A 66 6.06 1.73 7.99
C ASP A 66 6.68 2.08 6.65
N PHE A 67 6.80 1.08 5.81
CA PHE A 67 7.38 1.33 4.45
C PHE A 67 6.67 2.52 3.81
N LEU A 68 5.37 2.59 4.02
CA LEU A 68 4.61 3.76 3.45
C LEU A 68 5.11 5.01 4.16
N GLU A 69 4.72 5.16 5.41
CA GLU A 69 5.13 6.34 6.24
C GLU A 69 6.57 6.76 5.97
N GLN A 70 7.46 5.83 6.20
CA GLN A 70 8.92 6.09 5.97
C GLN A 70 9.14 6.86 4.68
N ASN A 71 8.45 6.45 3.64
CA ASN A 71 8.61 7.13 2.33
C ASN A 71 7.32 7.82 1.92
N GLU A 72 6.58 8.29 2.90
CA GLU A 72 5.25 8.97 2.66
C GLU A 72 4.75 8.74 1.24
N LEU A 73 4.40 7.50 0.95
CA LEU A 73 3.91 7.19 -0.41
C LEU A 73 2.41 7.52 -0.53
N GLN A 74 2.00 8.49 0.27
CA GLN A 74 0.58 8.96 0.31
C GLN A 74 -0.47 7.82 0.35
N TYR A 75 -1.71 8.21 0.47
CA TYR A 75 -2.86 7.24 0.50
C TYR A 75 -4.09 7.92 1.09
N GLU A 76 -5.22 7.52 0.60
CA GLU A 76 -6.52 8.07 1.05
C GLU A 76 -7.34 6.93 1.65
N VAL A 77 -7.18 6.71 2.93
CA VAL A 77 -7.93 5.61 3.59
C VAL A 77 -9.30 6.15 4.05
N LEU A 78 -10.21 5.25 4.36
CA LEU A 78 -11.57 5.66 4.81
C LEU A 78 -11.92 4.99 6.15
N ILE A 79 -11.16 5.33 7.17
CA ILE A 79 -11.41 4.70 8.50
C ILE A 79 -12.48 5.50 9.26
N ASN A 80 -13.70 5.40 8.80
CA ASN A 80 -14.81 6.10 9.45
C ASN A 80 -15.95 5.11 9.67
N ASN A 81 -16.99 5.62 10.19
CA ASN A 81 -18.22 4.80 10.47
C ASN A 81 -19.45 5.58 10.01
N HIS A 1 5.11 -9.39 13.26
CA HIS A 1 3.75 -9.85 12.89
C HIS A 1 2.96 -10.05 14.17
N HIS A 2 1.69 -10.28 14.02
CA HIS A 2 0.80 -10.51 15.18
C HIS A 2 0.07 -11.84 14.94
N SER A 3 -0.76 -12.25 15.86
CA SER A 3 -1.52 -13.53 15.69
C SER A 3 -1.97 -13.72 14.23
N GLY A 4 -2.31 -12.63 13.59
CA GLY A 4 -2.75 -12.69 12.16
C GLY A 4 -4.22 -12.30 12.10
N GLU A 5 -4.97 -13.00 12.89
CA GLU A 5 -6.43 -12.77 13.00
C GLU A 5 -6.73 -12.55 14.49
N HIS A 6 -6.75 -11.30 14.88
CA HIS A 6 -7.03 -10.95 16.30
C HIS A 6 -8.24 -10.05 16.36
N PHE A 7 -8.06 -8.86 15.86
CA PHE A 7 -9.18 -7.87 15.85
C PHE A 7 -9.11 -7.07 14.56
N GLU A 8 -7.97 -6.46 14.35
CA GLU A 8 -7.74 -5.63 13.14
C GLU A 8 -8.43 -6.22 11.91
N GLY A 9 -8.11 -7.45 11.58
CA GLY A 9 -8.73 -8.08 10.39
C GLY A 9 -7.87 -7.80 9.17
N GLU A 10 -8.39 -8.14 8.02
CA GLU A 10 -7.65 -7.91 6.74
C GLU A 10 -8.16 -6.63 6.08
N LYS A 11 -7.26 -5.72 5.81
CA LYS A 11 -7.66 -4.44 5.16
C LYS A 11 -6.78 -4.16 3.96
N VAL A 12 -7.22 -3.24 3.14
CA VAL A 12 -6.47 -2.85 1.94
C VAL A 12 -5.96 -1.42 2.06
N PHE A 13 -4.78 -1.20 1.58
CA PHE A 13 -4.21 0.17 1.65
C PHE A 13 -4.14 0.74 0.24
N ARG A 14 -4.05 2.04 0.20
CA ARG A 14 -3.99 2.73 -1.11
C ARG A 14 -2.73 3.59 -1.23
N VAL A 15 -2.39 3.85 -2.45
CA VAL A 15 -1.21 4.69 -2.79
C VAL A 15 -1.62 5.60 -3.95
N ASN A 16 -1.04 6.77 -4.04
CA ASN A 16 -1.37 7.70 -5.15
C ASN A 16 -0.10 7.95 -5.95
N VAL A 17 -0.20 7.99 -7.25
CA VAL A 17 0.97 8.20 -8.05
C VAL A 17 1.03 9.62 -8.63
N GLU A 18 1.93 10.40 -8.08
CA GLU A 18 2.07 11.78 -8.59
C GLU A 18 2.93 11.74 -9.84
N ASP A 19 4.03 11.04 -9.75
CA ASP A 19 4.92 10.91 -10.94
C ASP A 19 5.23 9.43 -11.11
N GLU A 20 6.46 9.08 -10.95
CA GLU A 20 6.84 7.67 -11.07
C GLU A 20 7.53 7.21 -9.79
N ASN A 21 8.00 8.14 -9.02
CA ASN A 21 8.65 7.83 -7.76
C ASN A 21 7.72 6.91 -6.96
N ASP A 22 6.58 7.44 -6.59
CA ASP A 22 5.60 6.63 -5.81
C ASP A 22 5.47 5.25 -6.42
N ILE A 23 5.22 5.22 -7.70
CA ILE A 23 5.05 3.91 -8.38
C ILE A 23 6.29 3.01 -8.24
N SER A 24 7.42 3.57 -8.51
CA SER A 24 8.69 2.77 -8.43
C SER A 24 8.89 2.35 -6.98
N GLU A 25 8.94 3.31 -6.10
CA GLU A 25 9.10 2.98 -4.65
C GLU A 25 8.07 1.90 -4.27
N LEU A 26 6.82 2.20 -4.47
CA LEU A 26 5.73 1.24 -4.14
C LEU A 26 6.01 -0.13 -4.79
N HIS A 27 6.33 -0.13 -6.07
CA HIS A 27 6.61 -1.42 -6.77
C HIS A 27 7.45 -2.36 -5.89
N GLU A 28 8.53 -1.83 -5.35
CA GLU A 28 9.44 -2.64 -4.49
C GLU A 28 8.67 -3.48 -3.45
N LEU A 29 7.64 -2.91 -2.91
CA LEU A 29 6.84 -3.68 -1.91
C LEU A 29 6.48 -5.05 -2.48
N ALA A 30 6.18 -5.08 -3.75
CA ALA A 30 5.81 -6.37 -4.43
C ALA A 30 6.99 -7.35 -4.43
N SER A 31 8.17 -6.84 -4.22
CA SER A 31 9.38 -7.71 -4.20
C SER A 31 9.91 -7.85 -2.78
N THR A 32 9.14 -7.36 -1.85
CA THR A 32 9.55 -7.43 -0.44
C THR A 32 8.48 -8.14 0.37
N ARG A 33 7.27 -7.66 0.29
CA ARG A 33 6.16 -8.31 1.03
C ARG A 33 5.00 -8.64 0.09
N GLN A 34 5.38 -9.17 -1.05
CA GLN A 34 4.41 -9.61 -2.11
C GLN A 34 2.94 -9.32 -1.73
N ILE A 35 2.47 -8.22 -2.22
CA ILE A 35 1.07 -7.79 -1.94
C ILE A 35 0.20 -8.01 -3.17
N ASP A 36 -1.08 -8.11 -2.98
CA ASP A 36 -1.97 -8.30 -4.16
C ASP A 36 -2.66 -6.96 -4.44
N PHE A 37 -3.11 -6.80 -5.66
CA PHE A 37 -3.79 -5.52 -6.03
C PHE A 37 -5.28 -5.76 -6.20
N TRP A 38 -6.01 -4.68 -6.07
CA TRP A 38 -7.49 -4.74 -6.20
C TRP A 38 -7.87 -3.82 -7.36
N LYS A 39 -7.35 -2.62 -7.33
CA LYS A 39 -7.62 -1.66 -8.45
C LYS A 39 -6.38 -0.75 -8.63
N PRO A 40 -5.92 -0.52 -9.84
CA PRO A 40 -6.07 -1.44 -11.00
C PRO A 40 -5.79 -2.92 -10.66
N ASP A 41 -5.51 -3.69 -11.67
CA ASP A 41 -5.26 -5.14 -11.45
C ASP A 41 -3.79 -5.49 -11.64
N SER A 42 -3.27 -5.18 -12.80
CA SER A 42 -1.84 -5.47 -13.04
C SER A 42 -1.07 -4.16 -12.97
N VAL A 43 -0.24 -4.04 -11.96
CA VAL A 43 0.60 -2.83 -11.74
C VAL A 43 0.91 -2.10 -13.07
N THR A 44 1.16 -2.88 -14.06
CA THR A 44 1.44 -2.36 -15.42
C THR A 44 0.59 -1.12 -15.75
N GLN A 45 -0.69 -1.12 -15.43
CA GLN A 45 -1.50 0.10 -15.76
C GLN A 45 -1.41 1.14 -14.63
N ILE A 46 -0.21 1.42 -14.20
CA ILE A 46 -0.02 2.45 -13.12
C ILE A 46 1.05 3.47 -13.54
N LYS A 47 0.59 4.65 -13.82
CA LYS A 47 1.50 5.77 -14.24
C LYS A 47 1.06 7.03 -13.47
N PRO A 48 1.84 8.09 -13.52
CA PRO A 48 1.44 9.37 -12.92
C PRO A 48 -0.05 9.71 -13.12
N HIS A 49 -0.63 10.32 -12.11
CA HIS A 49 -2.06 10.77 -12.16
C HIS A 49 -3.05 9.60 -12.07
N SER A 50 -2.85 8.74 -11.10
CA SER A 50 -3.78 7.57 -10.95
C SER A 50 -3.83 7.14 -9.49
N THR A 51 -4.46 6.01 -9.26
CA THR A 51 -4.58 5.49 -7.87
C THR A 51 -4.21 3.99 -7.80
N VAL A 52 -3.92 3.52 -6.60
CA VAL A 52 -3.56 2.07 -6.43
C VAL A 52 -4.14 1.52 -5.10
N ASP A 53 -4.97 0.50 -5.19
CA ASP A 53 -5.58 -0.11 -3.98
C ASP A 53 -5.08 -1.55 -3.83
N PHE A 54 -4.29 -1.80 -2.82
CA PHE A 54 -3.75 -3.18 -2.62
C PHE A 54 -4.02 -3.66 -1.20
N ARG A 55 -3.65 -4.89 -0.93
CA ARG A 55 -3.86 -5.44 0.43
C ARG A 55 -2.52 -5.46 1.19
N VAL A 56 -2.60 -5.26 2.48
CA VAL A 56 -1.38 -5.24 3.35
C VAL A 56 -1.35 -6.48 4.23
N LYS A 57 -1.93 -7.52 3.69
CA LYS A 57 -2.05 -8.84 4.36
C LYS A 57 -2.75 -8.75 5.76
N ALA A 58 -2.14 -8.08 6.74
CA ALA A 58 -2.78 -7.90 8.12
C ALA A 58 -1.92 -8.34 9.30
N GLU A 59 -1.11 -9.33 9.10
CA GLU A 59 -0.27 -9.83 10.23
C GLU A 59 0.78 -8.81 10.69
N ASP A 60 1.27 -8.01 9.76
CA ASP A 60 2.33 -6.99 10.12
C ASP A 60 1.88 -5.54 9.91
N ILE A 61 0.79 -5.32 9.19
CA ILE A 61 0.27 -3.94 8.87
C ILE A 61 1.24 -2.80 9.27
N LEU A 62 1.28 -2.47 10.54
CA LEU A 62 2.19 -1.37 11.02
C LEU A 62 3.58 -1.43 10.36
N ALA A 63 4.18 -2.60 10.40
CA ALA A 63 5.56 -2.78 9.81
C ALA A 63 5.55 -2.72 8.28
N VAL A 64 4.40 -2.46 7.74
CA VAL A 64 4.23 -2.32 6.25
C VAL A 64 4.04 -0.84 6.03
N GLU A 65 3.13 -0.29 6.82
CA GLU A 65 2.90 1.17 6.74
C GLU A 65 4.31 1.77 6.83
N ASP A 66 5.09 1.10 7.67
CA ASP A 66 6.52 1.44 7.85
C ASP A 66 7.12 1.62 6.45
N PHE A 67 7.17 0.55 5.67
CA PHE A 67 7.72 0.63 4.28
C PHE A 67 7.18 1.88 3.57
N LEU A 68 5.90 2.04 3.64
CA LEU A 68 5.27 3.21 2.96
C LEU A 68 5.69 4.56 3.57
N GLU A 69 6.06 4.55 4.82
CA GLU A 69 6.44 5.83 5.49
C GLU A 69 7.94 6.11 5.37
N GLN A 70 8.73 5.10 5.63
CA GLN A 70 10.23 5.26 5.54
C GLN A 70 10.62 6.00 4.24
N ASN A 71 9.85 5.81 3.20
CA ASN A 71 10.11 6.49 1.90
C ASN A 71 8.90 7.35 1.56
N GLU A 72 8.38 7.94 2.62
CA GLU A 72 7.20 8.86 2.58
C GLU A 72 6.41 8.82 1.26
N LEU A 73 5.77 7.72 1.03
CA LEU A 73 4.97 7.61 -0.21
C LEU A 73 3.61 8.26 0.01
N GLN A 74 2.81 8.25 -1.02
CA GLN A 74 1.47 8.87 -0.92
C GLN A 74 0.49 7.75 -0.61
N TYR A 75 0.62 7.24 0.58
CA TYR A 75 -0.26 6.11 1.02
C TYR A 75 -1.43 6.61 1.88
N GLU A 76 -2.43 5.78 1.99
CA GLU A 76 -3.63 6.10 2.81
C GLU A 76 -4.49 4.83 2.96
N VAL A 77 -5.67 4.98 3.51
CA VAL A 77 -6.60 3.81 3.68
C VAL A 77 -7.93 4.16 2.99
N LEU A 78 -8.91 3.30 3.07
CA LEU A 78 -10.22 3.61 2.44
C LEU A 78 -10.96 4.61 3.32
N ILE A 79 -10.45 5.81 3.34
CA ILE A 79 -11.08 6.89 4.13
C ILE A 79 -12.45 7.23 3.54
N ASN A 80 -13.44 6.46 3.96
CA ASN A 80 -14.87 6.66 3.48
C ASN A 80 -15.06 5.80 2.24
N ASN A 81 -14.15 6.01 1.33
CA ASN A 81 -14.17 5.25 0.05
C ASN A 81 -12.81 4.60 -0.11
N HIS A 1 4.36 -12.16 9.20
CA HIS A 1 4.31 -13.43 8.40
C HIS A 1 5.69 -13.63 7.72
N HIS A 2 6.70 -13.74 8.56
CA HIS A 2 8.11 -13.96 8.10
C HIS A 2 8.83 -14.84 9.15
N SER A 3 8.07 -15.81 9.62
CA SER A 3 8.48 -16.80 10.68
C SER A 3 7.43 -16.69 11.81
N GLY A 4 6.93 -15.49 11.97
CA GLY A 4 5.89 -15.21 13.01
C GLY A 4 4.76 -14.38 12.37
N GLU A 5 3.64 -14.27 13.05
CA GLU A 5 2.51 -13.49 12.48
C GLU A 5 2.30 -12.17 13.22
N HIS A 6 1.61 -11.26 12.57
CA HIS A 6 1.36 -9.92 13.19
C HIS A 6 -0.12 -9.72 13.54
N PHE A 7 -0.42 -8.58 14.10
CA PHE A 7 -1.84 -8.34 14.49
C PHE A 7 -2.39 -7.07 13.82
N GLU A 8 -1.94 -5.93 14.26
CA GLU A 8 -2.44 -4.62 13.71
C GLU A 8 -3.96 -4.61 13.45
N GLY A 9 -4.37 -5.21 12.37
CA GLY A 9 -5.82 -5.25 12.03
C GLY A 9 -6.01 -5.14 10.52
N GLU A 10 -6.98 -5.85 10.01
CA GLU A 10 -7.25 -5.83 8.54
C GLU A 10 -7.51 -4.40 8.06
N LYS A 11 -6.51 -3.78 7.52
CA LYS A 11 -6.69 -2.39 7.01
C LYS A 11 -6.64 -2.43 5.48
N VAL A 12 -7.22 -1.43 4.85
CA VAL A 12 -7.21 -1.38 3.36
C VAL A 12 -6.36 -0.17 3.01
N PHE A 13 -5.55 -0.28 1.98
CA PHE A 13 -4.67 0.86 1.61
C PHE A 13 -4.89 1.32 0.17
N ARG A 14 -4.53 2.55 -0.06
CA ARG A 14 -4.61 3.16 -1.42
C ARG A 14 -3.37 4.03 -1.59
N VAL A 15 -2.68 3.91 -2.70
CA VAL A 15 -1.45 4.74 -2.90
C VAL A 15 -1.69 5.69 -4.07
N ASN A 16 -1.43 6.95 -3.88
CA ASN A 16 -1.65 7.92 -4.99
C ASN A 16 -0.30 8.28 -5.62
N VAL A 17 0.32 7.28 -6.18
CA VAL A 17 1.63 7.42 -6.82
C VAL A 17 1.83 8.78 -7.53
N GLU A 18 2.40 9.72 -6.78
CA GLU A 18 2.65 11.07 -7.34
C GLU A 18 3.10 10.97 -8.80
N ASP A 19 4.18 10.26 -9.01
CA ASP A 19 4.71 10.12 -10.39
C ASP A 19 5.31 8.73 -10.58
N GLU A 20 6.23 8.72 -11.49
CA GLU A 20 6.95 7.49 -11.88
C GLU A 20 7.71 6.94 -10.66
N ASN A 21 8.37 7.83 -9.96
CA ASN A 21 9.14 7.40 -8.74
C ASN A 21 8.26 6.47 -7.89
N ASP A 22 7.08 6.95 -7.59
CA ASP A 22 6.12 6.16 -6.76
C ASP A 22 5.89 4.80 -7.38
N ILE A 23 5.59 4.81 -8.65
CA ILE A 23 5.34 3.53 -9.34
C ILE A 23 6.57 2.63 -9.16
N SER A 24 7.72 3.26 -9.07
CA SER A 24 8.98 2.48 -8.87
C SER A 24 9.06 2.03 -7.41
N GLU A 25 9.23 2.97 -6.50
CA GLU A 25 9.31 2.60 -5.05
C GLU A 25 8.17 1.64 -4.67
N LEU A 26 7.01 1.90 -5.19
CA LEU A 26 5.86 1.03 -4.90
C LEU A 26 6.21 -0.36 -5.42
N HIS A 27 6.59 -0.43 -6.68
CA HIS A 27 6.98 -1.76 -7.26
C HIS A 27 8.02 -2.43 -6.37
N GLU A 28 8.90 -1.62 -5.85
CA GLU A 28 9.97 -2.13 -4.97
C GLU A 28 9.41 -2.95 -3.81
N LEU A 29 8.28 -2.55 -3.28
CA LEU A 29 7.70 -3.32 -2.14
C LEU A 29 7.39 -4.76 -2.57
N ALA A 30 7.20 -4.95 -3.85
CA ALA A 30 6.90 -6.33 -4.35
C ALA A 30 8.21 -7.09 -4.56
N SER A 31 9.26 -6.52 -4.01
CA SER A 31 10.61 -7.16 -4.11
C SER A 31 10.92 -7.86 -2.77
N THR A 32 10.17 -7.48 -1.75
CA THR A 32 10.38 -8.07 -0.40
C THR A 32 9.05 -8.58 0.18
N ARG A 33 8.11 -7.68 0.29
CA ARG A 33 6.79 -8.07 0.85
C ARG A 33 5.76 -8.14 -0.27
N GLN A 34 5.88 -9.16 -1.07
CA GLN A 34 4.90 -9.34 -2.20
C GLN A 34 3.47 -9.19 -1.67
N ILE A 35 2.62 -8.55 -2.43
CA ILE A 35 1.20 -8.38 -1.99
C ILE A 35 0.28 -8.53 -3.20
N ASP A 36 -0.99 -8.31 -2.98
CA ASP A 36 -1.98 -8.42 -4.07
C ASP A 36 -2.66 -7.06 -4.29
N PHE A 37 -2.80 -6.67 -5.54
CA PHE A 37 -3.47 -5.36 -5.82
C PHE A 37 -4.87 -5.69 -6.32
N TRP A 38 -5.81 -4.86 -5.98
CA TRP A 38 -7.22 -5.13 -6.39
C TRP A 38 -7.70 -4.08 -7.39
N LYS A 39 -7.35 -2.84 -7.15
CA LYS A 39 -7.77 -1.77 -8.11
C LYS A 39 -6.50 -1.01 -8.55
N PRO A 40 -6.48 -0.55 -9.78
CA PRO A 40 -7.59 -0.66 -10.75
C PRO A 40 -7.64 -2.09 -11.33
N ASP A 41 -6.60 -2.43 -12.04
CA ASP A 41 -6.50 -3.79 -12.65
C ASP A 41 -5.23 -4.43 -12.09
N SER A 42 -4.13 -3.86 -12.46
CA SER A 42 -2.80 -4.34 -11.97
C SER A 42 -2.04 -3.12 -11.45
N VAL A 43 -0.82 -3.35 -11.07
CA VAL A 43 0.04 -2.25 -10.56
C VAL A 43 1.25 -2.15 -11.50
N THR A 44 1.65 -3.31 -11.97
CA THR A 44 2.79 -3.45 -12.92
C THR A 44 3.01 -2.22 -13.81
N GLN A 45 2.01 -1.94 -14.58
CA GLN A 45 2.05 -0.79 -15.53
C GLN A 45 1.07 0.31 -15.12
N ILE A 46 0.92 0.52 -13.85
CA ILE A 46 -0.02 1.59 -13.40
C ILE A 46 0.54 2.91 -13.97
N LYS A 47 -0.27 3.92 -14.04
CA LYS A 47 0.25 5.19 -14.64
C LYS A 47 0.41 6.30 -13.58
N PRO A 48 1.27 7.26 -13.87
CA PRO A 48 1.66 8.30 -12.89
C PRO A 48 0.46 9.11 -12.42
N HIS A 49 0.56 9.57 -11.21
CA HIS A 49 -0.54 10.41 -10.63
C HIS A 49 -1.83 9.58 -10.50
N SER A 50 -1.70 8.29 -10.33
CA SER A 50 -2.95 7.48 -10.20
C SER A 50 -3.07 6.96 -8.77
N THR A 51 -4.16 6.33 -8.48
CA THR A 51 -4.36 5.78 -7.11
C THR A 51 -4.50 4.28 -7.22
N VAL A 52 -3.61 3.53 -6.62
CA VAL A 52 -3.71 2.04 -6.68
C VAL A 52 -4.32 1.56 -5.35
N ASP A 53 -5.01 0.44 -5.37
CA ASP A 53 -5.67 -0.07 -4.12
C ASP A 53 -5.32 -1.54 -3.86
N PHE A 54 -4.63 -1.79 -2.76
CA PHE A 54 -4.23 -3.18 -2.40
C PHE A 54 -4.70 -3.44 -0.95
N ARG A 55 -4.82 -4.69 -0.56
CA ARG A 55 -5.28 -4.96 0.84
C ARG A 55 -4.34 -5.91 1.59
N VAL A 56 -4.18 -5.63 2.85
CA VAL A 56 -3.31 -6.46 3.71
C VAL A 56 -4.24 -7.21 4.68
N LYS A 57 -3.81 -8.33 5.21
CA LYS A 57 -4.69 -9.10 6.14
C LYS A 57 -3.95 -9.32 7.46
N ALA A 58 -3.33 -8.28 7.93
CA ALA A 58 -2.57 -8.33 9.22
C ALA A 58 -1.29 -9.18 9.12
N GLU A 59 -1.12 -9.91 8.04
CA GLU A 59 0.12 -10.77 7.96
C GLU A 59 1.40 -9.95 8.23
N ASP A 60 1.58 -8.89 7.48
CA ASP A 60 2.78 -8.00 7.62
C ASP A 60 2.36 -6.54 7.38
N ILE A 61 1.50 -6.01 8.18
CA ILE A 61 1.11 -4.60 7.89
C ILE A 61 2.21 -3.66 8.36
N LEU A 62 2.59 -3.77 9.61
CA LEU A 62 3.68 -2.88 10.16
C LEU A 62 4.71 -2.52 9.08
N ALA A 63 5.28 -3.52 8.45
CA ALA A 63 6.29 -3.23 7.39
C ALA A 63 5.70 -2.30 6.32
N VAL A 64 4.53 -2.66 5.85
CA VAL A 64 3.86 -1.82 4.81
C VAL A 64 3.76 -0.41 5.37
N GLU A 65 3.36 -0.34 6.62
CA GLU A 65 3.24 0.99 7.29
C GLU A 65 4.58 1.71 7.15
N ASP A 66 5.62 1.11 7.71
CA ASP A 66 7.00 1.70 7.64
C ASP A 66 7.29 2.18 6.21
N PHE A 67 7.30 1.23 5.31
CA PHE A 67 7.58 1.55 3.87
C PHE A 67 6.71 2.71 3.37
N LEU A 68 5.47 2.70 3.76
CA LEU A 68 4.56 3.81 3.31
C LEU A 68 4.61 5.01 4.23
N GLU A 69 5.33 4.89 5.32
CA GLU A 69 5.47 6.02 6.29
C GLU A 69 6.83 6.68 6.05
N GLN A 70 7.89 5.94 6.30
CA GLN A 70 9.27 6.47 6.09
C GLN A 70 9.42 7.20 4.75
N ASN A 71 8.85 6.64 3.72
CA ASN A 71 8.97 7.30 2.37
C ASN A 71 7.70 8.06 2.02
N GLU A 72 6.71 7.98 2.87
CA GLU A 72 5.39 8.65 2.63
C GLU A 72 5.05 8.64 1.13
N LEU A 73 4.63 7.49 0.68
CA LEU A 73 4.26 7.32 -0.73
C LEU A 73 2.80 7.75 -0.88
N GLN A 74 2.61 9.05 -0.74
CA GLN A 74 1.25 9.70 -0.82
C GLN A 74 0.13 8.66 -0.69
N TYR A 75 0.03 8.08 0.48
CA TYR A 75 -1.03 7.06 0.70
C TYR A 75 -2.07 7.57 1.69
N GLU A 76 -3.25 7.05 1.55
CA GLU A 76 -4.38 7.45 2.45
C GLU A 76 -5.22 6.21 2.81
N VAL A 77 -6.29 6.45 3.54
CA VAL A 77 -7.17 5.31 3.96
C VAL A 77 -8.50 5.41 3.20
N LEU A 78 -8.40 5.44 1.89
CA LEU A 78 -9.60 5.54 1.01
C LEU A 78 -10.63 6.52 1.56
N ILE A 79 -10.18 7.70 1.89
CA ILE A 79 -11.09 8.72 2.44
C ILE A 79 -11.85 9.42 1.29
N ASN A 80 -12.38 8.60 0.41
CA ASN A 80 -13.16 9.12 -0.77
C ASN A 80 -12.20 9.65 -1.83
N ASN A 81 -10.98 9.24 -1.75
CA ASN A 81 -9.95 9.71 -2.72
C ASN A 81 -9.24 8.53 -3.37
N HIS A 1 5.62 -9.90 16.41
CA HIS A 1 6.30 -9.37 15.21
C HIS A 1 7.49 -8.51 15.67
N HIS A 2 8.17 -7.95 14.71
CA HIS A 2 9.37 -7.08 14.98
C HIS A 2 9.29 -6.32 16.34
N SER A 3 8.27 -5.51 16.47
CA SER A 3 8.11 -4.72 17.73
C SER A 3 6.71 -4.96 18.32
N GLY A 4 6.43 -6.19 18.62
CA GLY A 4 5.10 -6.54 19.20
C GLY A 4 4.35 -7.40 18.20
N GLU A 5 3.12 -7.72 18.47
CA GLU A 5 2.34 -8.56 17.50
C GLU A 5 1.32 -7.67 16.77
N HIS A 6 1.29 -7.80 15.47
CA HIS A 6 0.35 -6.97 14.63
C HIS A 6 -0.63 -7.89 13.87
N PHE A 7 -1.21 -8.81 14.60
CA PHE A 7 -2.17 -9.77 13.96
C PHE A 7 -3.59 -9.23 14.07
N GLU A 8 -3.78 -8.06 13.50
CA GLU A 8 -5.13 -7.43 13.53
C GLU A 8 -6.03 -8.07 12.47
N GLY A 9 -5.48 -8.28 11.31
CA GLY A 9 -6.26 -8.88 10.19
C GLY A 9 -5.91 -8.12 8.91
N GLU A 10 -6.35 -8.61 7.78
CA GLU A 10 -6.01 -7.92 6.50
C GLU A 10 -6.72 -6.56 6.41
N LYS A 11 -6.00 -5.56 5.92
CA LYS A 11 -6.59 -4.18 5.79
C LYS A 11 -6.41 -3.65 4.35
N VAL A 12 -7.06 -2.56 4.02
CA VAL A 12 -6.98 -1.99 2.62
C VAL A 12 -6.39 -0.56 2.65
N PHE A 13 -5.74 -0.16 1.58
CA PHE A 13 -5.17 1.24 1.54
C PHE A 13 -5.19 1.80 0.10
N ARG A 14 -5.13 3.11 0.00
CA ARG A 14 -5.11 3.75 -1.35
C ARG A 14 -3.82 4.57 -1.46
N VAL A 15 -2.98 4.23 -2.39
CA VAL A 15 -1.71 4.97 -2.55
C VAL A 15 -1.85 5.87 -3.78
N ASN A 16 -1.13 6.96 -3.80
CA ASN A 16 -1.22 7.86 -4.97
C ASN A 16 0.08 7.72 -5.73
N VAL A 17 0.01 7.98 -6.99
CA VAL A 17 1.21 7.89 -7.84
C VAL A 17 1.27 9.15 -8.68
N GLU A 18 2.42 9.78 -8.72
CA GLU A 18 2.58 11.01 -9.52
C GLU A 18 3.50 10.77 -10.70
N ASP A 19 4.48 9.94 -10.51
CA ASP A 19 5.44 9.65 -11.62
C ASP A 19 5.94 8.24 -11.48
N GLU A 20 6.99 7.97 -12.20
CA GLU A 20 7.61 6.65 -12.14
C GLU A 20 8.06 6.34 -10.71
N ASN A 21 8.69 7.29 -10.06
CA ASN A 21 9.17 7.08 -8.65
C ASN A 21 8.14 6.29 -7.82
N ASP A 22 7.01 6.90 -7.61
CA ASP A 22 5.91 6.24 -6.85
C ASP A 22 5.70 4.81 -7.32
N ILE A 23 5.69 4.63 -8.61
CA ILE A 23 5.49 3.25 -9.17
C ILE A 23 6.69 2.38 -8.80
N SER A 24 7.85 2.95 -8.90
CA SER A 24 9.10 2.21 -8.57
C SER A 24 9.05 1.81 -7.10
N GLU A 25 9.01 2.79 -6.23
CA GLU A 25 8.92 2.48 -4.77
C GLU A 25 7.84 1.43 -4.58
N LEU A 26 6.72 1.59 -5.27
CA LEU A 26 5.65 0.55 -5.14
C LEU A 26 6.26 -0.80 -5.52
N HIS A 27 6.94 -0.83 -6.65
CA HIS A 27 7.58 -2.11 -7.11
C HIS A 27 8.48 -2.70 -6.01
N GLU A 28 9.49 -1.96 -5.63
CA GLU A 28 10.42 -2.37 -4.61
C GLU A 28 9.77 -3.18 -3.49
N LEU A 29 8.74 -2.63 -2.89
CA LEU A 29 8.04 -3.32 -1.79
C LEU A 29 7.84 -4.84 -2.04
N ALA A 30 7.36 -5.18 -3.22
CA ALA A 30 7.11 -6.62 -3.53
C ALA A 30 8.40 -7.45 -3.64
N SER A 31 9.49 -6.92 -3.12
CA SER A 31 10.78 -7.66 -3.16
C SER A 31 10.99 -8.33 -1.79
N THR A 32 10.41 -7.75 -0.78
CA THR A 32 10.55 -8.31 0.60
C THR A 32 9.18 -8.75 1.13
N ARG A 33 8.26 -7.83 1.10
CA ARG A 33 6.89 -8.12 1.60
C ARG A 33 5.92 -8.03 0.43
N GLN A 34 5.20 -9.09 0.20
CA GLN A 34 4.24 -9.13 -0.95
C GLN A 34 2.79 -8.87 -0.53
N ILE A 35 2.15 -8.01 -1.27
CA ILE A 35 0.72 -7.67 -0.96
C ILE A 35 -0.17 -7.94 -2.18
N ASP A 36 -1.46 -7.80 -1.96
CA ASP A 36 -2.46 -8.03 -3.06
C ASP A 36 -2.97 -6.65 -3.53
N PHE A 37 -3.44 -6.57 -4.76
CA PHE A 37 -3.94 -5.23 -5.27
C PHE A 37 -5.35 -5.32 -5.86
N TRP A 38 -6.05 -4.19 -5.86
CA TRP A 38 -7.43 -4.16 -6.42
C TRP A 38 -7.59 -3.10 -7.52
N LYS A 39 -7.26 -1.86 -7.24
CA LYS A 39 -7.41 -0.82 -8.30
C LYS A 39 -6.07 -0.18 -8.62
N PRO A 40 -5.99 0.53 -9.73
CA PRO A 40 -6.91 0.38 -10.88
C PRO A 40 -6.80 -1.00 -11.54
N ASP A 41 -5.63 -1.31 -12.03
CA ASP A 41 -5.39 -2.62 -12.70
C ASP A 41 -4.26 -3.36 -11.98
N SER A 42 -3.12 -3.45 -12.61
CA SER A 42 -1.96 -4.14 -12.00
C SER A 42 -0.81 -3.14 -11.86
N VAL A 43 0.05 -3.39 -10.92
CA VAL A 43 1.22 -2.48 -10.70
C VAL A 43 1.82 -1.97 -12.03
N THR A 44 1.96 -2.87 -12.97
CA THR A 44 2.54 -2.52 -14.31
C THR A 44 1.61 -1.65 -15.17
N GLN A 45 0.34 -1.83 -14.98
CA GLN A 45 -0.67 -1.06 -15.78
C GLN A 45 -1.08 0.23 -15.04
N ILE A 46 -0.70 0.32 -13.80
CA ILE A 46 -1.02 1.56 -13.02
C ILE A 46 -0.40 2.76 -13.75
N LYS A 47 -0.98 3.92 -13.61
CA LYS A 47 -0.42 5.13 -14.29
C LYS A 47 -0.05 6.19 -13.25
N PRO A 48 0.68 7.22 -13.67
CA PRO A 48 0.92 8.40 -12.82
C PRO A 48 -0.33 9.28 -12.70
N HIS A 49 -0.35 10.08 -11.66
CA HIS A 49 -1.50 11.00 -11.37
C HIS A 49 -2.81 10.20 -11.25
N SER A 50 -2.71 9.13 -10.52
CA SER A 50 -3.87 8.22 -10.26
C SER A 50 -3.60 7.54 -8.90
N THR A 51 -4.58 6.88 -8.33
CA THR A 51 -4.32 6.20 -7.02
C THR A 51 -4.63 4.69 -7.10
N VAL A 52 -3.79 3.92 -6.48
CA VAL A 52 -3.96 2.44 -6.49
C VAL A 52 -4.61 2.00 -5.18
N ASP A 53 -5.50 1.04 -5.26
CA ASP A 53 -6.20 0.54 -4.03
C ASP A 53 -5.73 -0.90 -3.82
N PHE A 54 -4.93 -1.10 -2.82
CA PHE A 54 -4.41 -2.47 -2.56
C PHE A 54 -4.59 -2.79 -1.08
N ARG A 55 -4.34 -4.02 -0.74
CA ARG A 55 -4.51 -4.40 0.69
C ARG A 55 -3.25 -5.05 1.25
N VAL A 56 -3.23 -5.14 2.54
CA VAL A 56 -2.07 -5.75 3.24
C VAL A 56 -2.56 -6.97 4.04
N LYS A 57 -1.80 -8.04 3.99
CA LYS A 57 -2.23 -9.25 4.76
C LYS A 57 -1.54 -9.16 6.13
N ALA A 58 -1.87 -10.08 7.01
CA ALA A 58 -1.27 -10.05 8.38
C ALA A 58 0.13 -10.66 8.43
N GLU A 59 0.84 -10.23 7.47
CA GLU A 59 2.28 -10.62 7.26
C GLU A 59 3.12 -9.49 7.86
N ASP A 60 2.80 -9.22 9.09
CA ASP A 60 3.46 -8.12 9.84
C ASP A 60 3.06 -6.81 9.18
N ILE A 61 1.77 -6.73 8.96
CA ILE A 61 1.11 -5.53 8.32
C ILE A 61 1.87 -4.23 8.57
N LEU A 62 2.26 -4.05 9.80
CA LEU A 62 2.99 -2.81 10.20
C LEU A 62 4.29 -2.62 9.42
N ALA A 63 4.54 -3.44 8.45
CA ALA A 63 5.78 -3.28 7.63
C ALA A 63 5.41 -2.59 6.32
N VAL A 64 4.15 -2.70 5.97
CA VAL A 64 3.66 -2.03 4.73
C VAL A 64 3.28 -0.61 5.13
N GLU A 65 2.41 -0.51 6.13
CA GLU A 65 2.02 0.86 6.60
C GLU A 65 3.34 1.62 6.82
N ASP A 66 4.30 0.87 7.33
CA ASP A 66 5.67 1.39 7.58
C ASP A 66 6.20 1.94 6.25
N PHE A 67 6.49 1.09 5.30
CA PHE A 67 6.97 1.55 3.95
C PHE A 67 6.19 2.78 3.49
N LEU A 68 4.89 2.70 3.58
CA LEU A 68 4.06 3.85 3.15
C LEU A 68 4.37 5.07 4.01
N GLU A 69 4.61 4.84 5.27
CA GLU A 69 4.93 5.98 6.19
C GLU A 69 6.42 6.29 6.06
N GLN A 70 7.22 5.36 6.55
CA GLN A 70 8.71 5.47 6.51
C GLN A 70 9.16 6.31 5.31
N ASN A 71 8.67 5.96 4.15
CA ASN A 71 9.01 6.72 2.92
C ASN A 71 7.73 7.29 2.29
N GLU A 72 7.01 8.05 3.09
CA GLU A 72 5.72 8.71 2.68
C GLU A 72 5.38 8.46 1.22
N LEU A 73 4.94 7.28 1.00
CA LEU A 73 4.56 6.88 -0.36
C LEU A 73 3.12 7.33 -0.61
N GLN A 74 3.01 8.64 -0.71
CA GLN A 74 1.71 9.36 -0.97
C GLN A 74 0.50 8.44 -0.72
N TYR A 75 0.30 8.04 0.51
CA TYR A 75 -0.84 7.11 0.77
C TYR A 75 -1.99 7.73 1.58
N GLU A 76 -3.08 7.01 1.52
CA GLU A 76 -4.33 7.39 2.23
C GLU A 76 -4.89 6.13 2.90
N VAL A 77 -5.48 6.30 4.07
CA VAL A 77 -6.05 5.13 4.79
C VAL A 77 -7.56 5.09 4.50
N LEU A 78 -7.86 5.02 3.21
CA LEU A 78 -9.28 4.99 2.70
C LEU A 78 -10.24 5.75 3.62
N ILE A 79 -10.21 7.06 3.51
CA ILE A 79 -11.09 7.91 4.35
C ILE A 79 -12.57 7.75 3.94
N ASN A 80 -13.12 6.60 4.30
CA ASN A 80 -14.56 6.22 4.01
C ASN A 80 -14.62 5.28 2.81
N ASN A 81 -14.03 5.74 1.73
CA ASN A 81 -14.01 4.92 0.47
C ASN A 81 -12.95 5.54 -0.46
N HIS A 1 2.10 -2.65 21.94
CA HIS A 1 1.62 -1.57 22.83
C HIS A 1 2.66 -1.36 23.93
N HIS A 2 3.55 -0.41 23.72
CA HIS A 2 4.62 -0.07 24.72
C HIS A 2 5.81 -1.04 24.58
N SER A 3 5.50 -2.29 24.45
CA SER A 3 6.59 -3.32 24.29
C SER A 3 6.60 -3.78 22.82
N GLY A 4 6.34 -2.82 21.97
CA GLY A 4 6.30 -3.10 20.51
C GLY A 4 4.84 -3.19 20.09
N GLU A 5 4.55 -2.83 18.86
CA GLU A 5 3.15 -2.89 18.38
C GLU A 5 3.00 -4.13 17.51
N HIS A 6 3.37 -5.23 18.10
CA HIS A 6 3.30 -6.53 17.39
C HIS A 6 1.88 -7.07 17.57
N PHE A 7 0.92 -6.26 17.23
CA PHE A 7 -0.51 -6.65 17.36
C PHE A 7 -1.28 -6.11 16.14
N GLU A 8 -1.06 -6.72 15.01
CA GLU A 8 -1.76 -6.24 13.77
C GLU A 8 -2.63 -7.35 13.17
N GLY A 9 -3.57 -6.95 12.34
CA GLY A 9 -4.49 -7.92 11.67
C GLY A 9 -4.46 -7.64 10.16
N GLU A 10 -5.61 -7.34 9.60
CA GLU A 10 -5.70 -7.05 8.13
C GLU A 10 -6.47 -5.74 7.94
N LYS A 11 -6.22 -5.06 6.84
CA LYS A 11 -6.94 -3.78 6.56
C LYS A 11 -6.67 -3.36 5.10
N VAL A 12 -7.35 -2.34 4.64
CA VAL A 12 -7.14 -1.91 3.21
C VAL A 12 -6.50 -0.51 3.16
N PHE A 13 -5.55 -0.41 2.27
CA PHE A 13 -4.82 0.86 2.07
C PHE A 13 -5.07 1.27 0.63
N ARG A 14 -4.65 2.45 0.31
CA ARG A 14 -4.80 2.94 -1.07
C ARG A 14 -3.52 3.68 -1.43
N VAL A 15 -3.37 4.05 -2.67
CA VAL A 15 -2.14 4.77 -3.07
C VAL A 15 -2.47 5.82 -4.14
N ASN A 16 -1.72 6.90 -4.16
CA ASN A 16 -1.96 7.95 -5.18
C ASN A 16 -0.63 8.10 -5.93
N VAL A 17 -0.62 7.63 -7.14
CA VAL A 17 0.65 7.69 -7.91
C VAL A 17 0.92 9.11 -8.40
N GLU A 18 1.42 9.87 -7.46
CA GLU A 18 1.75 11.27 -7.75
C GLU A 18 2.94 11.32 -8.70
N ASP A 19 3.92 10.50 -8.40
CA ASP A 19 5.16 10.47 -9.24
C ASP A 19 5.65 9.05 -9.50
N GLU A 20 6.87 8.99 -9.95
CA GLU A 20 7.51 7.68 -10.27
C GLU A 20 8.02 6.98 -9.01
N ASN A 21 8.49 7.73 -8.04
CA ASN A 21 8.98 7.08 -6.78
C ASN A 21 7.91 6.08 -6.32
N ASP A 22 6.69 6.53 -6.29
CA ASP A 22 5.58 5.66 -5.86
C ASP A 22 5.48 4.37 -6.72
N ILE A 23 5.45 4.55 -8.00
CA ILE A 23 5.36 3.37 -8.91
C ILE A 23 6.55 2.44 -8.67
N SER A 24 7.70 3.03 -8.63
CA SER A 24 8.95 2.25 -8.39
C SER A 24 8.87 1.64 -6.99
N GLU A 25 8.93 2.46 -5.97
CA GLU A 25 8.84 1.94 -4.56
C GLU A 25 7.84 0.80 -4.47
N LEU A 26 6.70 1.00 -5.10
CA LEU A 26 5.67 -0.05 -5.09
C LEU A 26 6.27 -1.30 -5.74
N HIS A 27 6.84 -1.13 -6.91
CA HIS A 27 7.47 -2.30 -7.60
C HIS A 27 8.43 -2.98 -6.62
N GLU A 28 9.36 -2.24 -6.10
CA GLU A 28 10.31 -2.74 -5.14
C GLU A 28 9.59 -3.54 -4.05
N LEU A 29 8.49 -3.00 -3.59
CA LEU A 29 7.71 -3.68 -2.50
C LEU A 29 6.87 -4.84 -3.04
N ALA A 30 6.62 -4.87 -4.33
CA ALA A 30 5.78 -5.99 -4.89
C ALA A 30 6.64 -7.25 -5.05
N SER A 31 7.42 -7.52 -4.04
CA SER A 31 8.31 -8.70 -4.05
C SER A 31 8.45 -9.21 -2.61
N THR A 32 8.99 -8.35 -1.79
CA THR A 32 9.21 -8.69 -0.35
C THR A 32 7.87 -8.97 0.32
N ARG A 33 6.94 -8.09 0.10
CA ARG A 33 5.59 -8.28 0.75
C ARG A 33 4.64 -9.02 -0.21
N GLN A 34 3.52 -9.46 0.31
CA GLN A 34 2.54 -10.21 -0.55
C GLN A 34 1.23 -9.41 -0.62
N ILE A 35 1.35 -8.13 -0.84
CA ILE A 35 0.14 -7.27 -0.92
C ILE A 35 -0.63 -7.57 -2.21
N ASP A 36 -1.92 -7.72 -2.10
CA ASP A 36 -2.73 -7.99 -3.33
C ASP A 36 -3.41 -6.68 -3.70
N PHE A 37 -3.79 -6.53 -4.95
CA PHE A 37 -4.41 -5.24 -5.35
C PHE A 37 -5.90 -5.39 -5.61
N TRP A 38 -6.59 -4.29 -5.50
CA TRP A 38 -8.06 -4.30 -5.74
C TRP A 38 -8.31 -3.48 -7.00
N LYS A 39 -7.96 -2.20 -6.97
CA LYS A 39 -8.14 -1.38 -8.21
C LYS A 39 -6.80 -0.76 -8.59
N PRO A 40 -6.62 -0.47 -9.85
CA PRO A 40 -7.07 -1.31 -11.00
C PRO A 40 -5.99 -2.32 -11.38
N ASP A 41 -4.82 -1.78 -11.37
CA ASP A 41 -3.64 -2.45 -11.72
C ASP A 41 -3.26 -3.34 -10.57
N SER A 42 -2.07 -3.56 -10.69
CA SER A 42 -1.25 -4.43 -9.78
C SER A 42 0.20 -4.08 -10.04
N VAL A 43 0.54 -2.83 -9.85
CA VAL A 43 1.95 -2.38 -10.15
C VAL A 43 2.36 -2.98 -11.51
N THR A 44 1.39 -2.98 -12.38
CA THR A 44 1.58 -3.55 -13.75
C THR A 44 1.71 -2.45 -14.81
N GLN A 45 0.64 -1.73 -15.03
CA GLN A 45 0.70 -0.63 -16.05
C GLN A 45 0.34 0.69 -15.38
N ILE A 46 1.03 1.00 -14.32
CA ILE A 46 0.72 2.25 -13.60
C ILE A 46 1.58 3.40 -14.12
N LYS A 47 0.96 4.54 -14.22
CA LYS A 47 1.66 5.76 -14.70
C LYS A 47 1.61 6.81 -13.58
N PRO A 48 2.44 7.82 -13.67
CA PRO A 48 2.19 9.05 -12.89
C PRO A 48 0.80 9.60 -13.23
N HIS A 49 0.13 10.08 -12.20
CA HIS A 49 -1.24 10.65 -12.35
C HIS A 49 -2.28 9.53 -12.52
N SER A 50 -2.28 8.63 -11.56
CA SER A 50 -3.26 7.50 -11.60
C SER A 50 -3.48 6.97 -10.17
N THR A 51 -4.55 6.23 -9.97
CA THR A 51 -4.83 5.70 -8.60
C THR A 51 -4.88 4.17 -8.60
N VAL A 52 -4.34 3.58 -7.55
CA VAL A 52 -4.35 2.11 -7.38
C VAL A 52 -4.47 1.83 -5.87
N ASP A 53 -4.86 0.65 -5.50
CA ASP A 53 -4.98 0.32 -4.04
C ASP A 53 -4.64 -1.15 -3.78
N PHE A 54 -4.33 -1.48 -2.54
CA PHE A 54 -3.95 -2.89 -2.20
C PHE A 54 -4.39 -3.29 -0.79
N ARG A 55 -4.28 -4.57 -0.51
CA ARG A 55 -4.65 -5.08 0.85
C ARG A 55 -3.50 -5.90 1.42
N VAL A 56 -3.22 -5.73 2.69
CA VAL A 56 -2.10 -6.49 3.33
C VAL A 56 -2.76 -7.47 4.32
N LYS A 57 -2.19 -8.64 4.40
CA LYS A 57 -2.76 -9.72 5.28
C LYS A 57 -1.86 -10.13 6.47
N ALA A 58 -2.01 -9.44 7.57
CA ALA A 58 -1.22 -9.71 8.83
C ALA A 58 0.20 -10.25 8.58
N GLU A 59 0.69 -9.90 7.46
CA GLU A 59 2.05 -10.30 7.04
C GLU A 59 2.98 -9.13 7.32
N ASP A 60 3.21 -8.88 8.59
CA ASP A 60 4.10 -7.74 8.95
C ASP A 60 3.66 -6.54 8.10
N ILE A 61 2.40 -6.22 8.26
CA ILE A 61 1.82 -5.07 7.52
C ILE A 61 2.58 -3.83 7.93
N LEU A 62 3.02 -3.83 9.17
CA LEU A 62 3.81 -2.68 9.68
C LEU A 62 4.79 -2.25 8.58
N ALA A 63 5.55 -3.21 8.11
CA ALA A 63 6.54 -2.91 7.03
C ALA A 63 5.92 -2.14 5.85
N VAL A 64 4.74 -2.51 5.43
CA VAL A 64 4.12 -1.77 4.30
C VAL A 64 3.80 -0.34 4.76
N GLU A 65 3.25 -0.26 5.94
CA GLU A 65 2.91 1.09 6.49
C GLU A 65 4.21 1.91 6.61
N ASP A 66 5.14 1.37 7.34
CA ASP A 66 6.46 2.02 7.52
C ASP A 66 7.04 2.44 6.16
N PHE A 67 7.05 1.51 5.26
CA PHE A 67 7.58 1.76 3.89
C PHE A 67 6.84 2.92 3.23
N LEU A 68 5.57 3.01 3.50
CA LEU A 68 4.76 4.10 2.88
C LEU A 68 4.76 5.40 3.71
N GLU A 69 5.02 5.30 4.98
CA GLU A 69 5.00 6.53 5.82
C GLU A 69 6.40 7.12 5.93
N GLN A 70 7.38 6.29 6.18
CA GLN A 70 8.79 6.79 6.29
C GLN A 70 9.15 7.71 5.12
N ASN A 71 8.55 7.48 3.98
CA ASN A 71 8.83 8.35 2.81
C ASN A 71 7.52 8.98 2.31
N GLU A 72 6.55 9.06 3.17
CA GLU A 72 5.19 9.59 2.78
C GLU A 72 4.93 9.33 1.29
N LEU A 73 4.87 8.07 0.97
CA LEU A 73 4.62 7.66 -0.42
C LEU A 73 3.16 7.93 -0.73
N GLN A 74 2.88 9.20 -0.90
CA GLN A 74 1.52 9.75 -1.22
C GLN A 74 0.40 8.70 -1.24
N TYR A 75 0.15 8.13 -0.09
CA TYR A 75 -0.90 7.08 0.03
C TYR A 75 -1.81 7.39 1.21
N GLU A 76 -2.86 6.64 1.31
CA GLU A 76 -3.83 6.81 2.42
C GLU A 76 -4.46 5.46 2.79
N VAL A 77 -5.28 5.46 3.80
CA VAL A 77 -5.95 4.20 4.20
C VAL A 77 -7.35 4.26 3.60
N LEU A 78 -8.10 3.18 3.57
CA LEU A 78 -9.45 3.28 3.01
C LEU A 78 -10.35 4.27 3.74
N ILE A 79 -10.13 5.51 3.44
CA ILE A 79 -10.97 6.61 4.00
C ILE A 79 -11.87 7.06 2.85
N ASN A 80 -11.60 6.42 1.77
CA ASN A 80 -12.28 6.60 0.47
C ASN A 80 -11.58 5.59 -0.45
N ASN A 81 -12.28 5.06 -1.43
CA ASN A 81 -11.63 4.04 -2.31
C ASN A 81 -11.27 4.62 -3.68
N HIS A 1 -6.64 -5.27 16.31
CA HIS A 1 -5.64 -4.22 16.62
C HIS A 1 -4.85 -4.70 17.84
N HIS A 2 -3.54 -4.48 17.82
CA HIS A 2 -2.62 -4.90 18.96
C HIS A 2 -3.36 -5.58 20.13
N SER A 3 -4.20 -4.82 20.79
CA SER A 3 -4.98 -5.36 21.93
C SER A 3 -6.46 -5.15 21.63
N GLY A 4 -6.94 -5.90 20.67
CA GLY A 4 -8.38 -5.76 20.28
C GLY A 4 -8.57 -6.31 18.86
N GLU A 5 -8.65 -7.59 18.77
CA GLU A 5 -8.86 -8.24 17.45
C GLU A 5 -10.34 -8.14 17.08
N HIS A 6 -10.74 -6.92 16.85
CA HIS A 6 -12.15 -6.64 16.49
C HIS A 6 -12.32 -6.94 14.99
N PHE A 7 -12.00 -8.16 14.63
CA PHE A 7 -12.12 -8.59 13.20
C PHE A 7 -11.18 -7.74 12.34
N GLU A 8 -9.95 -7.63 12.79
CA GLU A 8 -8.94 -6.82 12.05
C GLU A 8 -7.93 -7.74 11.32
N GLY A 9 -6.69 -7.72 11.76
CA GLY A 9 -5.66 -8.58 11.13
C GLY A 9 -5.18 -7.91 9.84
N GLU A 10 -6.08 -7.85 8.88
CA GLU A 10 -5.72 -7.22 7.59
C GLU A 10 -6.37 -5.83 7.48
N LYS A 11 -5.85 -5.05 6.57
CA LYS A 11 -6.38 -3.67 6.34
C LYS A 11 -6.19 -3.30 4.87
N VAL A 12 -6.86 -2.27 4.45
CA VAL A 12 -6.76 -1.79 3.06
C VAL A 12 -6.09 -0.41 3.07
N PHE A 13 -5.26 -0.15 2.09
CA PHE A 13 -4.59 1.16 2.01
C PHE A 13 -4.50 1.59 0.55
N ARG A 14 -4.54 2.87 0.28
CA ARG A 14 -4.42 3.30 -1.11
C ARG A 14 -3.25 4.28 -1.22
N VAL A 15 -2.55 4.22 -2.32
CA VAL A 15 -1.40 5.12 -2.51
C VAL A 15 -1.77 6.09 -3.62
N ASN A 16 -1.40 7.33 -3.48
CA ASN A 16 -1.74 8.31 -4.55
C ASN A 16 -0.46 8.49 -5.36
N VAL A 17 -0.47 8.11 -6.61
CA VAL A 17 0.77 8.24 -7.42
C VAL A 17 0.76 9.50 -8.26
N GLU A 18 1.92 10.11 -8.38
CA GLU A 18 2.03 11.34 -9.17
C GLU A 18 2.80 11.05 -10.47
N ASP A 19 3.96 10.48 -10.34
CA ASP A 19 4.75 10.19 -11.57
C ASP A 19 5.42 8.82 -11.45
N GLU A 20 6.63 8.72 -11.90
CA GLU A 20 7.37 7.45 -11.83
C GLU A 20 7.92 7.20 -10.44
N ASN A 21 8.29 8.25 -9.73
CA ASN A 21 8.83 8.11 -8.39
C ASN A 21 8.02 7.12 -7.53
N ASP A 22 6.85 7.55 -7.12
CA ASP A 22 6.00 6.66 -6.26
C ASP A 22 5.84 5.26 -6.86
N ILE A 23 5.72 5.14 -8.17
CA ILE A 23 5.57 3.76 -8.72
C ILE A 23 6.86 2.98 -8.45
N SER A 24 7.97 3.60 -8.72
CA SER A 24 9.28 2.93 -8.50
C SER A 24 9.36 2.45 -7.06
N GLU A 25 8.97 3.33 -6.17
CA GLU A 25 8.99 2.98 -4.72
C GLU A 25 7.99 1.84 -4.45
N LEU A 26 6.73 2.11 -4.66
CA LEU A 26 5.67 1.11 -4.42
C LEU A 26 6.06 -0.24 -5.03
N HIS A 27 6.69 -0.20 -6.18
CA HIS A 27 7.10 -1.46 -6.87
C HIS A 27 7.99 -2.35 -5.99
N GLU A 28 8.85 -1.74 -5.21
CA GLU A 28 9.76 -2.55 -4.33
C GLU A 28 8.92 -3.43 -3.39
N LEU A 29 7.74 -2.97 -3.04
CA LEU A 29 6.87 -3.77 -2.13
C LEU A 29 6.37 -5.00 -2.89
N ALA A 30 6.51 -4.96 -4.19
CA ALA A 30 6.12 -6.13 -5.04
C ALA A 30 7.39 -6.84 -5.47
N SER A 31 8.47 -6.51 -4.78
CA SER A 31 9.80 -7.12 -5.09
C SER A 31 10.45 -7.74 -3.84
N THR A 32 10.03 -7.28 -2.69
CA THR A 32 10.61 -7.80 -1.41
C THR A 32 9.63 -8.74 -0.68
N ARG A 33 8.49 -8.23 -0.34
CA ARG A 33 7.48 -9.06 0.36
C ARG A 33 6.29 -9.26 -0.57
N GLN A 34 5.32 -10.03 -0.13
CA GLN A 34 4.11 -10.24 -0.98
C GLN A 34 2.98 -9.41 -0.40
N ILE A 35 2.06 -9.00 -1.25
CA ILE A 35 0.90 -8.17 -0.80
C ILE A 35 -0.37 -8.56 -1.57
N ASP A 36 -1.33 -7.68 -1.57
CA ASP A 36 -2.63 -7.95 -2.28
C ASP A 36 -3.02 -6.67 -3.04
N PHE A 37 -3.50 -6.79 -4.26
CA PHE A 37 -3.88 -5.56 -5.04
C PHE A 37 -5.37 -5.60 -5.37
N TRP A 38 -6.03 -4.48 -5.21
CA TRP A 38 -7.51 -4.46 -5.46
C TRP A 38 -7.85 -3.61 -6.68
N LYS A 39 -7.36 -2.38 -6.70
CA LYS A 39 -7.65 -1.48 -7.87
C LYS A 39 -6.36 -0.71 -8.22
N PRO A 40 -6.23 -0.29 -9.47
CA PRO A 40 -7.07 -0.73 -10.62
C PRO A 40 -6.53 -2.04 -11.19
N ASP A 41 -5.31 -1.98 -11.64
CA ASP A 41 -4.65 -3.18 -12.24
C ASP A 41 -3.59 -3.75 -11.29
N SER A 42 -2.49 -3.06 -11.17
CA SER A 42 -1.37 -3.51 -10.27
C SER A 42 -0.08 -2.92 -10.80
N VAL A 43 0.93 -2.88 -9.96
CA VAL A 43 2.21 -2.36 -10.32
C VAL A 43 2.58 -2.89 -11.68
N THR A 44 2.13 -4.09 -11.87
CA THR A 44 2.40 -4.77 -13.12
C THR A 44 1.60 -4.13 -14.26
N GLN A 45 2.04 -2.95 -14.65
CA GLN A 45 1.43 -2.09 -15.73
C GLN A 45 0.60 -0.98 -15.07
N ILE A 46 1.09 -0.43 -13.99
CA ILE A 46 0.31 0.65 -13.32
C ILE A 46 0.68 2.01 -13.93
N LYS A 47 -0.13 3.00 -13.64
CA LYS A 47 0.12 4.36 -14.21
C LYS A 47 0.47 5.38 -13.12
N PRO A 48 1.00 6.52 -13.54
CA PRO A 48 1.09 7.73 -12.69
C PRO A 48 -0.19 8.58 -12.77
N HIS A 49 -0.20 9.71 -12.08
CA HIS A 49 -1.40 10.61 -12.08
C HIS A 49 -2.66 9.79 -11.74
N SER A 50 -2.45 8.69 -11.05
CA SER A 50 -3.58 7.79 -10.68
C SER A 50 -3.44 7.33 -9.22
N THR A 51 -4.48 6.74 -8.70
CA THR A 51 -4.43 6.23 -7.30
C THR A 51 -4.38 4.70 -7.32
N VAL A 52 -3.70 4.12 -6.36
CA VAL A 52 -3.61 2.63 -6.29
C VAL A 52 -4.36 2.19 -5.03
N ASP A 53 -5.08 1.11 -5.14
CA ASP A 53 -5.86 0.58 -3.99
C ASP A 53 -5.41 -0.85 -3.71
N PHE A 54 -4.76 -1.08 -2.60
CA PHE A 54 -4.27 -2.46 -2.30
C PHE A 54 -4.47 -2.80 -0.82
N ARG A 55 -4.11 -3.99 -0.44
CA ARG A 55 -4.26 -4.38 0.99
C ARG A 55 -3.05 -5.18 1.46
N VAL A 56 -2.94 -5.34 2.74
CA VAL A 56 -1.80 -6.12 3.30
C VAL A 56 -2.34 -7.35 4.03
N LYS A 57 -3.30 -8.03 3.42
CA LYS A 57 -3.92 -9.27 4.02
C LYS A 57 -3.16 -9.82 5.26
N ALA A 58 -3.31 -9.12 6.38
CA ALA A 58 -2.63 -9.50 7.67
C ALA A 58 -1.30 -10.19 7.41
N GLU A 59 -0.59 -9.52 6.61
CA GLU A 59 0.76 -9.93 6.17
C GLU A 59 1.79 -8.97 6.78
N ASP A 60 2.07 -9.20 8.03
CA ASP A 60 3.06 -8.37 8.79
C ASP A 60 2.69 -6.88 8.66
N ILE A 61 1.41 -6.69 8.45
CA ILE A 61 0.80 -5.34 8.28
C ILE A 61 1.75 -4.17 8.49
N LEU A 62 2.22 -4.00 9.70
CA LEU A 62 3.14 -2.87 10.03
C LEU A 62 4.14 -2.54 8.92
N ALA A 63 4.82 -3.54 8.42
CA ALA A 63 5.85 -3.30 7.36
C ALA A 63 5.33 -2.48 6.19
N VAL A 64 4.05 -2.53 5.93
CA VAL A 64 3.51 -1.72 4.81
C VAL A 64 3.20 -0.33 5.36
N GLU A 65 2.56 -0.29 6.50
CA GLU A 65 2.25 1.03 7.12
C GLU A 65 3.58 1.81 7.06
N ASP A 66 4.61 1.06 7.42
CA ASP A 66 6.01 1.57 7.40
C ASP A 66 6.38 1.87 5.95
N PHE A 67 6.53 0.82 5.18
CA PHE A 67 6.90 0.96 3.73
C PHE A 67 6.38 2.28 3.14
N LEU A 68 5.10 2.53 3.36
CA LEU A 68 4.53 3.79 2.81
C LEU A 68 5.05 4.99 3.59
N GLU A 69 4.67 5.08 4.84
CA GLU A 69 5.12 6.20 5.71
C GLU A 69 6.62 6.44 5.55
N GLN A 70 7.36 5.43 5.88
CA GLN A 70 8.85 5.45 5.79
C GLN A 70 9.35 6.30 4.61
N ASN A 71 8.72 6.16 3.47
CA ASN A 71 9.19 6.93 2.28
C ASN A 71 8.11 7.87 1.75
N GLU A 72 7.45 8.55 2.66
CA GLU A 72 6.33 9.50 2.29
C GLU A 72 5.66 9.05 0.98
N LEU A 73 5.22 7.83 0.97
CA LEU A 73 4.54 7.30 -0.25
C LEU A 73 3.09 7.74 -0.21
N GLN A 74 2.92 9.06 -0.31
CA GLN A 74 1.58 9.73 -0.28
C GLN A 74 0.41 8.73 -0.24
N TYR A 75 0.15 8.18 0.92
CA TYR A 75 -0.97 7.20 1.05
C TYR A 75 -2.02 7.73 2.02
N GLU A 76 -3.09 6.98 2.13
CA GLU A 76 -4.21 7.34 3.04
C GLU A 76 -5.09 6.09 3.21
N VAL A 77 -6.09 6.16 4.05
CA VAL A 77 -6.95 4.96 4.27
C VAL A 77 -8.41 5.19 3.82
N LEU A 78 -8.60 5.66 2.60
CA LEU A 78 -10.00 5.89 2.09
C LEU A 78 -10.93 6.45 3.18
N ILE A 79 -10.51 7.54 3.76
CA ILE A 79 -11.32 8.20 4.81
C ILE A 79 -11.88 9.49 4.21
N ASN A 80 -12.01 9.45 2.91
CA ASN A 80 -12.51 10.60 2.13
C ASN A 80 -13.36 10.08 0.95
N ASN A 81 -12.70 9.37 0.07
CA ASN A 81 -13.33 8.78 -1.15
C ASN A 81 -12.18 8.29 -2.05
#